data_1I9R
#
_entry.id   1I9R
#
_cell.length_a   224.48
_cell.length_b   129.91
_cell.length_c   96.49
_cell.angle_alpha   90.0
_cell.angle_beta   109.6
_cell.angle_gamma   90.0
#
_symmetry.space_group_name_H-M   'C 1 2 1'
#
loop_
_entity.id
_entity.type
_entity.pdbx_description
1 polymer 'CD40 LIGAND'
2 polymer 'IMMUNOGLOBULIN H'
3 polymer 'IMMUNOGLOBULIN L'
4 non-polymer 'ZINC ION'
#
loop_
_entity_poly.entity_id
_entity_poly.type
_entity_poly.pdbx_seq_one_letter_code
_entity_poly.pdbx_strand_id
1 'polypeptide(L)'
;GDQNPQIAAHVISEASSKTTSVLQWAEKGYYTMSNNLVTLENGKQLTVKRQGLYYIYAQVTFCSNREASSQAPFIASLCL
KSPGRFERILLRAANTHSSAKPCGQQSIHLGGVFELQPGASVFVNVTDPSQVSHGTGFTSFGLLKL
;
A,B,C
2 'polypeptide(L)'
;QVQLVQSGAEVVKPGASVKLSCKASGYIFTSYYMYWVKQAPGQGLEWIGEINPSNGDTNFNEKFKSKATLTVDKSASTAY
MELSSLRSEDTAVYYCTRSDGRNDMDSWGQGTLVTVSSASTKGPSVFPLAPSSKSTSGGTAALGCLVKDYFPEPVTVSWN
SGALTSGVHTFPAVLQSSGLYSLSSVVTVPSSSLGTQTYICNVNHKPSNTKVDKKVEPK
;
H,K,X
3 'polypeptide(L)'
;DIVLTQSPATLSVSPGERATISCRASQRVSSSTYSYMHWYQQKPGQPPKLLIKYASNLESGVPARFSGSGSGTDFTLTIS
SVEPEDFATYYCQHSWEIPPTFGGGTKLEIKRTVAAPSVFIFPPSDEQLKSGTASVVCLLNNFYPREAKVQWKVDNALQS
GNSQESVTEQDSKDSTYSLSSTLTLSKADYEKHKVYACEVTHQGLSSPVTKSFNRGEC
;
L,M,Y
#
# COMPACT_ATOMS: atom_id res chain seq x y z
N ASN A 4 13.54 -21.72 -23.27
CA ASN A 4 12.59 -21.66 -24.40
C ASN A 4 11.11 -21.71 -23.94
N PRO A 5 10.77 -22.67 -23.06
CA PRO A 5 9.36 -22.77 -22.59
C PRO A 5 9.16 -21.78 -21.47
N GLN A 6 8.31 -20.81 -21.69
CA GLN A 6 8.13 -19.86 -20.62
C GLN A 6 7.17 -20.43 -19.58
N ILE A 7 7.52 -20.31 -18.31
CA ILE A 7 6.66 -20.82 -17.25
C ILE A 7 6.22 -19.64 -16.45
N ALA A 8 4.93 -19.37 -16.53
CA ALA A 8 4.36 -18.27 -15.80
C ALA A 8 2.92 -18.59 -15.40
N ALA A 9 2.39 -17.84 -14.44
CA ALA A 9 1.02 -18.11 -14.02
C ALA A 9 0.38 -16.97 -13.28
N HIS A 10 -0.74 -16.50 -13.80
CA HIS A 10 -1.48 -15.44 -13.14
C HIS A 10 -2.85 -16.03 -12.97
N VAL A 11 -3.29 -16.10 -11.71
CA VAL A 11 -4.58 -16.69 -11.34
C VAL A 11 -5.38 -15.65 -10.65
N ILE A 12 -6.69 -15.76 -10.78
CA ILE A 12 -7.62 -14.82 -10.20
C ILE A 12 -8.18 -15.20 -8.85
N SER A 13 -8.36 -14.23 -7.97
CA SER A 13 -8.89 -14.50 -6.64
C SER A 13 -10.28 -15.09 -6.79
N GLU A 14 -10.60 -16.00 -5.86
CA GLU A 14 -11.89 -16.72 -5.79
C GLU A 14 -12.34 -16.82 -4.33
N ALA A 15 -13.55 -16.28 -4.05
CA ALA A 15 -14.09 -16.31 -2.70
C ALA A 15 -14.44 -17.74 -2.38
N SER A 16 -14.49 -18.09 -1.10
CA SER A 16 -14.79 -19.46 -0.70
C SER A 16 -15.32 -19.64 0.72
N SER A 17 -16.41 -20.41 0.85
CA SER A 17 -17.09 -20.69 2.12
C SER A 17 -16.23 -21.55 3.04
N LYS A 18 -15.29 -22.26 2.45
CA LYS A 18 -14.39 -23.13 3.20
C LYS A 18 -13.87 -22.40 4.40
N THR A 19 -13.14 -23.12 5.25
CA THR A 19 -12.59 -22.48 6.43
C THR A 19 -11.08 -22.56 6.48
N THR A 20 -10.45 -21.46 6.09
CA THR A 20 -9.00 -21.37 6.12
C THR A 20 -8.71 -19.91 6.01
N SER A 21 -7.44 -19.60 6.28
CA SER A 21 -6.94 -18.24 6.17
C SER A 21 -6.16 -18.22 4.83
N VAL A 22 -5.97 -19.41 4.27
CA VAL A 22 -5.25 -19.57 3.02
C VAL A 22 -6.23 -19.27 1.90
N LEU A 23 -5.93 -18.27 1.04
CA LEU A 23 -6.81 -17.85 -0.07
C LEU A 23 -6.84 -18.79 -1.25
N GLN A 24 -8.02 -18.79 -1.88
CA GLN A 24 -8.33 -19.58 -3.07
C GLN A 24 -8.03 -18.78 -4.30
N TRP A 25 -7.93 -19.47 -5.45
CA TRP A 25 -7.61 -18.82 -6.71
C TRP A 25 -8.23 -19.64 -7.75
N ALA A 26 -8.68 -18.99 -8.82
CA ALA A 26 -9.30 -19.65 -9.96
C ALA A 26 -8.57 -19.35 -11.28
N GLU A 27 -8.53 -20.33 -12.16
CA GLU A 27 -7.90 -20.17 -13.48
C GLU A 27 -9.01 -19.71 -14.42
N LYS A 28 -9.56 -18.53 -14.14
CA LYS A 28 -10.60 -17.96 -14.96
C LYS A 28 -10.27 -16.52 -15.40
N GLY A 29 -11.29 -15.80 -15.91
CA GLY A 29 -11.07 -14.45 -16.40
C GLY A 29 -9.78 -14.35 -17.21
N TYR A 30 -9.18 -13.14 -17.24
CA TYR A 30 -7.93 -12.88 -17.98
C TYR A 30 -6.77 -13.39 -17.18
N TYR A 31 -6.61 -14.70 -17.17
CA TYR A 31 -5.57 -15.25 -16.34
C TYR A 31 -4.39 -15.74 -17.13
N THR A 32 -3.48 -16.41 -16.43
CA THR A 32 -2.31 -16.93 -17.10
C THR A 32 -1.89 -18.25 -16.48
N MET A 33 -1.55 -19.19 -17.35
CA MET A 33 -1.09 -20.50 -16.98
C MET A 33 -0.35 -21.07 -18.22
N SER A 34 0.92 -20.70 -18.38
CA SER A 34 1.69 -21.09 -19.56
C SER A 34 1.77 -22.55 -19.86
N ASN A 35 1.67 -23.37 -18.83
CA ASN A 35 1.71 -24.82 -19.05
C ASN A 35 1.72 -25.70 -17.80
N ASN A 36 1.81 -27.02 -18.00
CA ASN A 36 1.84 -27.94 -16.87
C ASN A 36 3.16 -27.87 -16.12
N LEU A 37 4.07 -27.02 -16.55
CA LEU A 37 5.32 -26.90 -15.84
C LEU A 37 4.99 -26.07 -14.61
N VAL A 38 3.81 -25.49 -14.60
CA VAL A 38 3.35 -24.78 -13.42
C VAL A 38 1.87 -25.15 -13.36
N THR A 39 1.38 -25.52 -12.18
CA THR A 39 0.00 -25.96 -12.11
C THR A 39 -0.67 -25.42 -10.84
N LEU A 40 -1.92 -25.00 -10.99
CA LEU A 40 -2.69 -24.46 -9.86
C LEU A 40 -3.45 -25.58 -9.23
N GLU A 41 -2.95 -26.12 -8.12
CA GLU A 41 -3.71 -27.19 -7.49
C GLU A 41 -4.47 -26.80 -6.23
N ASN A 42 -5.64 -27.43 -6.10
CA ASN A 42 -6.53 -27.23 -4.97
C ASN A 42 -7.06 -25.84 -4.87
N GLY A 43 -6.78 -25.03 -5.88
CA GLY A 43 -7.26 -23.67 -5.88
C GLY A 43 -6.67 -22.98 -4.69
N LYS A 44 -5.60 -23.56 -4.14
CA LYS A 44 -4.97 -22.97 -2.97
C LYS A 44 -3.54 -22.54 -3.24
N GLN A 45 -2.82 -23.38 -3.94
CA GLN A 45 -1.45 -23.03 -4.26
C GLN A 45 -0.98 -23.25 -5.72
N LEU A 46 0.21 -22.72 -6.01
CA LEU A 46 0.81 -22.86 -7.33
C LEU A 46 2.03 -23.71 -7.07
N THR A 47 2.15 -24.79 -7.85
CA THR A 47 3.24 -25.75 -7.68
C THR A 47 4.06 -25.83 -8.92
N VAL A 48 5.36 -25.87 -8.73
CA VAL A 48 6.26 -25.92 -9.86
C VAL A 48 7.01 -27.23 -9.98
N LYS A 49 7.16 -27.68 -11.22
CA LYS A 49 7.85 -28.93 -11.45
C LYS A 49 9.31 -28.76 -11.68
N ARG A 50 9.73 -27.55 -12.05
CA ARG A 50 11.15 -27.35 -12.35
C ARG A 50 11.88 -26.51 -11.35
N GLN A 51 13.02 -27.00 -10.85
CA GLN A 51 13.76 -26.18 -9.87
C GLN A 51 14.11 -24.86 -10.51
N GLY A 52 14.43 -23.85 -9.71
CA GLY A 52 14.79 -22.60 -10.33
C GLY A 52 14.50 -21.30 -9.63
N LEU A 53 14.88 -20.19 -10.28
CA LEU A 53 14.61 -18.87 -9.73
C LEU A 53 13.25 -18.47 -10.30
N TYR A 54 12.43 -17.76 -9.53
CA TYR A 54 11.13 -17.37 -10.03
C TYR A 54 10.82 -16.05 -9.37
N TYR A 55 10.04 -15.23 -10.06
CA TYR A 55 9.67 -13.97 -9.48
C TYR A 55 8.28 -14.29 -9.07
N ILE A 56 8.04 -14.14 -7.75
CA ILE A 56 6.75 -14.45 -7.17
C ILE A 56 5.99 -13.25 -6.61
N TYR A 57 4.67 -13.19 -6.86
CA TYR A 57 3.92 -12.05 -6.38
C TYR A 57 2.48 -12.36 -6.08
N ALA A 58 1.85 -11.47 -5.33
CA ALA A 58 0.46 -11.63 -4.98
C ALA A 58 -0.03 -10.25 -4.71
N GLN A 59 -1.08 -9.83 -5.39
CA GLN A 59 -1.62 -8.50 -5.15
C GLN A 59 -2.85 -8.85 -4.39
N VAL A 60 -3.07 -8.17 -3.27
CA VAL A 60 -4.25 -8.41 -2.45
C VAL A 60 -4.86 -7.13 -1.92
N THR A 61 -6.10 -6.89 -2.24
CA THR A 61 -6.74 -5.72 -1.71
C THR A 61 -7.86 -6.33 -0.89
N PHE A 62 -8.29 -5.65 0.17
CA PHE A 62 -9.33 -6.14 1.05
C PHE A 62 -10.15 -4.96 1.50
N CYS A 63 -11.29 -5.25 2.14
CA CYS A 63 -12.22 -4.22 2.59
C CYS A 63 -12.59 -4.49 3.99
N SER A 64 -12.40 -3.54 4.87
CA SER A 64 -12.71 -3.80 6.25
C SER A 64 -13.02 -2.55 7.00
N ASN A 65 -13.05 -2.66 8.33
CA ASN A 65 -13.38 -1.52 9.16
C ASN A 65 -12.43 -1.39 10.34
N ARG A 66 -12.37 -0.19 10.93
CA ARG A 66 -11.49 -0.03 12.06
C ARG A 66 -11.96 -0.95 13.18
N GLU A 67 -13.06 -0.59 13.85
CA GLU A 67 -13.59 -1.37 14.96
C GLU A 67 -14.18 -2.69 14.59
N ALA A 68 -14.89 -2.76 13.45
CA ALA A 68 -15.51 -4.01 13.00
C ALA A 68 -14.76 -5.24 13.51
N SER A 69 -13.78 -5.68 12.73
CA SER A 69 -12.97 -6.80 13.18
C SER A 69 -11.92 -6.12 14.08
N SER A 70 -11.64 -4.86 13.75
CA SER A 70 -10.67 -4.07 14.48
C SER A 70 -9.46 -4.89 14.83
N GLN A 71 -9.51 -5.55 15.98
CA GLN A 71 -8.41 -6.36 16.44
C GLN A 71 -7.06 -5.72 16.07
N ALA A 72 -6.20 -6.54 15.47
CA ALA A 72 -4.88 -6.14 15.03
C ALA A 72 -4.95 -5.91 13.52
N PRO A 73 -3.79 -5.67 12.88
CA PRO A 73 -3.80 -5.45 11.45
C PRO A 73 -4.26 -6.64 10.62
N PHE A 74 -4.25 -6.42 9.31
CA PHE A 74 -4.63 -7.42 8.31
C PHE A 74 -3.30 -7.79 7.67
N ILE A 75 -2.67 -8.88 8.07
CA ILE A 75 -1.43 -9.21 7.41
C ILE A 75 -1.66 -10.29 6.34
N ALA A 76 -0.98 -10.19 5.21
CA ALA A 76 -1.12 -11.20 4.16
C ALA A 76 0.26 -11.79 4.01
N SER A 77 0.37 -13.06 3.67
CA SER A 77 1.68 -13.70 3.54
C SER A 77 1.80 -14.64 2.39
N LEU A 78 2.96 -14.57 1.71
CA LEU A 78 3.22 -15.44 0.59
C LEU A 78 3.99 -16.59 1.19
N CYS A 79 3.37 -17.77 1.18
CA CYS A 79 3.99 -18.96 1.76
C CYS A 79 4.46 -19.98 0.76
N LEU A 80 5.52 -20.67 1.15
CA LEU A 80 6.11 -21.64 0.25
C LEU A 80 6.15 -22.90 1.00
N LYS A 81 5.89 -23.97 0.28
CA LYS A 81 5.88 -25.29 0.86
C LYS A 81 6.68 -26.19 -0.07
N SER A 82 7.95 -26.44 0.28
CA SER A 82 8.76 -27.30 -0.58
C SER A 82 8.67 -28.72 -0.08
N PRO A 83 8.82 -29.69 -1.00
CA PRO A 83 8.76 -31.10 -0.63
C PRO A 83 9.73 -31.44 0.48
N GLY A 84 9.25 -32.19 1.47
CA GLY A 84 10.11 -32.64 2.53
C GLY A 84 10.60 -31.55 3.42
N ARG A 85 9.87 -30.45 3.45
CA ARG A 85 10.28 -29.33 4.30
C ARG A 85 9.04 -28.76 4.90
N PHE A 86 9.18 -28.17 6.08
CA PHE A 86 8.03 -27.58 6.71
C PHE A 86 7.70 -26.34 5.91
N GLU A 87 6.50 -25.85 6.10
CA GLU A 87 6.12 -24.64 5.43
C GLU A 87 7.17 -23.58 5.77
N ARG A 88 6.91 -22.34 5.37
CA ARG A 88 7.84 -21.25 5.59
C ARG A 88 7.22 -20.03 4.94
N ILE A 89 7.54 -18.86 5.49
CA ILE A 89 7.05 -17.60 4.96
C ILE A 89 8.15 -16.90 4.14
N LEU A 90 7.76 -16.45 2.95
CA LEU A 90 8.70 -15.74 2.12
C LEU A 90 8.40 -14.23 2.29
N LEU A 91 7.20 -13.76 2.02
CA LEU A 91 6.94 -12.32 2.16
C LEU A 91 5.66 -12.08 2.93
N ARG A 92 5.45 -10.84 3.35
CA ARG A 92 4.29 -10.48 4.12
C ARG A 92 4.09 -9.00 4.10
N ALA A 93 2.86 -8.59 3.95
CA ALA A 93 2.48 -7.19 3.92
C ALA A 93 1.42 -7.03 5.01
N ALA A 94 1.19 -5.81 5.49
CA ALA A 94 0.20 -5.65 6.54
C ALA A 94 -0.20 -4.22 6.77
N ASN A 95 -1.50 -3.98 6.70
CA ASN A 95 -2.04 -2.64 6.90
C ASN A 95 -2.91 -2.59 8.14
N THR A 96 -3.39 -1.41 8.47
CA THR A 96 -4.23 -1.25 9.63
C THR A 96 -5.63 -0.82 9.20
N HIS A 97 -6.60 -1.70 9.42
CA HIS A 97 -7.99 -1.44 9.06
C HIS A 97 -8.39 0.06 9.08
N SER A 98 -9.02 0.48 7.99
CA SER A 98 -9.48 1.85 7.86
C SER A 98 -10.80 1.97 8.60
N SER A 99 -11.36 3.15 8.61
CA SER A 99 -12.63 3.33 9.28
C SER A 99 -13.74 3.23 8.26
N ALA A 100 -13.50 3.77 7.09
CA ALA A 100 -14.47 3.74 6.03
C ALA A 100 -15.61 2.70 6.18
N LYS A 101 -16.81 3.17 6.50
CA LYS A 101 -17.97 2.29 6.62
C LYS A 101 -18.62 2.11 5.24
N PRO A 102 -19.16 0.92 4.95
CA PRO A 102 -19.19 -0.26 5.83
C PRO A 102 -17.78 -0.75 6.01
N CYS A 103 -17.02 -0.68 4.93
CA CYS A 103 -15.64 -1.08 4.98
C CYS A 103 -14.91 -0.22 4.01
N GLY A 104 -13.61 -0.05 4.22
CA GLY A 104 -12.77 0.74 3.33
C GLY A 104 -11.74 -0.16 2.71
N GLN A 105 -11.66 -0.20 1.38
CA GLN A 105 -10.69 -1.07 0.74
C GLN A 105 -9.26 -0.55 0.96
N GLN A 106 -8.29 -1.43 0.74
CA GLN A 106 -6.88 -1.09 0.90
C GLN A 106 -6.17 -2.18 0.11
N SER A 107 -5.11 -1.83 -0.59
CA SER A 107 -4.45 -2.87 -1.34
C SER A 107 -3.14 -3.31 -0.76
N ILE A 108 -2.63 -4.45 -1.21
CA ILE A 108 -1.38 -4.99 -0.71
C ILE A 108 -0.65 -5.66 -1.88
N HIS A 109 0.69 -5.56 -1.90
CA HIS A 109 1.48 -6.14 -2.99
C HIS A 109 2.83 -6.74 -2.59
N LEU A 110 3.14 -7.97 -2.97
CA LEU A 110 4.46 -8.52 -2.62
C LEU A 110 5.10 -9.44 -3.70
N GLY A 111 6.31 -9.08 -4.08
CA GLY A 111 7.01 -9.86 -5.07
C GLY A 111 8.31 -10.31 -4.43
N GLY A 112 9.34 -10.56 -5.21
CA GLY A 112 10.58 -11.00 -4.62
C GLY A 112 11.01 -12.18 -5.45
N VAL A 113 12.29 -12.28 -5.77
CA VAL A 113 12.80 -13.41 -6.51
C VAL A 113 13.24 -14.51 -5.55
N PHE A 114 12.88 -15.74 -5.88
CA PHE A 114 13.27 -16.85 -5.05
C PHE A 114 13.69 -17.99 -5.91
N GLU A 115 14.43 -18.92 -5.31
CA GLU A 115 14.88 -20.13 -5.98
C GLU A 115 13.97 -21.26 -5.38
N LEU A 116 13.26 -21.97 -6.24
CA LEU A 116 12.38 -23.04 -5.82
C LEU A 116 13.00 -24.41 -6.14
N GLN A 117 12.76 -25.37 -5.24
CA GLN A 117 13.23 -26.71 -5.43
C GLN A 117 12.20 -27.38 -6.32
N PRO A 118 12.58 -28.38 -7.06
CA PRO A 118 11.53 -28.96 -7.92
C PRO A 118 10.46 -29.55 -7.07
N GLY A 119 9.20 -29.22 -7.34
CA GLY A 119 8.12 -29.76 -6.55
C GLY A 119 7.67 -28.72 -5.55
N ALA A 120 8.39 -27.61 -5.54
CA ALA A 120 8.04 -26.49 -4.66
C ALA A 120 6.61 -26.00 -4.89
N SER A 121 6.02 -25.38 -3.90
CA SER A 121 4.66 -24.93 -4.12
C SER A 121 4.31 -23.78 -3.20
N VAL A 122 3.69 -22.75 -3.76
CA VAL A 122 3.38 -21.58 -2.96
C VAL A 122 1.90 -21.21 -2.79
N PHE A 123 1.62 -20.54 -1.67
CA PHE A 123 0.28 -20.16 -1.36
C PHE A 123 0.16 -18.82 -0.59
N VAL A 124 -0.88 -18.05 -0.90
CA VAL A 124 -1.09 -16.77 -0.21
C VAL A 124 -2.00 -17.06 0.95
N ASN A 125 -1.68 -16.47 2.09
CA ASN A 125 -2.46 -16.73 3.27
C ASN A 125 -2.75 -15.41 3.95
N VAL A 126 -3.98 -15.17 4.38
CA VAL A 126 -4.22 -13.92 5.06
C VAL A 126 -4.90 -14.11 6.41
N THR A 127 -5.01 -13.01 7.15
CA THR A 127 -5.62 -13.06 8.46
C THR A 127 -7.15 -13.23 8.38
N ASP A 128 -7.83 -12.58 7.47
CA ASP A 128 -9.26 -12.78 7.41
C ASP A 128 -9.80 -12.77 5.98
N PRO A 129 -9.77 -13.94 5.32
CA PRO A 129 -10.27 -13.94 3.96
C PRO A 129 -11.64 -13.49 3.84
N SER A 130 -12.43 -13.61 4.90
CA SER A 130 -13.82 -13.17 4.82
C SER A 130 -13.88 -11.75 4.33
N GLN A 131 -12.73 -11.13 4.10
CA GLN A 131 -12.84 -9.77 3.65
C GLN A 131 -11.88 -9.29 2.62
N VAL A 132 -11.19 -10.19 1.94
CA VAL A 132 -10.28 -9.75 0.91
C VAL A 132 -11.31 -9.36 -0.15
N SER A 133 -10.94 -8.48 -1.11
CA SER A 133 -11.84 -8.03 -2.17
C SER A 133 -11.66 -8.87 -3.42
N HIS A 134 -12.77 -9.19 -4.08
CA HIS A 134 -12.73 -10.03 -5.28
C HIS A 134 -13.28 -9.36 -6.56
N GLY A 135 -13.70 -8.10 -6.47
CA GLY A 135 -14.14 -7.44 -7.69
C GLY A 135 -13.03 -7.66 -8.73
N THR A 136 -13.40 -7.65 -10.01
CA THR A 136 -12.44 -7.94 -11.06
C THR A 136 -11.19 -7.08 -10.95
N GLY A 137 -10.04 -7.71 -11.14
CA GLY A 137 -8.81 -6.95 -11.07
C GLY A 137 -8.20 -6.65 -9.69
N PHE A 138 -8.95 -6.87 -8.62
CA PHE A 138 -8.43 -6.57 -7.31
C PHE A 138 -7.39 -7.52 -6.72
N THR A 139 -7.74 -8.79 -6.49
CA THR A 139 -6.81 -9.74 -5.88
C THR A 139 -6.28 -10.80 -6.85
N SER A 140 -4.95 -10.88 -7.02
CA SER A 140 -4.37 -11.84 -7.94
C SER A 140 -3.15 -12.43 -7.31
N PHE A 141 -2.59 -13.45 -7.95
CA PHE A 141 -1.44 -14.16 -7.37
C PHE A 141 -0.75 -14.79 -8.57
N GLY A 142 0.58 -14.90 -8.54
CA GLY A 142 1.26 -15.50 -9.68
C GLY A 142 2.77 -15.56 -9.67
N LEU A 143 3.36 -16.31 -10.60
CA LEU A 143 4.81 -16.41 -10.63
C LEU A 143 5.32 -16.64 -12.06
N LEU A 144 6.55 -16.21 -12.31
CA LEU A 144 7.18 -16.38 -13.62
C LEU A 144 8.60 -16.80 -13.37
N LYS A 145 9.06 -17.71 -14.18
CA LYS A 145 10.40 -18.23 -14.07
C LYS A 145 11.35 -17.47 -15.01
N LEU A 146 12.55 -17.16 -14.53
CA LEU A 146 13.58 -16.48 -15.33
C LEU A 146 14.39 -17.46 -16.17
N ASN B 4 16.60 -12.34 -27.66
CA ASN B 4 17.82 -11.48 -27.77
C ASN B 4 17.48 -10.01 -27.54
N PRO B 5 16.46 -9.50 -28.26
CA PRO B 5 16.11 -8.08 -28.07
C PRO B 5 15.30 -7.91 -26.83
N GLN B 6 15.81 -7.22 -25.84
CA GLN B 6 14.99 -7.01 -24.67
C GLN B 6 13.89 -5.95 -24.89
N ILE B 7 12.63 -6.28 -24.56
CA ILE B 7 11.56 -5.31 -24.72
C ILE B 7 11.11 -4.88 -23.36
N ALA B 8 11.30 -3.64 -22.98
CA ALA B 8 10.91 -3.20 -21.64
C ALA B 8 10.62 -1.72 -21.67
N ALA B 9 9.96 -1.22 -20.64
CA ALA B 9 9.62 0.17 -20.68
C ALA B 9 9.21 0.74 -19.34
N HIS B 10 9.92 1.77 -18.90
CA HIS B 10 9.58 2.41 -17.66
C HIS B 10 9.30 3.85 -18.04
N VAL B 11 8.11 4.35 -17.79
CA VAL B 11 7.81 5.73 -18.16
C VAL B 11 7.39 6.52 -16.92
N ILE B 12 7.67 7.81 -16.91
CA ILE B 12 7.41 8.64 -15.78
C ILE B 12 6.07 9.36 -15.81
N SER B 13 5.46 9.50 -14.64
CA SER B 13 4.16 10.15 -14.53
C SER B 13 4.27 11.54 -15.01
N GLU B 14 3.18 12.03 -15.60
CA GLU B 14 3.07 13.37 -16.15
C GLU B 14 1.71 14.00 -15.87
N ALA B 15 1.68 15.11 -15.13
CA ALA B 15 0.42 15.76 -14.86
C ALA B 15 -0.22 16.29 -16.12
N SER B 16 -1.52 16.53 -16.13
CA SER B 16 -2.11 17.02 -17.36
C SER B 16 -3.48 17.65 -17.15
N SER B 17 -3.68 18.82 -17.76
CA SER B 17 -4.93 19.60 -17.65
C SER B 17 -6.10 18.95 -18.37
N LYS B 18 -5.76 18.07 -19.31
CA LYS B 18 -6.74 17.33 -20.08
C LYS B 18 -7.85 16.81 -19.17
N THR B 19 -8.88 16.22 -19.75
CA THR B 19 -9.95 15.69 -18.91
C THR B 19 -10.16 14.21 -19.13
N THR B 20 -9.58 13.42 -18.24
CA THR B 20 -9.70 11.98 -18.31
C THR B 20 -9.31 11.47 -16.97
N SER B 21 -9.64 10.21 -16.73
CA SER B 21 -9.30 9.55 -15.47
C SER B 21 -8.13 8.68 -15.86
N VAL B 22 -7.80 8.65 -17.16
CA VAL B 22 -6.67 7.88 -17.72
C VAL B 22 -5.39 8.69 -17.58
N LEU B 23 -4.42 8.16 -16.86
CA LEU B 23 -3.18 8.85 -16.57
C LEU B 23 -2.23 8.87 -17.69
N GLN B 24 -1.54 10.03 -17.78
CA GLN B 24 -0.50 10.38 -18.77
C GLN B 24 0.86 9.87 -18.32
N TRP B 25 1.80 9.81 -19.25
CA TRP B 25 3.13 9.34 -18.91
C TRP B 25 4.06 10.01 -19.87
N ALA B 26 5.28 10.25 -19.41
CA ALA B 26 6.30 10.90 -20.23
C ALA B 26 7.55 10.02 -20.28
N GLU B 27 8.21 10.04 -21.43
CA GLU B 27 9.44 9.29 -21.61
C GLU B 27 10.62 10.23 -21.24
N LYS B 28 10.62 10.72 -19.99
CA LYS B 28 11.67 11.61 -19.50
C LYS B 28 12.40 11.09 -18.28
N GLY B 29 13.06 11.98 -17.54
CA GLY B 29 13.77 11.55 -16.34
C GLY B 29 14.47 10.23 -16.57
N TYR B 30 14.79 9.48 -15.52
CA TYR B 30 15.46 8.17 -15.63
C TYR B 30 14.44 7.10 -16.06
N TYR B 31 14.03 7.15 -17.31
CA TYR B 31 13.04 6.25 -17.77
C TYR B 31 13.62 5.11 -18.55
N THR B 32 12.75 4.29 -19.15
CA THR B 32 13.15 3.16 -19.97
C THR B 32 12.24 2.93 -21.14
N MET B 33 12.83 2.58 -22.26
CA MET B 33 12.09 2.35 -23.48
C MET B 33 13.14 1.67 -24.38
N SER B 34 13.30 0.37 -24.19
CA SER B 34 14.32 -0.39 -24.92
C SER B 34 14.24 -0.30 -26.42
N ASN B 35 13.06 -0.03 -26.99
CA ASN B 35 12.97 0.07 -28.45
C ASN B 35 11.60 0.25 -29.04
N ASN B 36 11.52 0.28 -30.35
CA ASN B 36 10.24 0.45 -30.98
C ASN B 36 9.36 -0.79 -30.94
N LEU B 37 9.87 -1.83 -30.29
CA LEU B 37 9.11 -3.03 -30.14
C LEU B 37 8.05 -2.73 -29.07
N VAL B 38 8.30 -1.66 -28.33
CA VAL B 38 7.33 -1.20 -27.37
C VAL B 38 7.36 0.29 -27.57
N THR B 39 6.20 0.92 -27.57
CA THR B 39 6.12 2.35 -27.82
C THR B 39 5.08 3.04 -26.94
N LEU B 40 5.45 4.20 -26.36
CA LEU B 40 4.55 4.98 -25.50
C LEU B 40 3.71 5.93 -26.36
N GLU B 41 2.50 5.54 -26.77
CA GLU B 41 1.75 6.48 -27.56
C GLU B 41 0.67 7.28 -26.83
N ASN B 42 0.49 8.51 -27.29
CA ASN B 42 -0.45 9.48 -26.76
C ASN B 42 -0.17 9.89 -25.34
N GLY B 43 0.93 9.41 -24.79
CA GLY B 43 1.25 9.74 -23.43
C GLY B 43 0.17 9.19 -22.52
N LYS B 44 -0.62 8.24 -23.04
CA LYS B 44 -1.73 7.56 -22.33
C LYS B 44 -1.46 6.07 -22.15
N GLN B 45 -1.00 5.40 -23.19
CA GLN B 45 -0.72 3.99 -23.04
C GLN B 45 0.64 3.49 -23.53
N LEU B 46 0.92 2.21 -23.30
CA LEU B 46 2.12 1.53 -23.78
C LEU B 46 1.52 0.48 -24.76
N THR B 47 2.05 0.43 -25.98
CA THR B 47 1.54 -0.51 -26.97
C THR B 47 2.63 -1.47 -27.35
N VAL B 48 2.29 -2.73 -27.57
CA VAL B 48 3.34 -3.66 -27.94
C VAL B 48 3.09 -4.16 -29.36
N LYS B 49 4.19 -4.45 -30.04
CA LYS B 49 4.11 -4.97 -31.40
C LYS B 49 4.24 -6.47 -31.43
N ARG B 50 4.84 -7.05 -30.41
CA ARG B 50 5.00 -8.49 -30.43
C ARG B 50 4.10 -9.25 -29.45
N GLN B 51 3.36 -10.24 -29.93
CA GLN B 51 2.53 -11.01 -29.00
C GLN B 51 3.44 -11.60 -27.92
N GLY B 52 2.87 -12.03 -26.80
CA GLY B 52 3.69 -12.65 -25.79
C GLY B 52 3.32 -12.43 -24.35
N LEU B 53 4.15 -12.94 -23.45
CA LEU B 53 3.88 -12.80 -22.04
C LEU B 53 4.63 -11.54 -21.63
N TYR B 54 4.15 -10.81 -20.65
CA TYR B 54 4.86 -9.62 -20.24
C TYR B 54 4.59 -9.39 -18.78
N TYR B 55 5.51 -8.82 -18.03
CA TYR B 55 5.21 -8.56 -16.63
C TYR B 55 4.84 -7.10 -16.66
N ILE B 56 3.62 -6.74 -16.29
CA ILE B 56 3.18 -5.35 -16.35
C ILE B 56 2.98 -4.73 -15.00
N TYR B 57 3.36 -3.47 -14.84
CA TYR B 57 3.22 -2.82 -13.54
C TYR B 57 2.94 -1.35 -13.58
N ALA B 58 2.53 -0.78 -12.47
CA ALA B 58 2.26 0.64 -12.44
C ALA B 58 2.32 1.01 -10.96
N GLN B 59 3.21 1.89 -10.58
CA GLN B 59 3.33 2.28 -9.17
C GLN B 59 2.55 3.56 -9.17
N VAL B 60 1.67 3.76 -8.20
CA VAL B 60 0.95 5.00 -8.17
C VAL B 60 0.72 5.49 -6.76
N THR B 61 1.23 6.68 -6.48
CA THR B 61 1.04 7.27 -5.16
C THR B 61 0.16 8.49 -5.44
N PHE B 62 -0.67 8.88 -4.47
CA PHE B 62 -1.54 10.01 -4.66
C PHE B 62 -1.64 10.73 -3.33
N CYS B 63 -2.21 11.92 -3.32
CA CYS B 63 -2.29 12.69 -2.11
C CYS B 63 -3.68 13.20 -2.04
N SER B 64 -4.38 13.02 -0.93
CA SER B 64 -5.73 13.50 -0.90
C SER B 64 -6.12 13.70 0.52
N ASN B 65 -7.43 13.81 0.74
CA ASN B 65 -7.98 14.01 2.08
C ASN B 65 -9.19 13.12 2.36
N ARG B 66 -9.54 12.98 3.62
CA ARG B 66 -10.69 12.17 3.94
C ARG B 66 -11.92 12.84 3.38
N GLU B 67 -12.37 13.93 4.00
CA GLU B 67 -13.58 14.61 3.54
C GLU B 67 -13.45 15.35 2.21
N ALA B 68 -12.29 15.96 1.97
CA ALA B 68 -12.07 16.71 0.74
C ALA B 68 -12.90 16.12 -0.39
N SER B 69 -12.34 15.16 -1.11
CA SER B 69 -13.07 14.53 -2.19
C SER B 69 -13.90 13.48 -1.46
N SER B 70 -13.36 13.03 -0.33
CA SER B 70 -14.00 12.02 0.50
C SER B 70 -14.63 10.93 -0.35
N GLN B 71 -15.89 11.15 -0.72
CA GLN B 71 -16.61 10.20 -1.55
C GLN B 71 -16.20 8.78 -1.16
N ALA B 72 -15.93 7.97 -2.19
CA ALA B 72 -15.55 6.59 -2.03
C ALA B 72 -14.04 6.51 -2.14
N PRO B 73 -13.47 5.31 -2.17
CA PRO B 73 -12.01 5.23 -2.27
C PRO B 73 -11.42 5.79 -3.58
N PHE B 74 -10.10 5.64 -3.68
CA PHE B 74 -9.31 6.05 -4.81
C PHE B 74 -8.86 4.76 -5.43
N ILE B 75 -9.53 4.28 -6.45
CA ILE B 75 -9.05 3.03 -7.04
C ILE B 75 -8.27 3.32 -8.34
N ALA B 76 -7.21 2.56 -8.58
CA ALA B 76 -6.38 2.74 -9.77
C ALA B 76 -6.48 1.43 -10.52
N SER B 77 -6.45 1.49 -11.84
CA SER B 77 -6.57 0.27 -12.62
C SER B 77 -5.63 0.20 -13.83
N LEU B 78 -5.05 -0.97 -14.02
CA LEU B 78 -4.19 -1.20 -15.14
C LEU B 78 -5.14 -1.74 -16.22
N CYS B 79 -5.39 -0.97 -17.27
CA CYS B 79 -6.30 -1.48 -18.31
C CYS B 79 -5.59 -1.93 -19.55
N LEU B 80 -6.20 -2.84 -20.30
CA LEU B 80 -5.55 -3.33 -21.50
C LEU B 80 -6.52 -3.21 -22.61
N LYS B 81 -6.01 -2.84 -23.77
CA LYS B 81 -6.83 -2.65 -24.94
C LYS B 81 -6.15 -3.38 -26.03
N SER B 82 -6.70 -4.55 -26.39
CA SER B 82 -6.13 -5.35 -27.48
C SER B 82 -6.93 -5.05 -28.72
N PRO B 83 -6.29 -5.13 -29.88
CA PRO B 83 -6.94 -4.86 -31.14
C PRO B 83 -8.18 -5.72 -31.40
N GLY B 84 -9.27 -5.05 -31.76
CA GLY B 84 -10.51 -5.73 -32.07
C GLY B 84 -11.17 -6.34 -30.89
N ARG B 85 -10.94 -5.76 -29.73
CA ARG B 85 -11.53 -6.26 -28.51
C ARG B 85 -11.92 -5.08 -27.70
N PHE B 86 -12.94 -5.22 -26.87
CA PHE B 86 -13.26 -4.07 -26.07
C PHE B 86 -12.18 -3.95 -25.00
N GLU B 87 -12.15 -2.83 -24.32
CA GLU B 87 -11.20 -2.65 -23.25
C GLU B 87 -11.39 -3.77 -22.27
N ARG B 88 -10.74 -3.67 -21.13
CA ARG B 88 -10.80 -4.71 -20.14
C ARG B 88 -9.84 -4.34 -19.01
N ILE B 89 -10.17 -4.75 -17.79
CA ILE B 89 -9.35 -4.45 -16.66
C ILE B 89 -8.53 -5.67 -16.27
N LEU B 90 -7.24 -5.44 -16.08
CA LEU B 90 -6.32 -6.49 -15.67
C LEU B 90 -6.06 -6.43 -14.15
N LEU B 91 -5.59 -5.32 -13.59
CA LEU B 91 -5.39 -5.23 -12.16
C LEU B 91 -6.06 -3.98 -11.62
N ARG B 92 -6.11 -3.85 -10.29
CA ARG B 92 -6.73 -2.69 -9.67
C ARG B 92 -6.35 -2.66 -8.21
N ALA B 93 -6.04 -1.48 -7.69
CA ALA B 93 -5.67 -1.32 -6.30
C ALA B 93 -6.57 -0.23 -5.81
N ALA B 94 -6.71 -0.11 -4.50
CA ALA B 94 -7.61 0.92 -3.98
C ALA B 94 -7.48 1.15 -2.48
N ASN B 95 -7.25 2.42 -2.15
CA ASN B 95 -7.13 2.83 -0.76
C ASN B 95 -8.22 3.76 -0.37
N THR B 96 -8.25 4.06 0.92
CA THR B 96 -9.26 4.98 1.44
C THR B 96 -8.63 6.25 1.95
N HIS B 97 -8.93 7.34 1.24
CA HIS B 97 -8.41 8.68 1.56
C HIS B 97 -8.07 8.90 3.01
N SER B 98 -6.85 9.36 3.24
CA SER B 98 -6.37 9.61 4.57
C SER B 98 -6.95 10.96 4.99
N SER B 99 -6.66 11.39 6.22
CA SER B 99 -7.16 12.68 6.69
C SER B 99 -6.11 13.73 6.47
N ALA B 100 -4.87 13.33 6.72
CA ALA B 100 -3.73 14.21 6.58
C ALA B 100 -3.99 15.48 5.77
N LYS B 101 -4.07 16.63 6.42
CA LYS B 101 -4.27 17.87 5.70
C LYS B 101 -2.89 18.39 5.26
N PRO B 102 -2.83 19.06 4.11
CA PRO B 102 -3.95 19.37 3.20
C PRO B 102 -4.37 18.04 2.56
N CYS B 103 -3.37 17.20 2.36
CA CYS B 103 -3.60 15.87 1.82
C CYS B 103 -2.50 14.96 2.36
N GLY B 104 -2.81 13.66 2.42
CA GLY B 104 -1.86 12.68 2.90
C GLY B 104 -1.63 11.76 1.73
N GLN B 105 -0.37 11.54 1.40
CA GLN B 105 -0.04 10.69 0.28
C GLN B 105 -0.26 9.26 0.69
N GLN B 106 -0.31 8.38 -0.29
CA GLN B 106 -0.51 6.96 -0.07
C GLN B 106 -0.06 6.34 -1.39
N SER B 107 0.65 5.21 -1.33
CA SER B 107 1.11 4.60 -2.57
C SER B 107 0.35 3.37 -2.99
N ILE B 108 0.47 2.98 -4.24
CA ILE B 108 -0.27 1.83 -4.77
C ILE B 108 0.64 1.09 -5.73
N HIS B 109 0.52 -0.22 -5.86
CA HIS B 109 1.40 -0.94 -6.76
C HIS B 109 0.76 -2.18 -7.37
N LEU B 110 0.81 -2.34 -8.69
CA LEU B 110 0.22 -3.53 -9.28
C LEU B 110 1.01 -4.15 -10.39
N GLY B 111 1.38 -5.41 -10.26
CA GLY B 111 2.13 -6.12 -11.26
C GLY B 111 1.29 -7.25 -11.82
N GLY B 112 1.94 -8.33 -12.24
CA GLY B 112 1.26 -9.49 -12.76
C GLY B 112 1.61 -9.80 -14.21
N VAL B 113 1.81 -11.08 -14.52
CA VAL B 113 2.19 -11.51 -15.84
C VAL B 113 0.98 -11.76 -16.69
N PHE B 114 1.04 -11.29 -17.93
CA PHE B 114 -0.03 -11.46 -18.86
C PHE B 114 0.49 -11.78 -20.20
N GLU B 115 -0.39 -12.30 -21.03
CA GLU B 115 -0.06 -12.63 -22.39
C GLU B 115 -0.76 -11.54 -23.27
N LEU B 116 0.03 -10.83 -24.06
CA LEU B 116 -0.52 -9.79 -24.91
C LEU B 116 -0.55 -10.24 -26.36
N GLN B 117 -1.62 -9.86 -27.02
CA GLN B 117 -1.76 -10.18 -28.42
C GLN B 117 -0.95 -9.11 -29.17
N PRO B 118 -0.41 -9.43 -30.36
CA PRO B 118 0.37 -8.37 -31.02
C PRO B 118 -0.52 -7.20 -31.33
N GLY B 119 -0.13 -5.99 -30.93
CA GLY B 119 -0.95 -4.83 -31.20
C GLY B 119 -1.56 -4.40 -29.91
N ALA B 120 -1.35 -5.22 -28.90
CA ALA B 120 -1.88 -4.96 -27.55
C ALA B 120 -1.44 -3.65 -26.99
N SER B 121 -2.26 -3.05 -26.15
CA SER B 121 -1.85 -1.77 -25.57
C SER B 121 -2.47 -1.53 -24.16
N VAL B 122 -1.65 -1.13 -23.20
CA VAL B 122 -2.16 -0.91 -21.86
C VAL B 122 -2.16 0.49 -21.28
N PHE B 123 -3.07 0.77 -20.38
CA PHE B 123 -3.09 2.10 -19.80
C PHE B 123 -3.51 2.14 -18.30
N VAL B 124 -2.94 3.03 -17.52
CA VAL B 124 -3.32 3.16 -16.11
C VAL B 124 -4.44 4.18 -16.03
N ASN B 125 -5.44 3.88 -15.25
CA ASN B 125 -6.58 4.75 -15.15
C ASN B 125 -6.90 4.90 -13.68
N VAL B 126 -7.17 6.11 -13.24
CA VAL B 126 -7.55 6.24 -11.86
C VAL B 126 -8.83 7.03 -11.68
N THR B 127 -9.27 7.08 -10.43
CA THR B 127 -10.51 7.75 -10.15
C THR B 127 -10.40 9.27 -10.19
N ASP B 128 -9.29 9.81 -9.71
CA ASP B 128 -9.14 11.26 -9.76
C ASP B 128 -7.69 11.62 -9.93
N PRO B 129 -7.27 11.74 -11.20
CA PRO B 129 -5.88 12.10 -11.44
C PRO B 129 -5.52 13.44 -10.83
N SER B 130 -6.51 14.30 -10.69
CA SER B 130 -6.22 15.61 -10.14
C SER B 130 -5.47 15.47 -8.88
N GLN B 131 -5.24 14.24 -8.45
CA GLN B 131 -4.50 14.11 -7.22
C GLN B 131 -3.55 12.97 -7.09
N VAL B 132 -3.11 12.40 -8.22
CA VAL B 132 -2.06 11.41 -8.11
C VAL B 132 -0.76 12.24 -7.83
N SER B 133 0.24 11.69 -7.18
CA SER B 133 1.41 12.50 -6.90
C SER B 133 2.42 12.32 -8.02
N HIS B 134 3.16 13.39 -8.37
CA HIS B 134 4.15 13.38 -9.43
C HIS B 134 5.57 13.67 -9.05
N GLY B 135 5.80 14.00 -7.78
CA GLY B 135 7.15 14.26 -7.35
C GLY B 135 8.05 13.18 -7.96
N THR B 136 9.31 13.50 -8.15
CA THR B 136 10.17 12.50 -8.74
C THR B 136 10.05 11.17 -8.00
N GLY B 137 10.00 10.10 -8.77
CA GLY B 137 9.98 8.77 -8.21
C GLY B 137 8.69 8.19 -7.68
N PHE B 138 7.66 9.01 -7.58
CA PHE B 138 6.38 8.54 -7.04
C PHE B 138 5.48 7.69 -7.92
N THR B 139 5.01 8.23 -9.04
CA THR B 139 4.14 7.48 -9.96
C THR B 139 4.83 7.06 -11.31
N SER B 140 4.91 5.76 -11.58
CA SER B 140 5.54 5.25 -12.80
C SER B 140 4.67 4.19 -13.40
N PHE B 141 5.05 3.66 -14.55
CA PHE B 141 4.24 2.66 -15.23
C PHE B 141 5.18 1.95 -16.20
N GLY B 142 5.00 0.67 -16.45
CA GLY B 142 5.92 0.00 -17.36
C GLY B 142 5.76 -1.51 -17.49
N LEU B 143 6.44 -2.10 -18.47
CA LEU B 143 6.33 -3.52 -18.77
C LEU B 143 7.57 -4.12 -19.37
N LEU B 144 7.80 -5.39 -19.09
CA LEU B 144 8.95 -6.07 -19.63
C LEU B 144 8.49 -7.42 -20.15
N LYS B 145 9.02 -7.81 -21.28
CA LYS B 145 8.65 -9.05 -21.91
C LYS B 145 9.66 -10.14 -21.51
N LEU B 146 9.17 -11.36 -21.25
CA LEU B 146 10.02 -12.48 -20.86
C LEU B 146 10.53 -13.26 -22.07
N ASN C 4 22.55 -16.93 -19.97
CA ASN C 4 22.70 -18.25 -19.29
C ASN C 4 22.85 -18.09 -17.79
N PRO C 5 23.75 -17.20 -17.34
CA PRO C 5 23.94 -17.02 -15.88
C PRO C 5 22.88 -16.12 -15.34
N GLN C 6 22.00 -16.64 -14.51
CA GLN C 6 20.99 -15.76 -13.99
C GLN C 6 21.58 -14.83 -12.90
N ILE C 7 21.20 -13.57 -12.93
CA ILE C 7 21.69 -12.64 -11.91
C ILE C 7 20.48 -12.12 -11.19
N ALA C 8 20.39 -12.41 -9.91
CA ALA C 8 19.24 -11.96 -9.17
C ALA C 8 19.68 -11.88 -7.76
N ALA C 9 18.88 -11.21 -6.94
CA ALA C 9 19.21 -11.10 -5.54
C ALA C 9 18.07 -10.67 -4.71
N HIS C 10 17.79 -11.48 -3.66
CA HIS C 10 16.76 -11.15 -2.69
C HIS C 10 17.50 -11.11 -1.38
N VAL C 11 17.48 -9.97 -0.69
CA VAL C 11 18.15 -9.85 0.61
C VAL C 11 17.13 -9.44 1.69
N ILE C 12 17.39 -9.88 2.94
CA ILE C 12 16.52 -9.67 4.08
C ILE C 12 16.78 -8.47 4.94
N SER C 13 15.72 -7.82 5.36
CA SER C 13 15.89 -6.61 6.13
C SER C 13 16.69 -6.89 7.33
N GLU C 14 17.46 -5.90 7.80
CA GLU C 14 18.31 -6.03 8.99
C GLU C 14 18.32 -4.74 9.78
N ALA C 15 17.83 -4.75 11.02
CA ALA C 15 17.78 -3.54 11.82
C ALA C 15 19.20 -3.11 12.19
N SER C 16 19.43 -1.84 12.53
CA SER C 16 20.79 -1.39 12.81
C SER C 16 20.87 -0.08 13.63
N SER C 17 21.74 -0.11 14.63
CA SER C 17 21.93 1.01 15.54
C SER C 17 22.56 2.20 14.88
N LYS C 18 23.27 1.93 13.77
CA LYS C 18 23.95 2.95 12.98
C LYS C 18 23.05 4.15 12.79
N THR C 19 23.59 5.21 12.22
CA THR C 19 22.75 6.38 12.02
C THR C 19 22.66 6.72 10.54
N THR C 20 21.56 6.32 9.93
CA THR C 20 21.34 6.64 8.53
C THR C 20 19.87 6.48 8.28
N SER C 21 19.43 6.96 7.13
CA SER C 21 18.05 6.80 6.78
C SER C 21 18.11 5.73 5.73
N VAL C 22 19.32 5.30 5.39
CA VAL C 22 19.51 4.23 4.42
C VAL C 22 19.42 2.87 5.15
N LEU C 23 18.50 2.04 4.68
CA LEU C 23 18.30 0.75 5.27
C LEU C 23 19.39 -0.30 4.96
N GLN C 24 19.66 -1.13 5.96
CA GLN C 24 20.60 -2.27 5.94
C GLN C 24 19.90 -3.55 5.39
N TRP C 25 20.67 -4.54 5.02
CA TRP C 25 20.08 -5.75 4.49
C TRP C 25 21.06 -6.82 4.81
N ALA C 26 20.58 -8.04 4.99
CA ALA C 26 21.46 -9.17 5.29
C ALA C 26 21.17 -10.34 4.36
N GLU C 27 22.24 -11.05 4.05
CA GLU C 27 22.14 -12.17 3.16
C GLU C 27 21.89 -13.44 4.00
N LYS C 28 20.75 -13.45 4.72
CA LYS C 28 20.39 -14.56 5.60
C LYS C 28 18.98 -15.09 5.30
N GLY C 29 18.39 -15.84 6.23
CA GLY C 29 17.05 -16.34 5.99
C GLY C 29 16.91 -16.92 4.61
N TYR C 30 15.67 -17.01 4.12
CA TYR C 30 15.40 -17.51 2.76
C TYR C 30 15.70 -16.35 1.80
N TYR C 31 16.98 -16.10 1.53
CA TYR C 31 17.37 -15.04 0.65
C TYR C 31 17.85 -15.53 -0.70
N THR C 32 18.27 -14.59 -1.53
CA THR C 32 18.77 -14.90 -2.86
C THR C 32 19.98 -14.03 -3.20
N MET C 33 20.95 -14.66 -3.87
CA MET C 33 22.17 -14.04 -4.32
C MET C 33 22.75 -15.07 -5.31
N SER C 34 22.27 -15.03 -6.54
CA SER C 34 22.71 -15.97 -7.55
C SER C 34 24.20 -16.04 -7.79
N ASN C 35 24.93 -14.96 -7.54
CA ASN C 35 26.39 -14.99 -7.75
C ASN C 35 27.10 -13.65 -7.53
N ASN C 36 28.40 -13.64 -7.76
CA ASN C 36 29.20 -12.44 -7.60
C ASN C 36 28.92 -11.42 -8.71
N LEU C 37 28.08 -11.78 -9.67
CA LEU C 37 27.74 -10.85 -10.74
C LEU C 37 26.84 -9.80 -10.12
N VAL C 38 26.35 -10.08 -8.90
CA VAL C 38 25.54 -9.16 -8.09
C VAL C 38 26.06 -9.37 -6.68
N THR C 39 26.29 -8.30 -5.95
CA THR C 39 26.88 -8.43 -4.64
C THR C 39 26.30 -7.41 -3.69
N LEU C 40 26.03 -7.87 -2.45
CA LEU C 40 25.47 -7.01 -1.42
C LEU C 40 26.60 -6.45 -0.63
N GLU C 41 26.96 -5.19 -0.83
CA GLU C 41 28.04 -4.66 -0.04
C GLU C 41 27.57 -3.64 0.91
N ASN C 42 28.30 -3.64 2.02
CA ASN C 42 28.08 -2.79 3.19
C ASN C 42 26.75 -3.00 3.87
N GLY C 43 26.03 -4.01 3.43
CA GLY C 43 24.75 -4.25 4.03
C GLY C 43 23.88 -3.04 3.80
N LYS C 44 24.26 -2.22 2.82
CA LYS C 44 23.49 -1.01 2.49
C LYS C 44 22.96 -1.07 1.07
N GLN C 45 23.79 -1.51 0.12
CA GLN C 45 23.31 -1.54 -1.26
C GLN C 45 23.65 -2.80 -2.03
N LEU C 46 23.04 -2.91 -3.21
CA LEU C 46 23.26 -4.05 -4.07
C LEU C 46 23.99 -3.44 -5.23
N THR C 47 25.09 -4.05 -5.65
CA THR C 47 25.89 -3.53 -6.73
C THR C 47 25.96 -4.51 -7.89
N VAL C 48 25.85 -4.03 -9.11
CA VAL C 48 25.93 -4.94 -10.27
C VAL C 48 27.24 -4.73 -11.08
N LYS C 49 27.82 -5.83 -11.53
CA LYS C 49 29.04 -5.76 -12.30
C LYS C 49 28.75 -5.72 -13.80
N ARG C 50 27.54 -6.08 -14.22
CA ARG C 50 27.23 -6.09 -15.65
C ARG C 50 26.22 -5.06 -16.04
N GLN C 51 26.50 -4.27 -17.06
CA GLN C 51 25.51 -3.30 -17.48
C GLN C 51 24.24 -4.06 -17.90
N GLY C 52 23.11 -3.38 -17.96
CA GLY C 52 21.92 -4.07 -18.37
C GLY C 52 20.61 -3.55 -17.81
N LEU C 53 19.53 -4.22 -18.23
CA LEU C 53 18.19 -3.92 -17.78
C LEU C 53 17.97 -4.82 -16.54
N TYR C 54 17.28 -4.32 -15.54
CA TYR C 54 17.08 -5.12 -14.38
C TYR C 54 15.66 -4.78 -13.85
N TYR C 55 15.01 -5.74 -13.18
CA TYR C 55 13.74 -5.43 -12.55
C TYR C 55 14.15 -5.22 -11.08
N ILE C 56 13.92 -4.04 -10.52
CA ILE C 56 14.37 -3.76 -9.15
C ILE C 56 13.20 -3.47 -8.26
N TYR C 57 13.28 -4.02 -7.06
CA TYR C 57 12.20 -3.91 -6.09
C TYR C 57 12.62 -3.84 -4.64
N ALA C 58 11.71 -3.39 -3.81
CA ALA C 58 11.97 -3.30 -2.40
C ALA C 58 10.58 -3.31 -1.76
N GLN C 59 10.38 -4.27 -0.86
CA GLN C 59 9.12 -4.35 -0.15
C GLN C 59 9.46 -3.76 1.19
N VAL C 60 8.66 -2.82 1.64
CA VAL C 60 8.94 -2.26 2.94
C VAL C 60 7.67 -1.98 3.73
N THR C 61 7.61 -2.60 4.89
CA THR C 61 6.49 -2.38 5.79
C THR C 61 7.16 -1.71 7.02
N PHE C 62 6.40 -0.90 7.71
CA PHE C 62 6.90 -0.21 8.86
C PHE C 62 5.75 -0.08 9.85
N CYS C 63 6.09 0.29 11.08
CA CYS C 63 5.08 0.39 12.12
C CYS C 63 5.25 1.73 12.78
N SER C 64 4.20 2.51 12.87
CA SER C 64 4.37 3.81 13.49
C SER C 64 3.06 4.29 14.09
N ASN C 65 3.03 5.58 14.39
CA ASN C 65 1.86 6.22 14.97
C ASN C 65 1.49 7.56 14.31
N ARG C 66 0.24 7.96 14.46
CA ARG C 66 -0.12 9.22 13.86
C ARG C 66 0.71 10.28 14.54
N GLU C 67 0.36 10.67 15.78
CA GLU C 67 1.08 11.73 16.48
C GLU C 67 2.52 11.43 16.89
N ALA C 68 2.78 10.18 17.29
CA ALA C 68 4.13 9.78 17.71
C ALA C 68 5.20 10.60 16.99
N SER C 69 5.64 10.11 15.84
CA SER C 69 6.61 10.85 15.06
C SER C 69 5.75 11.84 14.30
N SER C 70 4.51 11.42 14.04
CA SER C 70 3.53 12.23 13.31
C SER C 70 4.17 12.94 12.13
N GLN C 71 4.69 14.12 12.40
CA GLN C 71 5.35 14.91 11.39
C GLN C 71 4.61 14.72 10.05
N ALA C 72 5.42 14.47 9.02
CA ALA C 72 4.95 14.27 7.65
C ALA C 72 4.90 12.78 7.41
N PRO C 73 4.58 12.36 6.18
CA PRO C 73 4.51 10.95 5.90
C PRO C 73 5.80 10.19 6.05
N PHE C 74 5.73 8.91 5.73
CA PHE C 74 6.87 8.01 5.79
C PHE C 74 7.12 7.66 4.35
N ILE C 75 8.12 8.30 3.78
CA ILE C 75 8.42 7.96 2.40
C ILE C 75 9.64 7.02 2.34
N ALA C 76 9.60 6.12 1.39
CA ALA C 76 10.70 5.21 1.20
C ALA C 76 11.12 5.42 -0.24
N SER C 77 12.42 5.28 -0.51
CA SER C 77 12.93 5.49 -1.85
C SER C 77 14.04 4.50 -2.25
N LEU C 78 13.92 4.00 -3.48
CA LEU C 78 14.88 3.07 -4.09
C LEU C 78 15.88 4.00 -4.78
N CYS C 79 17.10 4.09 -4.27
CA CYS C 79 18.11 4.96 -4.87
C CYS C 79 19.19 4.22 -5.63
N LEU C 80 19.70 4.90 -6.64
CA LEU C 80 20.72 4.31 -7.49
C LEU C 80 21.89 5.20 -7.45
N LYS C 81 23.06 4.58 -7.44
CA LYS C 81 24.32 5.30 -7.40
C LYS C 81 25.24 4.66 -8.42
N SER C 82 25.28 5.28 -9.62
CA SER C 82 26.12 4.79 -10.72
C SER C 82 27.50 5.40 -10.61
N PRO C 83 28.53 4.65 -11.04
CA PRO C 83 29.90 5.17 -10.97
C PRO C 83 30.08 6.48 -11.74
N GLY C 84 30.73 7.42 -11.06
CA GLY C 84 30.96 8.71 -11.67
C GLY C 84 29.69 9.50 -11.89
N ARG C 85 28.68 9.28 -11.08
CA ARG C 85 27.48 10.06 -11.23
C ARG C 85 26.98 10.32 -9.85
N PHE C 86 26.26 11.41 -9.69
CA PHE C 86 25.75 11.67 -8.37
C PHE C 86 24.64 10.66 -8.15
N GLU C 87 24.19 10.56 -6.89
CA GLU C 87 23.08 9.69 -6.57
C GLU C 87 21.90 10.12 -7.40
N ARG C 88 20.76 9.52 -7.14
CA ARG C 88 19.58 9.83 -7.93
C ARG C 88 18.49 8.88 -7.41
N ILE C 89 17.25 9.32 -7.48
CA ILE C 89 16.14 8.52 -7.02
C ILE C 89 15.43 7.83 -8.18
N LEU C 90 15.11 6.55 -8.03
CA LEU C 90 14.40 5.88 -9.10
C LEU C 90 12.91 5.77 -8.77
N LEU C 91 12.56 5.24 -7.60
CA LEU C 91 11.17 5.12 -7.20
C LEU C 91 10.99 5.61 -5.78
N ARG C 92 9.75 5.75 -5.36
CA ARG C 92 9.47 6.21 -4.03
C ARG C 92 8.01 5.99 -3.71
N ALA C 93 7.74 5.51 -2.49
CA ALA C 93 6.37 5.25 -2.09
C ALA C 93 6.22 5.98 -0.83
N ALA C 94 5.00 6.33 -0.44
CA ALA C 94 4.83 7.09 0.80
C ALA C 94 3.42 7.01 1.36
N ASN C 95 3.31 6.64 2.65
CA ASN C 95 2.02 6.54 3.34
C ASN C 95 1.97 7.50 4.48
N THR C 96 0.80 7.62 5.09
CA THR C 96 0.62 8.54 6.20
C THR C 96 0.39 7.76 7.47
N HIS C 97 1.31 7.93 8.41
CA HIS C 97 1.22 7.24 9.70
C HIS C 97 -0.19 6.96 10.22
N SER C 98 -0.43 5.71 10.62
CA SER C 98 -1.73 5.33 11.12
C SER C 98 -1.75 5.73 12.58
N SER C 99 -2.89 5.51 13.23
CA SER C 99 -3.04 5.86 14.64
C SER C 99 -2.70 4.66 15.52
N ALA C 100 -3.13 3.49 15.08
CA ALA C 100 -2.91 2.23 15.78
C ALA C 100 -1.82 2.26 16.79
N LYS C 101 -2.19 2.27 18.06
CA LYS C 101 -1.22 2.27 19.13
C LYS C 101 -0.81 0.82 19.44
N PRO C 102 0.45 0.60 19.84
CA PRO C 102 1.51 1.60 20.01
C PRO C 102 1.85 2.16 18.62
N CYS C 103 1.80 1.26 17.64
CA CYS C 103 2.08 1.57 16.26
C CYS C 103 1.29 0.66 15.37
N GLY C 104 0.95 1.14 14.18
CA GLY C 104 0.18 0.36 13.24
C GLY C 104 1.05 0.10 12.03
N GLN C 105 1.21 -1.15 11.64
CA GLN C 105 2.05 -1.43 10.53
C GLN C 105 1.38 -0.98 9.27
N GLN C 106 2.16 -0.83 8.20
CA GLN C 106 1.67 -0.44 6.88
C GLN C 106 2.75 -0.94 5.91
N SER C 107 2.36 -1.47 4.75
CA SER C 107 3.40 -1.93 3.84
C SER C 107 3.61 -1.00 2.63
N ILE C 108 4.74 -1.18 1.95
CA ILE C 108 5.12 -0.37 0.80
C ILE C 108 5.83 -1.26 -0.22
N HIS C 109 5.57 -1.00 -1.49
CA HIS C 109 6.18 -1.84 -2.53
C HIS C 109 6.63 -1.11 -3.81
N LEU C 110 7.90 -1.25 -4.19
CA LEU C 110 8.29 -0.59 -5.42
C LEU C 110 9.21 -1.35 -6.35
N GLY C 111 8.77 -1.50 -7.60
CA GLY C 111 9.56 -2.17 -8.62
C GLY C 111 9.85 -1.22 -9.78
N GLY C 112 9.95 -1.73 -11.00
CA GLY C 112 10.24 -0.88 -12.14
C GLY C 112 11.51 -1.36 -12.84
N VAL C 113 11.46 -1.45 -14.18
CA VAL C 113 12.62 -1.88 -14.94
C VAL C 113 13.57 -0.73 -15.23
N PHE C 114 14.85 -0.96 -15.07
CA PHE C 114 15.81 0.06 -15.33
C PHE C 114 17.02 -0.50 -16.04
N GLU C 115 17.80 0.39 -16.59
CA GLU C 115 19.02 -0.01 -17.26
C GLU C 115 20.15 0.46 -16.33
N LEU C 116 21.02 -0.47 -15.93
CA LEU C 116 22.10 -0.11 -15.06
C LEU C 116 23.47 -0.14 -15.77
N GLN C 117 24.30 0.83 -15.44
CA GLN C 117 25.60 0.92 -16.04
C GLN C 117 26.47 -0.04 -15.30
N PRO C 118 27.47 -0.63 -15.96
CA PRO C 118 28.25 -1.56 -15.15
C PRO C 118 28.89 -0.84 -13.97
N GLY C 119 28.73 -1.42 -12.78
CA GLY C 119 29.30 -0.86 -11.58
C GLY C 119 28.22 -0.20 -10.79
N ALA C 120 27.04 -0.13 -11.42
CA ALA C 120 25.86 0.47 -10.82
C ALA C 120 25.55 -0.14 -9.45
N SER C 121 24.87 0.63 -8.62
CA SER C 121 24.51 0.08 -7.31
C SER C 121 23.31 0.78 -6.66
N VAL C 122 22.36 -0.02 -6.19
CA VAL C 122 21.18 0.57 -5.58
C VAL C 122 21.02 0.38 -4.05
N PHE C 123 20.26 1.29 -3.46
CA PHE C 123 20.00 1.27 -2.03
C PHE C 123 18.66 1.85 -1.61
N VAL C 124 18.00 1.20 -0.64
CA VAL C 124 16.69 1.68 -0.19
C VAL C 124 16.89 2.64 0.92
N ASN C 125 16.15 3.72 0.91
CA ASN C 125 16.37 4.71 1.91
C ASN C 125 15.03 5.14 2.39
N VAL C 126 14.86 5.33 3.70
CA VAL C 126 13.57 5.75 4.19
C VAL C 126 13.74 6.88 5.17
N THR C 127 12.59 7.47 5.49
CA THR C 127 12.55 8.61 6.35
C THR C 127 12.89 8.30 7.80
N ASP C 128 12.42 7.17 8.34
CA ASP C 128 12.78 6.82 9.71
C ASP C 128 12.99 5.34 9.85
N PRO C 129 14.18 4.83 9.64
CA PRO C 129 14.38 3.39 9.76
C PRO C 129 14.05 2.87 11.18
N SER C 130 14.17 3.73 12.18
CA SER C 130 13.88 3.35 13.55
C SER C 130 12.49 2.76 13.59
N GLN C 131 11.83 2.64 12.46
CA GLN C 131 10.51 2.04 12.53
C GLN C 131 10.04 1.22 11.35
N VAL C 132 10.97 0.72 10.58
CA VAL C 132 10.53 -0.13 9.51
C VAL C 132 10.37 -1.41 10.32
N SER C 133 9.55 -2.34 9.83
CA SER C 133 9.32 -3.62 10.49
C SER C 133 10.26 -4.67 9.96
N HIS C 134 10.83 -5.49 10.84
CA HIS C 134 11.77 -6.56 10.46
C HIS C 134 11.27 -8.01 10.73
N GLY C 135 10.03 -8.15 11.14
CA GLY C 135 9.49 -9.49 11.34
C GLY C 135 9.71 -10.29 10.08
N THR C 136 9.94 -11.58 10.22
CA THR C 136 10.20 -12.37 9.03
C THR C 136 9.20 -12.08 7.93
N GLY C 137 9.72 -11.97 6.72
CA GLY C 137 8.91 -11.74 5.54
C GLY C 137 8.39 -10.33 5.27
N PHE C 138 8.64 -9.41 6.20
CA PHE C 138 8.13 -8.06 6.04
C PHE C 138 8.89 -7.13 5.07
N THR C 139 10.15 -6.82 5.38
CA THR C 139 10.93 -5.93 4.56
C THR C 139 12.04 -6.64 3.79
N SER C 140 11.98 -6.56 2.47
CA SER C 140 12.99 -7.19 1.61
C SER C 140 13.37 -6.18 0.56
N PHE C 141 14.38 -6.54 -0.24
CA PHE C 141 14.97 -5.70 -1.32
C PHE C 141 15.69 -6.64 -2.27
N GLY C 142 15.58 -6.37 -3.57
CA GLY C 142 16.21 -7.25 -4.56
C GLY C 142 16.05 -6.86 -6.03
N LEU C 143 16.80 -7.56 -6.87
CA LEU C 143 16.82 -7.29 -8.30
C LEU C 143 17.15 -8.48 -9.14
N LEU C 144 16.55 -8.51 -10.30
CA LEU C 144 16.84 -9.60 -11.19
C LEU C 144 17.11 -9.00 -12.59
N LYS C 145 18.07 -9.58 -13.29
CA LYS C 145 18.41 -9.10 -14.61
C LYS C 145 17.68 -9.90 -15.71
N LEU C 146 17.20 -9.23 -16.74
CA LEU C 146 16.50 -9.90 -17.87
C LEU C 146 17.47 -10.41 -18.94
N GLN D 1 -33.36 -25.81 6.83
CA GLN D 1 -33.54 -25.49 5.39
C GLN D 1 -32.90 -24.12 5.12
N VAL D 2 -32.09 -24.02 4.07
CA VAL D 2 -31.47 -22.72 3.74
C VAL D 2 -32.45 -21.89 2.93
N GLN D 3 -32.95 -20.80 3.46
CA GLN D 3 -33.89 -20.00 2.68
C GLN D 3 -33.70 -18.48 2.71
N LEU D 4 -34.16 -17.84 1.63
CA LEU D 4 -34.08 -16.40 1.42
C LEU D 4 -35.46 -15.83 1.19
N VAL D 5 -35.92 -14.97 2.09
CA VAL D 5 -37.24 -14.44 1.92
C VAL D 5 -37.31 -12.98 1.53
N GLN D 6 -37.58 -12.74 0.26
CA GLN D 6 -37.70 -11.39 -0.27
C GLN D 6 -38.92 -10.73 0.24
N SER D 7 -38.95 -9.41 0.05
CA SER D 7 -40.01 -8.51 0.46
C SER D 7 -41.21 -8.42 -0.41
N GLY D 8 -42.20 -7.71 0.09
CA GLY D 8 -43.43 -7.57 -0.67
C GLY D 8 -43.32 -6.83 -1.97
N ALA D 9 -44.25 -7.10 -2.90
CA ALA D 9 -44.28 -6.43 -4.21
C ALA D 9 -44.42 -4.93 -4.00
N GLU D 10 -43.94 -4.14 -4.95
CA GLU D 10 -43.98 -2.68 -4.83
C GLU D 10 -44.47 -2.03 -6.12
N VAL D 11 -45.38 -1.07 -5.99
CA VAL D 11 -45.90 -0.33 -7.14
C VAL D 11 -45.47 1.11 -6.85
N VAL D 12 -44.71 1.68 -7.77
CA VAL D 12 -44.21 3.03 -7.61
C VAL D 12 -44.19 3.88 -8.88
N LYS D 13 -44.43 5.17 -8.68
CA LYS D 13 -44.46 6.14 -9.77
C LYS D 13 -43.04 6.36 -10.20
N PRO D 14 -42.85 6.64 -11.50
CA PRO D 14 -41.53 6.87 -12.07
C PRO D 14 -40.74 7.85 -11.25
N GLY D 15 -39.44 7.85 -11.43
CA GLY D 15 -38.61 8.79 -10.69
C GLY D 15 -38.44 8.44 -9.23
N ALA D 16 -39.42 7.75 -8.67
CA ALA D 16 -39.31 7.42 -7.26
C ALA D 16 -38.13 6.45 -7.01
N SER D 17 -38.07 5.92 -5.79
CA SER D 17 -37.03 4.97 -5.44
C SER D 17 -37.62 3.95 -4.48
N VAL D 18 -37.16 2.70 -4.58
CA VAL D 18 -37.69 1.66 -3.73
C VAL D 18 -36.54 0.90 -3.09
N LYS D 19 -36.76 0.36 -1.89
CA LYS D 19 -35.70 -0.37 -1.22
C LYS D 19 -36.02 -1.81 -0.91
N LEU D 20 -35.64 -2.72 -1.80
CA LEU D 20 -35.91 -4.13 -1.64
C LEU D 20 -35.09 -4.81 -0.54
N SER D 21 -35.68 -5.72 0.22
CA SER D 21 -34.93 -6.42 1.25
C SER D 21 -35.00 -7.88 1.00
N CYS D 22 -34.05 -8.60 1.57
CA CYS D 22 -34.02 -10.05 1.42
C CYS D 22 -33.41 -10.65 2.69
N LYS D 23 -34.18 -11.47 3.40
CA LYS D 23 -33.72 -12.06 4.66
C LYS D 23 -33.26 -13.54 4.51
N ALA D 24 -31.96 -13.78 4.65
CA ALA D 24 -31.48 -15.13 4.49
C ALA D 24 -31.68 -15.83 5.79
N SER D 25 -31.44 -17.14 5.77
CA SER D 25 -31.56 -18.02 6.94
C SER D 25 -31.29 -19.47 6.56
N GLY D 26 -30.83 -20.26 7.51
CA GLY D 26 -30.57 -21.63 7.19
C GLY D 26 -29.10 -21.88 6.92
N TYR D 27 -28.27 -20.84 7.00
CA TYR D 27 -26.83 -20.97 6.76
C TYR D 27 -26.08 -19.80 7.34
N ILE D 28 -24.75 -19.83 7.28
CA ILE D 28 -23.98 -18.71 7.81
C ILE D 28 -24.06 -17.60 6.74
N PHE D 29 -24.74 -16.53 7.12
CA PHE D 29 -24.97 -15.40 6.25
C PHE D 29 -23.75 -14.80 5.56
N THR D 30 -22.77 -14.45 6.39
CA THR D 30 -21.54 -13.83 5.92
C THR D 30 -20.66 -14.71 5.06
N SER D 31 -20.89 -16.00 4.98
CA SER D 31 -20.02 -16.82 4.17
C SER D 31 -20.51 -16.97 2.75
N TYR D 32 -21.51 -16.16 2.36
CA TYR D 32 -22.01 -16.25 0.98
C TYR D 32 -22.28 -14.94 0.29
N TYR D 33 -21.74 -14.79 -0.91
CA TYR D 33 -21.95 -13.56 -1.60
C TYR D 33 -23.38 -13.63 -2.02
N MET D 34 -24.09 -12.57 -1.73
CA MET D 34 -25.48 -12.49 -2.10
C MET D 34 -25.54 -11.74 -3.44
N TYR D 35 -26.19 -12.32 -4.43
CA TYR D 35 -26.35 -11.64 -5.70
C TYR D 35 -27.71 -10.98 -5.75
N TRP D 36 -28.01 -10.36 -6.88
CA TRP D 36 -29.32 -9.77 -7.16
C TRP D 36 -29.51 -9.91 -8.69
N VAL D 37 -30.65 -10.45 -9.11
CA VAL D 37 -30.92 -10.67 -10.51
C VAL D 37 -32.25 -10.02 -10.87
N LYS D 38 -32.33 -9.37 -12.02
CA LYS D 38 -33.57 -8.73 -12.43
C LYS D 38 -34.03 -9.60 -13.56
N GLN D 39 -35.36 -9.72 -13.72
CA GLN D 39 -35.90 -10.50 -14.85
C GLN D 39 -37.15 -9.70 -15.16
N ALA D 40 -37.21 -9.10 -16.36
CA ALA D 40 -38.34 -8.27 -16.74
C ALA D 40 -39.26 -8.96 -17.68
N PRO D 41 -40.55 -8.64 -17.59
CA PRO D 41 -41.57 -9.24 -18.44
C PRO D 41 -40.98 -9.58 -19.76
N GLY D 42 -40.92 -10.87 -20.06
CA GLY D 42 -40.38 -11.31 -21.35
C GLY D 42 -38.87 -11.17 -21.41
N GLN D 43 -38.38 -10.11 -20.77
CA GLN D 43 -36.95 -9.87 -20.68
C GLN D 43 -36.32 -11.00 -19.85
N GLY D 44 -35.04 -11.29 -20.12
CA GLY D 44 -34.35 -12.36 -19.43
C GLY D 44 -33.84 -12.11 -18.03
N LEU D 45 -32.90 -12.97 -17.65
CA LEU D 45 -32.27 -12.92 -16.35
C LEU D 45 -31.04 -12.05 -16.44
N GLU D 46 -30.99 -11.00 -15.64
CA GLU D 46 -29.86 -10.06 -15.65
C GLU D 46 -29.27 -9.93 -14.26
N TRP D 47 -27.95 -10.00 -14.17
CA TRP D 47 -27.30 -9.91 -12.87
C TRP D 47 -27.10 -8.45 -12.62
N ILE D 48 -27.51 -7.99 -11.46
CA ILE D 48 -27.34 -6.60 -11.09
C ILE D 48 -26.01 -6.41 -10.36
N GLY D 49 -25.80 -7.10 -9.27
CA GLY D 49 -24.55 -6.90 -8.57
C GLY D 49 -24.36 -7.94 -7.50
N GLU D 50 -23.36 -7.75 -6.65
CA GLU D 50 -23.07 -8.69 -5.59
C GLU D 50 -22.69 -7.89 -4.37
N ILE D 51 -22.82 -8.52 -3.21
CA ILE D 51 -22.42 -7.90 -1.95
C ILE D 51 -21.92 -9.00 -1.05
N ASN D 52 -20.80 -8.79 -0.41
CA ASN D 52 -20.30 -9.81 0.50
C ASN D 52 -20.96 -9.28 1.74
N PRO D 53 -21.75 -10.11 2.43
CA PRO D 53 -22.37 -9.47 3.60
C PRO D 53 -21.44 -9.33 4.80
N SER D 54 -20.41 -10.17 4.88
CA SER D 54 -19.48 -10.05 5.98
C SER D 54 -18.90 -8.66 5.93
N ASN D 55 -18.54 -8.29 4.70
CA ASN D 55 -17.87 -7.03 4.32
C ASN D 55 -18.62 -5.72 4.25
N GLY D 56 -19.60 -5.68 3.34
CA GLY D 56 -20.35 -4.47 3.04
C GLY D 56 -19.94 -4.28 1.57
N ASP D 57 -18.77 -4.83 1.28
CA ASP D 57 -18.15 -4.77 -0.02
C ASP D 57 -19.12 -5.16 -1.16
N THR D 58 -19.07 -4.43 -2.27
CA THR D 58 -19.93 -4.74 -3.40
C THR D 58 -19.25 -4.80 -4.78
N ASN D 59 -20.04 -5.23 -5.74
CA ASN D 59 -19.62 -5.32 -7.09
C ASN D 59 -20.81 -5.30 -8.04
N PHE D 60 -20.92 -4.29 -8.90
CA PHE D 60 -22.08 -4.20 -9.78
C PHE D 60 -21.83 -4.51 -11.25
N ASN D 61 -22.90 -4.76 -11.95
CA ASN D 61 -22.79 -4.97 -13.37
C ASN D 61 -22.89 -3.52 -13.83
N GLU D 62 -21.87 -3.07 -14.53
CA GLU D 62 -21.80 -1.69 -15.02
C GLU D 62 -23.17 -1.22 -15.45
N LYS D 63 -23.81 -2.03 -16.27
CA LYS D 63 -25.10 -1.72 -16.78
C LYS D 63 -26.11 -1.27 -15.74
N PHE D 64 -25.78 -1.42 -14.45
CA PHE D 64 -26.68 -1.07 -13.33
C PHE D 64 -26.02 -0.27 -12.24
N LYS D 65 -24.75 0.08 -12.41
CA LYS D 65 -24.01 0.81 -11.40
C LYS D 65 -24.78 2.00 -10.84
N SER D 66 -25.61 2.59 -11.69
CA SER D 66 -26.41 3.73 -11.31
C SER D 66 -27.68 3.36 -10.57
N LYS D 67 -28.47 2.40 -11.10
CA LYS D 67 -29.73 1.98 -10.50
C LYS D 67 -29.74 1.31 -9.14
N ALA D 68 -28.71 0.57 -8.82
CA ALA D 68 -28.73 -0.17 -7.58
C ALA D 68 -27.84 0.26 -6.46
N THR D 69 -28.21 -0.12 -5.24
CA THR D 69 -27.42 0.19 -4.08
C THR D 69 -27.48 -1.00 -3.12
N LEU D 70 -26.55 -1.91 -3.23
CA LEU D 70 -26.49 -3.06 -2.36
C LEU D 70 -26.01 -2.69 -0.94
N THR D 71 -26.65 -3.28 0.07
CA THR D 71 -26.28 -3.01 1.45
C THR D 71 -26.75 -4.19 2.28
N VAL D 72 -26.18 -4.42 3.49
CA VAL D 72 -26.63 -5.57 4.28
C VAL D 72 -26.64 -5.34 5.76
N ASP D 73 -27.49 -6.04 6.49
CA ASP D 73 -27.51 -5.91 7.95
C ASP D 73 -26.99 -7.20 8.56
N LYS D 74 -25.69 -7.36 8.49
CA LYS D 74 -25.04 -8.52 9.06
C LYS D 74 -25.84 -9.13 10.24
N SER D 75 -26.19 -8.28 11.20
CA SER D 75 -26.93 -8.75 12.38
C SER D 75 -28.26 -9.41 11.96
N ALA D 76 -29.10 -8.64 11.28
CA ALA D 76 -30.38 -9.18 10.88
C ALA D 76 -30.26 -10.18 9.72
N SER D 77 -29.04 -10.59 9.40
CA SER D 77 -28.85 -11.54 8.31
C SER D 77 -29.75 -11.15 7.11
N THR D 78 -29.62 -9.91 6.66
CA THR D 78 -30.46 -9.37 5.58
C THR D 78 -29.73 -8.47 4.61
N ALA D 79 -30.12 -8.56 3.36
CA ALA D 79 -29.53 -7.72 2.36
C ALA D 79 -30.63 -6.79 1.86
N TYR D 80 -30.23 -5.68 1.26
CA TYR D 80 -31.20 -4.74 0.74
C TYR D 80 -30.68 -4.21 -0.59
N MET D 81 -31.60 -3.90 -1.50
CA MET D 81 -31.27 -3.33 -2.79
C MET D 81 -32.12 -2.11 -2.93
N GLU D 82 -31.52 -1.01 -3.34
CA GLU D 82 -32.26 0.23 -3.49
C GLU D 82 -32.15 0.72 -4.93
N LEU D 83 -33.25 0.63 -5.65
CA LEU D 83 -33.26 1.08 -7.02
C LEU D 83 -33.76 2.49 -6.92
N SER D 84 -33.11 3.38 -7.65
CA SER D 84 -33.49 4.78 -7.60
C SER D 84 -33.76 5.34 -8.98
N SER D 85 -34.46 6.49 -8.98
CA SER D 85 -34.80 7.17 -10.21
C SER D 85 -35.31 6.10 -11.16
N LEU D 86 -36.45 5.52 -10.80
CA LEU D 86 -37.02 4.48 -11.61
C LEU D 86 -37.67 4.95 -12.88
N ARG D 87 -37.23 4.40 -14.00
CA ARG D 87 -37.83 4.72 -15.27
C ARG D 87 -38.86 3.63 -15.38
N SER D 88 -39.62 3.63 -16.47
CA SER D 88 -40.65 2.61 -16.64
C SER D 88 -40.02 1.25 -16.95
N GLU D 89 -38.95 1.22 -17.72
CA GLU D 89 -38.33 -0.05 -18.06
C GLU D 89 -37.64 -0.71 -16.86
N ASP D 90 -37.83 -0.12 -15.69
CA ASP D 90 -37.25 -0.68 -14.49
C ASP D 90 -38.17 -1.76 -13.91
N THR D 91 -39.40 -1.84 -14.40
CA THR D 91 -40.38 -2.83 -13.93
C THR D 91 -39.92 -4.25 -14.24
N ALA D 92 -40.05 -5.12 -13.24
CA ALA D 92 -39.67 -6.53 -13.39
C ALA D 92 -39.65 -7.22 -12.02
N VAL D 93 -39.07 -8.42 -11.98
CA VAL D 93 -38.96 -9.11 -10.73
C VAL D 93 -37.48 -9.17 -10.34
N TYR D 94 -37.24 -8.75 -9.11
CA TYR D 94 -35.92 -8.70 -8.58
C TYR D 94 -35.79 -9.86 -7.63
N TYR D 95 -34.79 -10.71 -7.89
CA TYR D 95 -34.52 -11.90 -7.09
C TYR D 95 -33.28 -11.65 -6.29
N CYS D 96 -33.23 -12.18 -5.07
CA CYS D 96 -32.01 -12.08 -4.28
C CYS D 96 -31.57 -13.55 -4.33
N THR D 97 -30.31 -13.85 -4.49
CA THR D 97 -29.94 -15.26 -4.51
C THR D 97 -28.52 -15.42 -4.01
N ARG D 98 -28.31 -16.53 -3.30
CA ARG D 98 -27.05 -16.91 -2.68
C ARG D 98 -26.09 -17.53 -3.67
N SER D 99 -24.92 -16.91 -3.82
CA SER D 99 -23.95 -17.44 -4.75
C SER D 99 -23.11 -18.41 -3.96
N ASP D 100 -22.71 -19.48 -4.62
CA ASP D 100 -21.93 -20.52 -3.96
C ASP D 100 -20.49 -20.39 -4.46
N GLY D 101 -19.73 -19.56 -3.75
CA GLY D 101 -18.35 -19.30 -4.15
C GLY D 101 -18.37 -18.34 -5.35
N ARG D 102 -19.43 -17.56 -5.44
CA ARG D 102 -19.62 -16.61 -6.52
C ARG D 102 -19.55 -17.28 -7.86
N ASN D 103 -20.20 -18.42 -7.99
CA ASN D 103 -20.25 -19.11 -9.25
C ASN D 103 -21.66 -19.58 -9.52
N ASP D 104 -22.02 -20.78 -9.08
CA ASP D 104 -23.39 -21.23 -9.27
C ASP D 104 -24.19 -20.41 -8.29
N MET D 105 -25.35 -19.94 -8.70
CA MET D 105 -26.21 -19.18 -7.79
C MET D 105 -27.25 -20.21 -7.27
N ASP D 106 -26.96 -20.81 -6.12
CA ASP D 106 -27.78 -21.91 -5.55
C ASP D 106 -29.06 -21.75 -4.72
N SER D 107 -29.50 -20.53 -4.42
CA SER D 107 -30.79 -20.38 -3.70
C SER D 107 -31.43 -19.03 -3.99
N TRP D 108 -32.72 -18.99 -4.26
CA TRP D 108 -33.33 -17.70 -4.60
C TRP D 108 -34.52 -17.28 -3.77
N GLY D 109 -34.68 -15.99 -3.55
CA GLY D 109 -35.83 -15.54 -2.80
C GLY D 109 -37.00 -15.74 -3.75
N GLN D 110 -38.22 -15.48 -3.26
CA GLN D 110 -39.45 -15.60 -4.06
C GLN D 110 -39.36 -14.74 -5.28
N GLY D 111 -38.80 -13.54 -5.08
CA GLY D 111 -38.66 -12.56 -6.14
C GLY D 111 -39.52 -11.35 -5.76
N THR D 112 -39.21 -10.17 -6.26
CA THR D 112 -40.01 -9.04 -5.89
C THR D 112 -40.39 -8.36 -7.14
N LEU D 113 -41.68 -8.12 -7.26
CA LEU D 113 -42.20 -7.46 -8.43
C LEU D 113 -42.18 -5.96 -8.21
N VAL D 114 -41.26 -5.28 -8.86
CA VAL D 114 -41.22 -3.83 -8.73
C VAL D 114 -41.86 -3.31 -10.02
N THR D 115 -43.01 -2.67 -9.89
CA THR D 115 -43.66 -2.17 -11.09
C THR D 115 -43.76 -0.69 -10.96
N VAL D 116 -43.09 0.02 -11.86
CA VAL D 116 -43.08 1.46 -11.78
C VAL D 116 -43.86 2.11 -12.91
N SER D 117 -44.98 2.73 -12.53
CA SER D 117 -45.87 3.41 -13.47
C SER D 117 -46.55 4.66 -12.87
N SER D 118 -46.95 5.56 -13.77
CA SER D 118 -47.60 6.79 -13.39
C SER D 118 -49.07 6.54 -13.08
N ALA D 119 -49.62 5.53 -13.72
CA ALA D 119 -51.01 5.17 -13.52
C ALA D 119 -51.32 5.11 -12.05
N SER D 120 -52.60 5.06 -11.71
CA SER D 120 -52.99 4.98 -10.31
C SER D 120 -54.14 4.03 -10.17
N THR D 121 -54.06 3.21 -9.13
CA THR D 121 -55.07 2.19 -8.83
C THR D 121 -56.39 2.54 -9.47
N LYS D 122 -57.09 1.51 -9.96
CA LYS D 122 -58.36 1.72 -10.61
C LYS D 122 -58.94 0.38 -10.93
N GLY D 123 -60.27 0.28 -10.81
CA GLY D 123 -60.95 -0.95 -11.15
C GLY D 123 -60.99 -1.17 -12.66
N PRO D 124 -61.31 -2.39 -13.11
CA PRO D 124 -61.34 -2.59 -14.56
C PRO D 124 -62.71 -2.26 -15.10
N SER D 125 -62.87 -2.50 -16.40
CA SER D 125 -64.13 -2.30 -17.10
C SER D 125 -64.34 -3.69 -17.66
N VAL D 126 -65.58 -4.10 -17.72
CA VAL D 126 -65.88 -5.44 -18.20
C VAL D 126 -66.80 -5.33 -19.38
N PHE D 127 -66.59 -6.15 -20.40
CA PHE D 127 -67.45 -6.10 -21.56
C PHE D 127 -67.80 -7.48 -22.09
N PRO D 128 -69.09 -7.71 -22.34
CA PRO D 128 -69.34 -9.05 -22.81
C PRO D 128 -68.73 -9.19 -24.14
N LEU D 129 -68.25 -10.41 -24.39
CA LEU D 129 -67.68 -10.80 -25.66
C LEU D 129 -68.73 -11.86 -25.90
N ALA D 130 -69.92 -11.40 -26.30
CA ALA D 130 -71.07 -12.28 -26.50
C ALA D 130 -71.09 -13.18 -27.74
N PRO D 131 -71.59 -14.41 -27.56
CA PRO D 131 -71.67 -15.38 -28.64
C PRO D 131 -72.49 -14.79 -29.78
N SER D 132 -72.21 -15.27 -30.97
CA SER D 132 -72.89 -14.82 -32.16
C SER D 132 -72.46 -15.77 -33.25
N SER D 133 -73.17 -15.79 -34.36
CA SER D 133 -72.81 -16.66 -35.48
C SER D 133 -71.33 -16.47 -35.73
N LYS D 134 -70.88 -15.24 -35.54
CA LYS D 134 -69.49 -14.88 -35.76
C LYS D 134 -68.54 -15.46 -34.74
N SER D 135 -69.09 -16.15 -33.74
CA SER D 135 -68.31 -16.79 -32.70
C SER D 135 -68.84 -18.19 -32.39
N THR D 136 -69.32 -18.88 -33.41
CA THR D 136 -69.86 -20.21 -33.22
C THR D 136 -69.38 -21.25 -34.23
N SER D 137 -68.16 -21.70 -34.04
CA SER D 137 -67.62 -22.71 -34.93
C SER D 137 -68.28 -24.03 -34.60
N GLY D 138 -68.71 -24.76 -35.62
CA GLY D 138 -69.37 -26.04 -35.38
C GLY D 138 -70.46 -25.98 -34.34
N GLY D 139 -70.65 -27.09 -33.63
CA GLY D 139 -71.67 -27.13 -32.61
C GLY D 139 -71.31 -26.29 -31.39
N THR D 140 -70.10 -25.73 -31.35
CA THR D 140 -69.66 -24.94 -30.20
C THR D 140 -69.63 -23.42 -30.33
N ALA D 141 -69.91 -22.75 -29.24
CA ALA D 141 -69.92 -21.29 -29.24
C ALA D 141 -68.85 -20.72 -28.29
N ALA D 142 -68.24 -19.62 -28.67
CA ALA D 142 -67.23 -19.05 -27.83
C ALA D 142 -67.83 -17.82 -27.20
N LEU D 143 -67.43 -17.51 -25.97
CA LEU D 143 -67.96 -16.33 -25.33
C LEU D 143 -67.10 -16.03 -24.11
N GLY D 144 -67.09 -14.75 -23.68
CA GLY D 144 -66.29 -14.37 -22.53
C GLY D 144 -66.30 -12.88 -22.18
N CYS D 145 -65.56 -12.50 -21.14
CA CYS D 145 -65.50 -11.10 -20.74
C CYS D 145 -64.20 -10.34 -21.02
N LEU D 146 -64.36 -9.07 -21.36
CA LEU D 146 -63.20 -8.23 -21.62
C LEU D 146 -63.04 -7.29 -20.44
N VAL D 147 -62.04 -7.59 -19.62
CA VAL D 147 -61.74 -6.80 -18.43
C VAL D 147 -60.73 -5.68 -18.80
N LYS D 148 -61.26 -4.53 -19.21
CA LYS D 148 -60.45 -3.39 -19.64
C LYS D 148 -60.02 -2.33 -18.63
N ASP D 149 -58.84 -1.74 -18.90
CA ASP D 149 -58.21 -0.68 -18.11
C ASP D 149 -58.37 -0.67 -16.60
N TYR D 150 -57.41 -1.29 -15.93
CA TYR D 150 -57.42 -1.34 -14.49
C TYR D 150 -55.95 -1.30 -14.14
N PHE D 151 -55.63 -1.18 -12.86
CA PHE D 151 -54.24 -1.09 -12.41
C PHE D 151 -54.13 -1.16 -10.90
N PRO D 152 -53.18 -1.95 -10.37
CA PRO D 152 -52.17 -2.80 -11.01
C PRO D 152 -52.73 -4.20 -11.08
N GLU D 153 -51.94 -5.15 -11.58
CA GLU D 153 -52.44 -6.51 -11.63
C GLU D 153 -52.63 -6.85 -10.15
N PRO D 154 -53.34 -7.92 -9.84
CA PRO D 154 -53.99 -8.86 -10.74
C PRO D 154 -55.49 -8.67 -10.65
N VAL D 155 -56.18 -9.06 -11.72
CA VAL D 155 -57.63 -8.98 -11.75
C VAL D 155 -57.99 -10.42 -11.89
N THR D 156 -58.57 -11.00 -10.85
CA THR D 156 -58.93 -12.39 -10.96
C THR D 156 -60.28 -12.48 -11.65
N VAL D 157 -60.45 -13.51 -12.48
CA VAL D 157 -61.69 -13.69 -13.22
C VAL D 157 -62.22 -15.11 -13.09
N SER D 158 -63.49 -15.23 -12.70
CA SER D 158 -64.09 -16.55 -12.58
C SER D 158 -65.45 -16.60 -13.24
N TRP D 159 -65.85 -17.80 -13.64
CA TRP D 159 -67.13 -18.02 -14.29
C TRP D 159 -68.17 -18.76 -13.45
N ASN D 160 -69.42 -18.28 -13.57
CA ASN D 160 -70.54 -18.83 -12.82
C ASN D 160 -70.03 -19.20 -11.43
N SER D 161 -69.54 -18.18 -10.76
CA SER D 161 -68.99 -18.32 -9.43
C SER D 161 -68.51 -19.74 -9.20
N GLY D 162 -67.47 -20.12 -9.94
CA GLY D 162 -66.86 -21.43 -9.76
C GLY D 162 -67.35 -22.58 -10.59
N ALA D 163 -68.65 -22.86 -10.53
CA ALA D 163 -69.23 -23.98 -11.26
C ALA D 163 -68.64 -24.16 -12.64
N LEU D 164 -68.51 -23.06 -13.38
CA LEU D 164 -67.95 -23.13 -14.73
C LEU D 164 -66.42 -22.98 -14.72
N THR D 165 -65.74 -24.10 -14.96
CA THR D 165 -64.28 -24.09 -14.98
C THR D 165 -63.77 -24.95 -16.12
N SER D 166 -64.65 -25.25 -17.06
CA SER D 166 -64.23 -26.06 -18.19
C SER D 166 -64.33 -25.24 -19.44
N GLY D 167 -63.24 -25.23 -20.19
CA GLY D 167 -63.23 -24.50 -21.45
C GLY D 167 -62.85 -23.06 -21.25
N VAL D 168 -62.65 -22.69 -20.00
CA VAL D 168 -62.25 -21.33 -19.73
C VAL D 168 -60.79 -21.23 -20.06
N HIS D 169 -60.41 -20.08 -20.65
CA HIS D 169 -59.03 -19.75 -21.04
C HIS D 169 -59.02 -18.26 -20.66
N THR D 170 -58.53 -17.94 -19.47
CA THR D 170 -58.47 -16.52 -19.11
C THR D 170 -57.03 -16.06 -19.35
N PHE D 171 -56.86 -15.25 -20.40
CA PHE D 171 -55.56 -14.75 -20.83
C PHE D 171 -54.73 -13.92 -19.87
N PRO D 172 -53.43 -13.86 -20.12
CA PRO D 172 -52.54 -13.09 -19.28
C PRO D 172 -52.78 -11.64 -19.58
N ALA D 173 -52.57 -10.78 -18.59
CA ALA D 173 -52.76 -9.35 -18.77
C ALA D 173 -51.73 -8.79 -19.74
N VAL D 174 -52.11 -7.71 -20.41
CA VAL D 174 -51.19 -7.08 -21.32
C VAL D 174 -51.38 -5.58 -21.18
N LEU D 175 -50.33 -4.94 -20.72
CA LEU D 175 -50.28 -3.50 -20.51
C LEU D 175 -50.46 -2.80 -21.84
N GLN D 176 -51.66 -2.37 -22.14
CA GLN D 176 -51.86 -1.69 -23.39
C GLN D 176 -51.15 -0.35 -23.17
N SER D 177 -51.03 0.42 -24.25
CA SER D 177 -50.40 1.73 -24.20
C SER D 177 -51.18 2.44 -23.09
N SER D 178 -51.04 3.75 -22.95
CA SER D 178 -51.76 4.39 -21.86
C SER D 178 -51.11 3.63 -20.67
N GLY D 179 -51.69 3.69 -19.47
CA GLY D 179 -51.02 3.04 -18.37
C GLY D 179 -51.59 1.77 -17.80
N LEU D 180 -52.83 1.47 -18.18
CA LEU D 180 -53.55 0.30 -17.63
C LEU D 180 -53.46 -1.04 -18.36
N TYR D 181 -53.80 -2.09 -17.63
CA TYR D 181 -53.81 -3.46 -18.15
C TYR D 181 -55.19 -3.85 -18.73
N SER D 182 -55.21 -4.86 -19.58
CA SER D 182 -56.47 -5.33 -20.15
C SER D 182 -56.43 -6.78 -20.58
N LEU D 183 -57.07 -7.64 -19.78
CA LEU D 183 -57.14 -9.05 -20.08
C LEU D 183 -58.56 -9.48 -20.41
N SER D 184 -58.67 -10.55 -21.19
CA SER D 184 -59.97 -11.08 -21.59
C SER D 184 -60.07 -12.54 -21.13
N SER D 185 -61.16 -12.86 -20.45
CA SER D 185 -61.39 -14.24 -20.00
C SER D 185 -62.43 -14.86 -20.92
N VAL D 186 -62.08 -15.99 -21.50
CA VAL D 186 -63.01 -16.59 -22.44
C VAL D 186 -63.30 -18.05 -22.15
N VAL D 187 -64.45 -18.51 -22.65
CA VAL D 187 -64.88 -19.90 -22.46
C VAL D 187 -65.71 -20.36 -23.65
N THR D 188 -65.54 -21.64 -23.99
CA THR D 188 -66.30 -22.20 -25.08
C THR D 188 -67.30 -23.19 -24.48
N VAL D 189 -68.54 -23.05 -24.91
CA VAL D 189 -69.61 -23.86 -24.40
C VAL D 189 -70.35 -24.36 -25.60
N PRO D 190 -71.17 -25.41 -25.42
CA PRO D 190 -71.94 -25.93 -26.55
C PRO D 190 -72.90 -24.85 -26.98
N SER D 191 -73.05 -24.69 -28.28
CA SER D 191 -73.96 -23.67 -28.80
C SER D 191 -75.36 -23.94 -28.29
N SER D 192 -75.82 -25.16 -28.49
CA SER D 192 -77.16 -25.57 -28.06
C SER D 192 -77.43 -25.16 -26.60
N SER D 193 -76.40 -24.80 -25.86
CA SER D 193 -76.60 -24.41 -24.48
C SER D 193 -77.16 -23.01 -24.31
N LEU D 194 -76.59 -22.05 -25.03
CA LEU D 194 -76.97 -20.65 -24.91
C LEU D 194 -78.42 -20.39 -24.51
N GLY D 195 -79.28 -21.34 -24.84
CA GLY D 195 -80.68 -21.22 -24.51
C GLY D 195 -81.06 -21.58 -23.08
N THR D 196 -80.83 -22.84 -22.72
CA THR D 196 -81.17 -23.32 -21.39
C THR D 196 -80.14 -22.88 -20.32
N GLN D 197 -78.95 -22.50 -20.76
CA GLN D 197 -77.87 -22.13 -19.82
C GLN D 197 -77.51 -20.66 -19.79
N THR D 198 -77.17 -20.17 -18.60
CA THR D 198 -76.76 -18.77 -18.42
C THR D 198 -75.29 -18.76 -18.03
N TYR D 199 -74.62 -17.64 -18.24
CA TYR D 199 -73.20 -17.51 -17.89
C TYR D 199 -72.85 -16.12 -17.37
N ILE D 200 -72.10 -16.10 -16.29
CA ILE D 200 -71.69 -14.84 -15.73
C ILE D 200 -70.24 -14.93 -15.42
N CYS D 201 -69.53 -13.84 -15.67
CA CYS D 201 -68.12 -13.79 -15.37
C CYS D 201 -68.01 -12.98 -14.10
N ASN D 202 -67.01 -13.30 -13.29
CA ASN D 202 -66.83 -12.61 -12.05
C ASN D 202 -65.48 -11.91 -11.92
N VAL D 203 -65.37 -10.68 -12.40
CA VAL D 203 -64.12 -9.97 -12.30
C VAL D 203 -63.99 -9.43 -10.89
N ASN D 204 -62.81 -9.62 -10.33
CA ASN D 204 -62.54 -9.10 -8.99
C ASN D 204 -61.16 -8.41 -8.97
N HIS D 205 -61.18 -7.10 -8.79
CA HIS D 205 -59.95 -6.31 -8.73
C HIS D 205 -59.62 -5.79 -7.33
N LYS D 206 -59.20 -6.70 -6.45
CA LYS D 206 -58.86 -6.38 -5.06
C LYS D 206 -58.11 -5.08 -4.89
N PRO D 207 -57.02 -4.88 -5.62
CA PRO D 207 -56.23 -3.64 -5.51
C PRO D 207 -57.07 -2.36 -5.61
N SER D 208 -58.37 -2.51 -5.75
CA SER D 208 -59.24 -1.36 -5.83
C SER D 208 -60.58 -1.75 -5.22
N ASN D 209 -60.63 -2.92 -4.57
CA ASN D 209 -61.86 -3.40 -3.95
C ASN D 209 -62.88 -3.75 -5.03
N THR D 210 -62.54 -3.44 -6.27
CA THR D 210 -63.43 -3.69 -7.39
C THR D 210 -63.90 -5.14 -7.52
N LYS D 211 -65.12 -5.30 -8.01
CA LYS D 211 -65.72 -6.59 -8.24
C LYS D 211 -66.95 -6.39 -9.12
N VAL D 212 -67.05 -7.18 -10.20
CA VAL D 212 -68.17 -7.08 -11.11
C VAL D 212 -68.58 -8.48 -11.56
N ASP D 213 -69.85 -8.64 -11.91
CA ASP D 213 -70.38 -9.92 -12.37
C ASP D 213 -71.15 -9.65 -13.65
N LYS D 214 -70.45 -9.79 -14.78
CA LYS D 214 -71.05 -9.58 -16.09
C LYS D 214 -71.78 -10.84 -16.57
N LYS D 215 -73.08 -10.70 -16.81
CA LYS D 215 -73.88 -11.82 -17.28
C LYS D 215 -73.67 -11.76 -18.78
N VAL D 216 -72.89 -12.69 -19.30
CA VAL D 216 -72.69 -12.67 -20.73
C VAL D 216 -73.92 -13.28 -21.35
N GLU D 217 -74.54 -12.55 -22.26
CA GLU D 217 -75.71 -13.07 -22.95
C GLU D 217 -75.44 -12.95 -24.44
N PRO D 218 -75.98 -13.89 -25.23
CA PRO D 218 -75.80 -13.91 -26.68
C PRO D 218 -76.49 -12.77 -27.40
N LYS D 219 -75.90 -11.58 -27.35
CA LYS D 219 -76.46 -10.43 -28.05
C LYS D 219 -76.15 -10.71 -29.53
N ASP E 1 -18.81 -8.13 -22.14
CA ASP E 1 -19.55 -9.17 -21.39
C ASP E 1 -19.62 -10.40 -22.28
N ILE E 2 -19.64 -11.58 -21.65
CA ILE E 2 -19.76 -12.83 -22.41
C ILE E 2 -21.20 -13.00 -22.83
N VAL E 3 -21.47 -13.56 -24.00
CA VAL E 3 -22.86 -13.73 -24.43
C VAL E 3 -23.15 -15.19 -24.67
N LEU E 4 -24.15 -15.73 -23.96
CA LEU E 4 -24.49 -17.15 -24.09
C LEU E 4 -25.69 -17.29 -24.94
N THR E 5 -25.62 -18.18 -25.91
CA THR E 5 -26.74 -18.37 -26.82
C THR E 5 -27.17 -19.76 -26.63
N GLN E 6 -28.44 -19.96 -26.24
CA GLN E 6 -28.93 -21.33 -26.03
C GLN E 6 -29.58 -21.80 -27.29
N SER E 7 -30.06 -23.02 -27.30
CA SER E 7 -30.71 -23.57 -28.47
C SER E 7 -31.09 -25.04 -28.20
N PRO E 8 -32.27 -25.45 -28.68
CA PRO E 8 -33.24 -24.67 -29.44
C PRO E 8 -33.79 -23.71 -28.47
N ALA E 9 -34.61 -22.79 -28.92
CA ALA E 9 -35.18 -21.86 -28.00
C ALA E 9 -36.33 -22.63 -27.34
N THR E 10 -37.00 -23.46 -28.14
CA THR E 10 -38.08 -24.29 -27.64
C THR E 10 -37.75 -25.70 -28.01
N LEU E 11 -37.79 -26.59 -27.02
CA LEU E 11 -37.51 -28.00 -27.25
C LEU E 11 -38.81 -28.63 -26.78
N SER E 12 -39.50 -29.27 -27.72
CA SER E 12 -40.75 -29.94 -27.44
C SER E 12 -40.42 -31.39 -27.44
N VAL E 13 -40.59 -31.97 -26.28
CA VAL E 13 -40.30 -33.34 -26.04
C VAL E 13 -41.53 -33.92 -25.32
N SER E 14 -41.63 -35.23 -25.30
CA SER E 14 -42.75 -35.88 -24.62
C SER E 14 -42.15 -36.51 -23.38
N PRO E 15 -42.99 -36.82 -22.36
CA PRO E 15 -42.44 -37.44 -21.16
C PRO E 15 -41.92 -38.73 -21.71
N GLY E 16 -40.86 -39.25 -21.12
CA GLY E 16 -40.32 -40.46 -21.65
C GLY E 16 -39.35 -40.18 -22.76
N GLU E 17 -39.34 -38.94 -23.26
CA GLU E 17 -38.43 -38.59 -24.35
C GLU E 17 -37.19 -37.99 -23.70
N ARG E 18 -36.03 -38.22 -24.30
CA ARG E 18 -34.80 -37.65 -23.77
C ARG E 18 -34.62 -36.26 -24.43
N ALA E 19 -34.18 -35.30 -23.65
CA ALA E 19 -34.02 -33.99 -24.20
C ALA E 19 -32.68 -33.44 -23.79
N THR E 20 -32.00 -32.78 -24.73
CA THR E 20 -30.71 -32.18 -24.43
C THR E 20 -30.62 -30.76 -25.05
N ILE E 21 -30.47 -29.75 -24.21
CA ILE E 21 -30.37 -28.34 -24.60
C ILE E 21 -28.88 -28.02 -24.69
N SER E 22 -28.53 -26.94 -25.37
CA SER E 22 -27.12 -26.61 -25.54
C SER E 22 -26.96 -25.15 -25.37
N CYS E 23 -25.83 -24.77 -24.81
CA CYS E 23 -25.56 -23.39 -24.49
C CYS E 23 -24.35 -22.95 -25.25
N ARG E 24 -24.15 -21.64 -25.31
CA ARG E 24 -23.03 -21.12 -26.07
C ARG E 24 -22.31 -19.88 -25.65
N ALA E 25 -21.03 -20.02 -25.35
CA ALA E 25 -20.26 -18.87 -24.91
C ALA E 25 -19.58 -18.10 -26.03
N SER E 26 -19.70 -16.77 -25.94
CA SER E 26 -19.08 -15.90 -26.93
C SER E 26 -17.58 -16.08 -26.80
N GLN E 27 -17.16 -16.82 -25.80
CA GLN E 27 -15.73 -17.11 -25.58
C GLN E 27 -15.58 -18.33 -24.68
N ARG E 28 -14.44 -18.98 -24.72
CA ARG E 28 -14.28 -20.15 -23.87
C ARG E 28 -14.52 -19.68 -22.43
N VAL E 29 -15.00 -20.58 -21.57
CA VAL E 29 -15.18 -20.24 -20.18
C VAL E 29 -14.81 -21.45 -19.38
N SER E 30 -14.03 -22.33 -19.99
CA SER E 30 -13.61 -23.52 -19.32
C SER E 30 -12.11 -23.49 -19.28
N SER E 31 -11.50 -23.62 -18.14
CA SER E 31 -10.09 -23.58 -18.17
C SER E 31 -9.52 -24.96 -17.96
N SER E 32 -8.36 -25.10 -17.30
CA SER E 32 -7.71 -26.42 -17.15
C SER E 32 -8.26 -27.42 -16.20
N THR E 33 -9.21 -27.04 -15.36
CA THR E 33 -9.75 -28.06 -14.48
C THR E 33 -11.25 -27.97 -14.42
N TYR E 34 -11.79 -26.76 -14.57
CA TYR E 34 -13.24 -26.58 -14.51
C TYR E 34 -13.79 -25.76 -15.66
N SER E 35 -15.09 -25.86 -15.87
CA SER E 35 -15.74 -25.10 -16.90
C SER E 35 -16.69 -24.29 -16.08
N TYR E 36 -16.59 -22.97 -16.08
CA TYR E 36 -17.48 -22.18 -15.23
C TYR E 36 -18.89 -21.95 -15.79
N MET E 37 -19.60 -23.05 -16.05
CA MET E 37 -20.95 -23.02 -16.60
C MET E 37 -21.93 -23.70 -15.61
N HIS E 38 -23.14 -23.18 -15.50
CA HIS E 38 -24.14 -23.80 -14.64
C HIS E 38 -25.50 -23.72 -15.29
N TRP E 39 -26.35 -24.67 -14.93
CA TRP E 39 -27.68 -24.68 -15.52
C TRP E 39 -28.79 -24.56 -14.49
N TYR E 40 -29.85 -23.87 -14.89
CA TYR E 40 -31.00 -23.67 -14.04
C TYR E 40 -32.27 -24.02 -14.79
N GLN E 41 -33.27 -24.49 -14.05
CA GLN E 41 -34.53 -24.74 -14.71
C GLN E 41 -35.34 -23.70 -13.98
N GLN E 42 -36.37 -23.15 -14.64
CA GLN E 42 -37.22 -22.19 -13.95
C GLN E 42 -38.61 -22.39 -14.40
N LYS E 43 -39.52 -22.54 -13.42
CA LYS E 43 -40.96 -22.74 -13.67
C LYS E 43 -41.67 -21.38 -13.68
N PRO E 44 -42.85 -21.35 -14.25
CA PRO E 44 -43.58 -20.07 -14.30
C PRO E 44 -43.84 -19.62 -12.90
N GLY E 45 -43.77 -18.33 -12.62
CA GLY E 45 -44.03 -17.84 -11.28
C GLY E 45 -42.89 -18.05 -10.30
N GLN E 46 -42.06 -19.06 -10.52
CA GLN E 46 -40.98 -19.36 -9.59
C GLN E 46 -39.60 -18.87 -10.02
N PRO E 47 -38.63 -18.83 -9.11
CA PRO E 47 -37.31 -18.36 -9.50
C PRO E 47 -36.56 -19.58 -9.96
N PRO E 48 -35.41 -19.41 -10.64
CA PRO E 48 -34.57 -20.52 -11.12
C PRO E 48 -34.16 -21.45 -9.97
N LYS E 49 -33.90 -22.71 -10.29
CA LYS E 49 -33.49 -23.71 -9.32
C LYS E 49 -32.24 -24.28 -9.94
N LEU E 50 -31.17 -24.30 -9.18
CA LEU E 50 -29.92 -24.79 -9.72
C LEU E 50 -29.98 -26.26 -9.97
N LEU E 51 -29.60 -26.70 -11.16
CA LEU E 51 -29.57 -28.12 -11.40
C LEU E 51 -28.13 -28.58 -11.51
N ILE E 52 -27.36 -27.96 -12.40
CA ILE E 52 -26.00 -28.39 -12.59
C ILE E 52 -25.03 -27.23 -12.41
N LYS E 53 -23.89 -27.51 -11.78
CA LYS E 53 -22.89 -26.46 -11.56
C LYS E 53 -21.57 -26.93 -12.11
N TYR E 54 -20.80 -26.00 -12.66
CA TYR E 54 -19.52 -26.32 -13.26
C TYR E 54 -19.70 -27.30 -14.40
N ALA E 55 -20.63 -26.98 -15.29
CA ALA E 55 -20.85 -27.77 -16.47
C ALA E 55 -21.28 -29.20 -16.33
N SER E 56 -20.81 -29.87 -15.30
CA SER E 56 -21.17 -31.27 -15.19
C SER E 56 -21.50 -31.89 -13.84
N ASN E 57 -21.46 -31.14 -12.75
CA ASN E 57 -21.80 -31.75 -11.46
C ASN E 57 -23.18 -31.36 -11.02
N LEU E 58 -23.99 -32.38 -10.68
CA LEU E 58 -25.35 -32.19 -10.24
C LEU E 58 -25.33 -31.45 -8.93
N GLU E 59 -26.23 -30.49 -8.80
CA GLU E 59 -26.31 -29.74 -7.56
C GLU E 59 -26.87 -30.74 -6.57
N SER E 60 -26.75 -30.47 -5.29
CA SER E 60 -27.31 -31.43 -4.35
C SER E 60 -28.85 -31.46 -4.41
N GLY E 61 -29.41 -32.66 -4.58
CA GLY E 61 -30.86 -32.76 -4.63
C GLY E 61 -31.42 -32.90 -6.03
N VAL E 62 -30.66 -32.48 -7.02
CA VAL E 62 -31.17 -32.62 -8.35
C VAL E 62 -31.17 -34.11 -8.64
N PRO E 63 -32.22 -34.60 -9.27
CA PRO E 63 -32.40 -35.99 -9.65
C PRO E 63 -31.36 -36.39 -10.71
N ALA E 64 -30.98 -37.65 -10.73
CA ALA E 64 -29.97 -38.13 -11.68
C ALA E 64 -30.30 -38.04 -13.16
N ARG E 65 -31.55 -37.83 -13.57
CA ARG E 65 -31.78 -37.77 -15.03
C ARG E 65 -30.95 -36.64 -15.56
N PHE E 66 -31.00 -35.54 -14.80
CA PHE E 66 -30.27 -34.32 -15.14
C PHE E 66 -28.80 -34.56 -15.15
N SER E 67 -28.19 -34.10 -16.22
CA SER E 67 -26.78 -34.25 -16.41
C SER E 67 -26.35 -33.11 -17.33
N GLY E 68 -25.04 -32.85 -17.37
CA GLY E 68 -24.49 -31.79 -18.21
C GLY E 68 -23.04 -31.99 -18.65
N SER E 69 -22.74 -31.61 -19.90
CA SER E 69 -21.36 -31.74 -20.39
C SER E 69 -20.95 -30.54 -21.26
N GLY E 70 -19.72 -30.56 -21.75
CA GLY E 70 -19.24 -29.47 -22.60
C GLY E 70 -17.94 -28.94 -22.10
N SER E 71 -17.44 -27.88 -22.71
CA SER E 71 -16.15 -27.26 -22.35
C SER E 71 -15.87 -26.13 -23.33
N GLY E 72 -15.04 -25.20 -22.91
CA GLY E 72 -14.75 -24.10 -23.78
C GLY E 72 -15.96 -23.22 -24.02
N THR E 73 -16.62 -23.37 -25.16
CA THR E 73 -17.73 -22.50 -25.48
C THR E 73 -19.06 -23.15 -25.69
N ASP E 74 -19.06 -24.48 -25.69
CA ASP E 74 -20.28 -25.24 -25.90
C ASP E 74 -20.58 -26.21 -24.76
N PHE E 75 -21.83 -26.16 -24.27
CA PHE E 75 -22.27 -27.01 -23.19
C PHE E 75 -23.66 -27.47 -23.43
N THR E 76 -23.95 -28.63 -22.86
CA THR E 76 -25.28 -29.23 -22.96
C THR E 76 -25.74 -29.61 -21.56
N LEU E 77 -27.05 -29.81 -21.46
CA LEU E 77 -27.68 -30.20 -20.23
C LEU E 77 -28.70 -31.21 -20.71
N THR E 78 -28.73 -32.41 -20.17
CA THR E 78 -29.75 -33.32 -20.69
C THR E 78 -30.41 -34.25 -19.70
N ILE E 79 -31.74 -34.24 -19.75
CA ILE E 79 -32.59 -35.08 -18.90
C ILE E 79 -32.63 -36.44 -19.58
N SER E 80 -32.28 -37.53 -18.89
CA SER E 80 -32.28 -38.83 -19.59
C SER E 80 -33.65 -39.30 -20.10
N SER E 81 -34.71 -38.89 -19.43
CA SER E 81 -36.06 -39.23 -19.86
C SER E 81 -36.96 -38.26 -19.09
N VAL E 82 -37.52 -37.32 -19.85
CA VAL E 82 -38.37 -36.28 -19.34
C VAL E 82 -39.51 -36.83 -18.46
N GLU E 83 -39.84 -36.07 -17.41
CA GLU E 83 -40.93 -36.40 -16.51
C GLU E 83 -41.79 -35.15 -16.43
N PRO E 84 -43.09 -35.29 -16.26
CA PRO E 84 -43.92 -34.10 -16.21
C PRO E 84 -43.37 -32.94 -15.45
N GLU E 85 -42.78 -33.17 -14.29
CA GLU E 85 -42.27 -32.03 -13.52
C GLU E 85 -41.18 -31.24 -14.27
N ASP E 86 -40.43 -31.98 -15.11
CA ASP E 86 -39.34 -31.44 -15.92
C ASP E 86 -39.67 -30.33 -16.90
N PHE E 87 -40.87 -30.32 -17.45
CA PHE E 87 -41.24 -29.27 -18.40
C PHE E 87 -41.20 -27.93 -17.69
N ALA E 88 -40.32 -27.08 -18.20
CA ALA E 88 -40.06 -25.76 -17.69
C ALA E 88 -39.17 -25.06 -18.72
N THR E 89 -38.48 -24.04 -18.27
CA THR E 89 -37.58 -23.31 -19.13
C THR E 89 -36.24 -23.31 -18.44
N TYR E 90 -35.23 -23.63 -19.21
CA TYR E 90 -33.86 -23.73 -18.69
C TYR E 90 -32.87 -22.68 -19.15
N TYR E 91 -32.06 -22.19 -18.21
CA TYR E 91 -30.99 -21.22 -18.50
C TYR E 91 -29.57 -21.72 -18.20
N CYS E 92 -28.65 -21.44 -19.09
CA CYS E 92 -27.26 -21.81 -18.82
C CYS E 92 -26.61 -20.48 -18.37
N GLN E 93 -25.61 -20.54 -17.51
CA GLN E 93 -25.02 -19.29 -17.07
C GLN E 93 -23.65 -19.56 -16.58
N HIS E 94 -22.73 -18.69 -16.96
CA HIS E 94 -21.34 -18.81 -16.58
C HIS E 94 -21.02 -18.10 -15.28
N SER E 95 -19.71 -18.01 -15.03
CA SER E 95 -19.18 -17.40 -13.84
C SER E 95 -17.67 -17.25 -14.12
N TRP E 96 -17.39 -16.93 -15.38
CA TRP E 96 -16.00 -16.77 -15.82
C TRP E 96 -15.42 -15.43 -15.36
N GLU E 97 -16.30 -14.43 -15.23
CA GLU E 97 -15.89 -13.11 -14.82
C GLU E 97 -17.11 -12.29 -14.45
N ILE E 98 -16.90 -11.05 -14.07
CA ILE E 98 -18.03 -10.22 -13.75
C ILE E 98 -18.41 -9.48 -15.07
N PRO E 99 -19.70 -9.37 -15.39
CA PRO E 99 -20.88 -9.86 -14.67
C PRO E 99 -21.26 -11.24 -15.12
N PRO E 100 -21.74 -12.08 -14.20
CA PRO E 100 -22.11 -13.40 -14.71
C PRO E 100 -23.27 -13.08 -15.61
N THR E 101 -23.49 -13.91 -16.63
CA THR E 101 -24.57 -13.62 -17.54
C THR E 101 -25.31 -14.87 -17.95
N PHE E 102 -26.63 -14.75 -18.15
CA PHE E 102 -27.46 -15.91 -18.50
C PHE E 102 -27.73 -16.11 -19.98
N GLY E 103 -28.03 -17.34 -20.37
CA GLY E 103 -28.36 -17.58 -21.75
C GLY E 103 -29.76 -17.05 -22.01
N GLY E 104 -30.22 -17.14 -23.24
CA GLY E 104 -31.55 -16.66 -23.52
C GLY E 104 -32.63 -17.54 -22.92
N GLY E 105 -32.32 -18.82 -22.74
CA GLY E 105 -33.29 -19.72 -22.18
C GLY E 105 -33.88 -20.62 -23.24
N THR E 106 -34.41 -21.77 -22.81
CA THR E 106 -34.98 -22.71 -23.73
C THR E 106 -36.21 -23.16 -23.01
N LYS E 107 -37.33 -23.23 -23.69
CA LYS E 107 -38.54 -23.69 -23.08
C LYS E 107 -38.58 -25.16 -23.41
N LEU E 108 -38.86 -25.99 -22.41
CA LEU E 108 -38.95 -27.42 -22.62
C LEU E 108 -40.42 -27.69 -22.73
N GLU E 109 -40.97 -27.47 -23.91
CA GLU E 109 -42.38 -27.65 -24.23
C GLU E 109 -42.81 -29.12 -24.37
N ILE E 110 -44.09 -29.37 -24.27
CA ILE E 110 -44.60 -30.72 -24.36
C ILE E 110 -44.95 -31.07 -25.78
N LYS E 111 -44.31 -32.09 -26.36
CA LYS E 111 -44.65 -32.50 -27.74
C LYS E 111 -46.12 -32.91 -27.71
N ARG E 112 -46.80 -32.75 -28.83
CA ARG E 112 -48.19 -33.15 -28.97
C ARG E 112 -48.56 -32.87 -30.42
N THR E 113 -49.33 -33.76 -31.03
CA THR E 113 -49.66 -33.57 -32.45
C THR E 113 -50.25 -32.21 -32.71
N VAL E 114 -49.99 -31.75 -33.93
CA VAL E 114 -50.47 -30.46 -34.38
C VAL E 114 -51.94 -30.36 -34.15
N ALA E 115 -52.45 -29.15 -34.17
CA ALA E 115 -53.86 -28.95 -33.91
C ALA E 115 -54.20 -27.57 -34.45
N ALA E 116 -55.09 -27.53 -35.43
CA ALA E 116 -55.46 -26.24 -36.02
C ALA E 116 -56.23 -25.45 -35.01
N PRO E 117 -56.10 -24.13 -35.02
CA PRO E 117 -56.86 -23.40 -34.03
C PRO E 117 -58.26 -23.10 -34.54
N SER E 118 -59.21 -22.89 -33.62
CA SER E 118 -60.59 -22.53 -33.97
C SER E 118 -60.71 -21.05 -33.57
N VAL E 119 -60.79 -20.18 -34.57
CA VAL E 119 -60.85 -18.76 -34.30
C VAL E 119 -62.25 -18.26 -34.15
N PHE E 120 -62.43 -17.21 -33.36
CA PHE E 120 -63.74 -16.61 -33.12
C PHE E 120 -63.53 -15.12 -32.95
N ILE E 121 -64.36 -14.33 -33.61
CA ILE E 121 -64.23 -12.88 -33.57
C ILE E 121 -65.37 -12.22 -32.86
N PHE E 122 -65.02 -11.43 -31.85
CA PHE E 122 -66.00 -10.69 -31.06
C PHE E 122 -65.93 -9.20 -31.38
N PRO E 123 -67.06 -8.59 -31.79
CA PRO E 123 -67.11 -7.17 -32.13
C PRO E 123 -67.48 -6.37 -30.89
N PRO E 124 -67.10 -5.08 -30.83
CA PRO E 124 -67.33 -4.12 -29.73
C PRO E 124 -68.59 -4.24 -28.90
N SER E 125 -68.39 -4.49 -27.61
CA SER E 125 -69.51 -4.59 -26.70
C SER E 125 -70.20 -3.25 -26.84
N ASP E 126 -71.48 -3.27 -27.20
CA ASP E 126 -72.24 -2.03 -27.34
C ASP E 126 -71.98 -1.17 -26.09
N GLU E 127 -72.01 -1.82 -24.94
CA GLU E 127 -71.77 -1.13 -23.67
C GLU E 127 -70.39 -0.45 -23.64
N GLN E 128 -69.40 -1.08 -24.30
CA GLN E 128 -68.04 -0.54 -24.35
C GLN E 128 -67.92 0.65 -25.31
N LEU E 129 -68.81 0.69 -26.31
CA LEU E 129 -68.78 1.76 -27.29
C LEU E 129 -69.34 3.00 -26.64
N LYS E 130 -70.15 2.79 -25.60
CA LYS E 130 -70.75 3.89 -24.86
C LYS E 130 -69.63 4.55 -24.03
N SER E 131 -68.40 4.23 -24.38
CA SER E 131 -67.26 4.77 -23.66
C SER E 131 -66.22 5.32 -24.60
N GLY E 132 -66.61 5.52 -25.85
CA GLY E 132 -65.69 6.06 -26.83
C GLY E 132 -64.62 5.12 -27.31
N THR E 133 -64.50 3.96 -26.69
CA THR E 133 -63.48 3.00 -27.13
C THR E 133 -64.14 1.77 -27.73
N ALA E 134 -63.58 1.34 -28.87
CA ALA E 134 -64.08 0.16 -29.57
C ALA E 134 -62.90 -0.80 -29.78
N SER E 135 -62.92 -1.92 -29.09
CA SER E 135 -61.83 -2.85 -29.24
C SER E 135 -62.40 -4.16 -29.70
N VAL E 136 -61.90 -4.72 -30.79
CA VAL E 136 -62.42 -5.99 -31.28
C VAL E 136 -61.47 -7.13 -30.97
N VAL E 137 -61.98 -8.14 -30.29
CA VAL E 137 -61.16 -9.29 -29.92
C VAL E 137 -61.36 -10.48 -30.84
N CYS E 138 -60.25 -11.04 -31.27
CA CYS E 138 -60.22 -12.20 -32.14
C CYS E 138 -59.62 -13.30 -31.25
N LEU E 139 -60.10 -14.53 -31.36
CA LEU E 139 -59.58 -15.58 -30.49
C LEU E 139 -59.29 -16.90 -31.15
N LEU E 140 -58.06 -17.38 -30.98
CA LEU E 140 -57.67 -18.66 -31.56
C LEU E 140 -57.71 -19.68 -30.45
N ASN E 141 -58.73 -20.56 -30.45
CA ASN E 141 -58.74 -21.55 -29.39
C ASN E 141 -58.01 -22.88 -29.60
N ASN E 142 -57.46 -23.35 -28.49
CA ASN E 142 -56.78 -24.60 -28.40
C ASN E 142 -56.08 -25.05 -29.67
N PHE E 143 -54.94 -24.42 -29.95
CA PHE E 143 -54.09 -24.74 -31.12
C PHE E 143 -52.68 -25.16 -30.66
N TYR E 144 -51.89 -25.62 -31.61
CA TYR E 144 -50.52 -26.01 -31.29
C TYR E 144 -49.96 -26.47 -32.61
N PRO E 145 -48.67 -26.19 -32.88
CA PRO E 145 -47.66 -25.52 -32.04
C PRO E 145 -48.08 -24.12 -31.74
N ARG E 146 -47.24 -23.45 -30.96
CA ARG E 146 -47.48 -22.08 -30.55
C ARG E 146 -47.31 -21.00 -31.63
N GLU E 147 -46.61 -21.34 -32.72
CA GLU E 147 -46.39 -20.41 -33.80
C GLU E 147 -47.72 -20.10 -34.50
N ALA E 148 -48.15 -18.85 -34.46
CA ALA E 148 -49.42 -18.51 -35.06
C ALA E 148 -49.56 -17.05 -35.52
N LYS E 149 -49.52 -16.81 -36.83
CA LYS E 149 -49.67 -15.45 -37.32
C LYS E 149 -51.12 -15.04 -37.33
N VAL E 150 -51.35 -13.81 -36.91
CA VAL E 150 -52.70 -13.25 -36.80
C VAL E 150 -52.77 -11.78 -37.27
N GLN E 151 -52.93 -11.57 -38.58
CA GLN E 151 -52.99 -10.23 -39.16
C GLN E 151 -54.38 -9.68 -39.07
N TRP E 152 -54.50 -8.35 -38.87
CA TRP E 152 -55.81 -7.70 -38.81
C TRP E 152 -56.08 -6.86 -40.07
N LYS E 153 -57.34 -6.83 -40.50
CA LYS E 153 -57.70 -6.07 -41.69
C LYS E 153 -59.04 -5.30 -41.55
N VAL E 154 -58.95 -3.96 -41.55
CA VAL E 154 -60.13 -3.12 -41.44
C VAL E 154 -60.47 -2.52 -42.78
N ASP E 155 -61.66 -2.82 -43.27
CA ASP E 155 -62.17 -2.34 -44.55
C ASP E 155 -61.10 -2.58 -45.60
N ASN E 156 -60.58 -3.80 -45.62
CA ASN E 156 -59.57 -4.22 -46.56
C ASN E 156 -58.25 -3.56 -46.23
N ALA E 157 -58.28 -2.59 -45.33
CA ALA E 157 -57.04 -1.93 -44.95
C ALA E 157 -56.25 -2.81 -43.98
N LEU E 158 -55.20 -3.48 -44.47
CA LEU E 158 -54.42 -4.36 -43.59
C LEU E 158 -53.87 -3.64 -42.37
N GLN E 159 -54.51 -3.83 -41.23
CA GLN E 159 -54.06 -3.23 -39.98
C GLN E 159 -52.56 -3.49 -39.86
N SER E 160 -51.90 -2.74 -38.98
CA SER E 160 -50.47 -2.92 -38.77
C SER E 160 -49.96 -1.98 -37.71
N GLY E 161 -50.82 -1.03 -37.37
CA GLY E 161 -50.43 -0.07 -36.36
C GLY E 161 -50.49 -0.74 -35.02
N ASN E 162 -51.69 -0.76 -34.42
CA ASN E 162 -51.84 -1.35 -33.09
C ASN E 162 -52.95 -2.35 -32.80
N SER E 163 -52.48 -3.49 -32.31
CA SER E 163 -53.24 -4.64 -31.90
C SER E 163 -52.33 -5.34 -30.88
N GLN E 164 -52.93 -6.01 -29.90
CA GLN E 164 -52.19 -6.70 -28.85
C GLN E 164 -52.59 -8.18 -28.68
N GLU E 165 -51.59 -9.05 -28.79
CA GLU E 165 -51.74 -10.49 -28.62
C GLU E 165 -51.42 -10.87 -27.15
N SER E 166 -52.07 -11.94 -26.68
CA SER E 166 -51.83 -12.51 -25.35
C SER E 166 -51.99 -14.03 -25.46
N VAL E 167 -51.14 -14.81 -24.82
CA VAL E 167 -51.26 -16.25 -25.01
C VAL E 167 -51.32 -17.00 -23.69
N THR E 168 -51.67 -18.28 -23.76
CA THR E 168 -51.74 -19.08 -22.55
C THR E 168 -50.72 -20.20 -22.55
N GLU E 169 -50.37 -20.68 -21.37
CA GLU E 169 -49.41 -21.77 -21.28
C GLU E 169 -50.08 -23.05 -21.78
N GLN E 170 -49.30 -24.01 -22.25
CA GLN E 170 -49.94 -25.22 -22.73
C GLN E 170 -51.04 -25.64 -21.77
N ASP E 171 -52.19 -26.04 -22.34
CA ASP E 171 -53.35 -26.49 -21.55
C ASP E 171 -52.98 -27.71 -20.70
N SER E 172 -53.49 -27.73 -19.48
CA SER E 172 -53.23 -28.81 -18.55
C SER E 172 -54.01 -30.03 -19.02
N LYS E 173 -54.92 -29.85 -19.96
CA LYS E 173 -55.68 -30.97 -20.46
C LYS E 173 -55.15 -31.46 -21.82
N ASP E 174 -55.22 -30.63 -22.85
CA ASP E 174 -54.79 -31.02 -24.22
C ASP E 174 -53.37 -30.52 -24.61
N SER E 175 -52.73 -29.81 -23.68
CA SER E 175 -51.41 -29.29 -23.94
C SER E 175 -51.47 -28.49 -25.23
N THR E 176 -52.43 -27.57 -25.28
CA THR E 176 -52.57 -26.72 -26.46
C THR E 176 -52.74 -25.26 -26.10
N TYR E 177 -52.27 -24.39 -27.01
CA TYR E 177 -52.34 -22.96 -26.83
C TYR E 177 -53.66 -22.32 -27.19
N SER E 178 -53.79 -21.05 -26.83
CA SER E 178 -54.98 -20.27 -27.10
C SER E 178 -54.45 -18.87 -26.99
N LEU E 179 -54.54 -18.11 -28.07
CA LEU E 179 -54.03 -16.74 -28.06
C LEU E 179 -55.20 -15.78 -28.27
N SER E 180 -55.02 -14.53 -27.90
CA SER E 180 -56.08 -13.55 -28.05
C SER E 180 -55.56 -12.22 -28.60
N SER E 181 -55.78 -12.00 -29.90
CA SER E 181 -55.35 -10.74 -30.56
C SER E 181 -56.46 -9.71 -30.44
N THR E 182 -56.16 -8.57 -29.83
CA THR E 182 -57.20 -7.55 -29.66
C THR E 182 -57.04 -6.22 -30.39
N LEU E 183 -57.58 -6.11 -31.60
CA LEU E 183 -57.49 -4.85 -32.34
C LEU E 183 -58.26 -3.83 -31.51
N THR E 184 -57.79 -2.59 -31.50
CA THR E 184 -58.46 -1.56 -30.70
C THR E 184 -58.50 -0.17 -31.36
N LEU E 185 -59.70 0.20 -31.81
CA LEU E 185 -59.92 1.48 -32.48
C LEU E 185 -60.63 2.47 -31.58
N SER E 186 -60.71 3.71 -32.04
CA SER E 186 -61.41 4.74 -31.29
C SER E 186 -62.85 4.64 -31.76
N LYS E 187 -63.80 4.72 -30.82
CA LYS E 187 -65.24 4.64 -31.15
C LYS E 187 -65.49 5.29 -32.51
N ALA E 188 -64.75 6.37 -32.73
CA ALA E 188 -64.80 7.12 -33.97
C ALA E 188 -64.35 6.19 -35.08
N ASP E 189 -63.05 5.96 -35.16
CA ASP E 189 -62.51 5.10 -36.18
C ASP E 189 -63.36 3.87 -36.40
N TYR E 190 -63.81 3.27 -35.31
CA TYR E 190 -64.61 2.08 -35.45
C TYR E 190 -65.87 2.36 -36.25
N GLU E 191 -66.66 3.31 -35.78
CA GLU E 191 -67.90 3.70 -36.48
C GLU E 191 -67.60 4.17 -37.91
N LYS E 192 -66.31 4.42 -38.17
CA LYS E 192 -65.88 4.88 -39.48
C LYS E 192 -65.76 3.76 -40.52
N HIS E 193 -65.74 2.50 -40.09
CA HIS E 193 -65.59 1.42 -41.06
C HIS E 193 -66.63 0.29 -41.11
N LYS E 194 -66.60 -0.47 -42.20
CA LYS E 194 -67.57 -1.53 -42.39
C LYS E 194 -67.13 -2.89 -41.91
N VAL E 195 -66.11 -3.43 -42.55
CA VAL E 195 -65.68 -4.75 -42.19
C VAL E 195 -64.37 -4.85 -41.44
N TYR E 196 -64.41 -5.53 -40.30
CA TYR E 196 -63.23 -5.75 -39.47
C TYR E 196 -62.94 -7.23 -39.59
N ALA E 197 -61.67 -7.59 -39.79
CA ALA E 197 -61.31 -9.01 -39.95
C ALA E 197 -59.93 -9.41 -39.48
N CYS E 198 -59.89 -10.42 -38.62
CA CYS E 198 -58.62 -10.94 -38.14
C CYS E 198 -58.37 -12.21 -38.99
N GLU E 199 -57.18 -12.28 -39.59
CA GLU E 199 -56.76 -13.39 -40.44
C GLU E 199 -55.57 -14.14 -39.80
N VAL E 200 -55.77 -15.43 -39.54
CA VAL E 200 -54.75 -16.24 -38.89
C VAL E 200 -54.17 -17.34 -39.75
N THR E 201 -52.85 -17.48 -39.63
CA THR E 201 -52.11 -18.48 -40.38
C THR E 201 -51.48 -19.37 -39.34
N HIS E 202 -51.47 -20.67 -39.63
CA HIS E 202 -50.93 -21.67 -38.71
C HIS E 202 -50.88 -23.09 -39.31
N GLN E 203 -49.77 -23.77 -39.11
CA GLN E 203 -49.55 -25.16 -39.58
C GLN E 203 -50.77 -26.01 -39.67
N GLY E 204 -51.56 -25.97 -38.61
CA GLY E 204 -52.76 -26.75 -38.63
C GLY E 204 -53.55 -26.44 -39.88
N LEU E 205 -54.07 -25.21 -39.90
CA LEU E 205 -54.91 -24.70 -40.99
C LEU E 205 -54.31 -25.02 -42.32
N SER E 206 -55.05 -25.74 -43.15
CA SER E 206 -54.51 -26.07 -44.46
C SER E 206 -54.22 -24.75 -45.15
N SER E 207 -54.83 -23.68 -44.65
CA SER E 207 -54.66 -22.36 -45.24
C SER E 207 -55.26 -21.23 -44.39
N PRO E 208 -54.79 -19.98 -44.56
CA PRO E 208 -55.28 -18.83 -43.80
C PRO E 208 -56.77 -18.69 -43.66
N VAL E 209 -57.18 -18.92 -42.43
CA VAL E 209 -58.57 -18.82 -42.05
C VAL E 209 -58.80 -17.35 -41.74
N THR E 210 -59.78 -16.76 -42.40
CA THR E 210 -60.08 -15.36 -42.11
C THR E 210 -61.41 -15.33 -41.34
N LYS E 211 -61.56 -14.42 -40.41
CA LYS E 211 -62.81 -14.33 -39.68
C LYS E 211 -63.20 -12.87 -39.62
N SER E 212 -64.28 -12.51 -40.33
CA SER E 212 -64.70 -11.12 -40.39
C SER E 212 -66.13 -10.91 -40.03
N PHE E 213 -66.50 -9.65 -39.91
CA PHE E 213 -67.87 -9.29 -39.60
C PHE E 213 -68.00 -7.83 -40.01
N ASN E 214 -69.25 -7.37 -40.15
CA ASN E 214 -69.50 -5.99 -40.52
C ASN E 214 -70.35 -5.34 -39.45
N ARG E 215 -70.06 -4.08 -39.13
CA ARG E 215 -70.82 -3.38 -38.10
C ARG E 215 -72.33 -3.48 -38.37
N GLN F 1 -9.14 36.66 -19.98
CA GLN F 1 -7.63 36.66 -19.98
C GLN F 1 -7.10 35.87 -18.78
N VAL F 2 -6.17 34.94 -19.00
CA VAL F 2 -5.65 34.15 -17.88
C VAL F 2 -4.57 34.94 -17.14
N GLN F 3 -4.84 35.40 -15.92
CA GLN F 3 -3.80 36.13 -15.23
C GLN F 3 -3.47 35.75 -13.78
N LEU F 4 -2.24 36.04 -13.34
CA LEU F 4 -1.80 35.77 -11.98
C LEU F 4 -1.34 37.05 -11.36
N VAL F 5 -1.98 37.50 -10.30
CA VAL F 5 -1.55 38.75 -9.70
C VAL F 5 -0.80 38.69 -8.37
N GLN F 6 0.53 38.68 -8.41
CA GLN F 6 1.34 38.60 -7.18
C GLN F 6 1.07 39.77 -6.24
N SER F 7 1.57 39.64 -5.01
CA SER F 7 1.40 40.65 -3.98
C SER F 7 2.44 41.75 -4.02
N GLY F 8 2.28 42.72 -3.13
CA GLY F 8 3.19 43.86 -3.05
C GLY F 8 4.60 43.55 -2.62
N ALA F 9 5.54 44.42 -2.94
CA ALA F 9 6.94 44.20 -2.54
C ALA F 9 7.09 44.13 -1.03
N GLU F 10 8.13 43.50 -0.54
CA GLU F 10 8.29 43.41 0.90
C GLU F 10 9.73 43.69 1.34
N VAL F 11 9.88 44.54 2.35
CA VAL F 11 11.23 44.83 2.84
C VAL F 11 11.29 44.23 4.24
N VAL F 12 12.24 43.35 4.49
CA VAL F 12 12.28 42.73 5.80
C VAL F 12 13.66 42.49 6.31
N LYS F 13 13.81 42.59 7.63
CA LYS F 13 15.08 42.38 8.31
C LYS F 13 15.42 40.93 8.27
N PRO F 14 16.70 40.61 8.25
CA PRO F 14 17.17 39.22 8.21
C PRO F 14 16.53 38.39 9.27
N GLY F 15 16.55 37.08 9.11
CA GLY F 15 15.95 36.26 10.13
C GLY F 15 14.44 36.24 10.13
N ALA F 16 13.79 37.30 9.70
CA ALA F 16 12.33 37.34 9.67
C ALA F 16 11.76 36.33 8.66
N SER F 17 10.48 36.47 8.37
CA SER F 17 9.87 35.58 7.41
C SER F 17 8.76 36.34 6.74
N VAL F 18 8.51 36.02 5.49
CA VAL F 18 7.50 36.73 4.73
C VAL F 18 6.60 35.74 4.00
N LYS F 19 5.34 36.13 3.78
CA LYS F 19 4.43 35.22 3.12
C LYS F 19 3.86 35.78 1.83
N LEU F 20 4.46 35.39 0.71
CA LEU F 20 4.00 35.88 -0.56
C LEU F 20 2.74 35.22 -1.01
N SER F 21 1.88 35.99 -1.64
CA SER F 21 0.64 35.47 -2.19
C SER F 21 0.58 35.66 -3.72
N CYS F 22 -0.22 34.84 -4.39
CA CYS F 22 -0.42 34.93 -5.84
C CYS F 22 -1.88 34.49 -6.18
N LYS F 23 -2.65 35.41 -6.72
CA LYS F 23 -4.03 35.11 -7.03
C LYS F 23 -4.25 34.87 -8.52
N ALA F 24 -4.53 33.62 -8.89
CA ALA F 24 -4.78 33.26 -10.29
C ALA F 24 -6.19 33.63 -10.71
N SER F 25 -6.46 33.58 -12.01
CA SER F 25 -7.78 33.89 -12.52
C SER F 25 -7.76 33.73 -14.02
N GLY F 26 -8.92 33.55 -14.62
CA GLY F 26 -8.98 33.41 -16.07
C GLY F 26 -8.92 31.98 -16.54
N TYR F 27 -8.78 31.07 -15.58
CA TYR F 27 -8.72 29.65 -15.89
C TYR F 27 -9.14 28.76 -14.69
N ILE F 28 -9.21 27.46 -14.88
CA ILE F 28 -9.58 26.61 -13.75
C ILE F 28 -8.34 26.45 -12.88
N PHE F 29 -8.36 27.11 -11.73
CA PHE F 29 -7.25 27.11 -10.80
C PHE F 29 -6.59 25.78 -10.50
N THR F 30 -7.40 24.79 -10.12
CA THR F 30 -6.94 23.44 -9.76
C THR F 30 -6.35 22.59 -10.84
N SER F 31 -6.57 22.99 -12.07
CA SER F 31 -6.06 22.16 -13.13
C SER F 31 -4.64 22.49 -13.55
N TYR F 32 -3.93 23.34 -12.80
CA TYR F 32 -2.57 23.69 -13.21
C TYR F 32 -1.63 23.75 -12.06
N TYR F 33 -0.48 23.13 -12.23
CA TYR F 33 0.50 23.16 -11.17
C TYR F 33 1.08 24.57 -11.12
N MET F 34 1.09 25.19 -9.96
CA MET F 34 1.62 26.52 -9.86
C MET F 34 3.05 26.39 -9.40
N TYR F 35 3.99 26.98 -10.12
CA TYR F 35 5.39 26.96 -9.71
C TYR F 35 5.78 28.26 -9.02
N TRP F 36 7.02 28.36 -8.63
CA TRP F 36 7.48 29.60 -8.02
C TRP F 36 8.94 29.66 -8.46
N VAL F 37 9.33 30.83 -8.97
CA VAL F 37 10.67 31.03 -9.46
C VAL F 37 11.31 32.20 -8.79
N LYS F 38 12.58 32.08 -8.40
CA LYS F 38 13.28 33.20 -7.77
C LYS F 38 14.26 33.62 -8.82
N GLN F 39 14.49 34.94 -8.87
CA GLN F 39 15.46 35.58 -9.80
C GLN F 39 16.15 36.69 -9.00
N ALA F 40 17.41 36.48 -8.67
CA ALA F 40 18.08 37.46 -7.85
C ALA F 40 18.91 38.42 -8.65
N PRO F 41 19.07 39.65 -8.15
CA PRO F 41 19.86 40.67 -8.85
C PRO F 41 21.04 40.02 -9.54
N GLY F 42 21.03 40.08 -10.86
CA GLY F 42 22.10 39.49 -11.64
C GLY F 42 22.01 37.97 -11.66
N GLN F 43 21.61 37.39 -10.52
CA GLN F 43 21.45 35.95 -10.42
C GLN F 43 20.33 35.55 -11.39
N GLY F 44 20.38 34.29 -11.86
CA GLY F 44 19.40 33.81 -12.80
C GLY F 44 18.00 33.44 -12.32
N LEU F 45 17.34 32.64 -13.13
CA LEU F 45 16.01 32.15 -12.83
C LEU F 45 16.20 30.81 -12.11
N GLU F 46 15.66 30.70 -10.90
CA GLU F 46 15.73 29.48 -10.07
C GLU F 46 14.30 28.97 -9.78
N TRP F 47 14.08 27.67 -9.97
CA TRP F 47 12.76 27.08 -9.68
C TRP F 47 12.77 26.73 -8.19
N ILE F 48 11.79 27.23 -7.45
CA ILE F 48 11.73 26.93 -6.02
C ILE F 48 10.97 25.62 -5.77
N GLY F 49 9.73 25.57 -6.22
CA GLY F 49 8.96 24.36 -6.06
C GLY F 49 7.65 24.43 -6.81
N GLU F 50 6.81 23.43 -6.61
CA GLU F 50 5.54 23.36 -7.29
C GLU F 50 4.50 23.00 -6.27
N ILE F 51 3.24 23.27 -6.57
CA ILE F 51 2.16 22.90 -5.68
C ILE F 51 1.01 22.60 -6.60
N ASN F 52 0.28 21.52 -6.35
CA ASN F 52 -0.89 21.26 -7.17
C ASN F 52 -1.91 22.00 -6.32
N PRO F 53 -2.66 22.92 -6.89
CA PRO F 53 -3.59 23.53 -5.95
C PRO F 53 -4.83 22.65 -5.62
N SER F 54 -5.21 21.77 -6.50
CA SER F 54 -6.35 20.92 -6.22
C SER F 54 -6.10 20.10 -4.97
N ASN F 55 -4.86 19.66 -4.86
CA ASN F 55 -4.31 18.80 -3.82
C ASN F 55 -3.84 19.38 -2.53
N GLY F 56 -2.86 20.27 -2.63
CA GLY F 56 -2.25 20.86 -1.46
C GLY F 56 -0.83 20.32 -1.60
N ASP F 57 -0.77 19.25 -2.38
CA ASP F 57 0.46 18.53 -2.69
C ASP F 57 1.58 19.43 -3.17
N THR F 58 2.79 19.17 -2.72
CA THR F 58 3.92 20.00 -3.12
C THR F 58 5.16 19.25 -3.54
N ASN F 59 6.08 19.97 -4.17
CA ASN F 59 7.34 19.39 -4.62
C ASN F 59 8.35 20.54 -4.64
N PHE F 60 9.46 20.43 -3.91
CA PHE F 60 10.44 21.51 -3.87
C PHE F 60 11.75 21.13 -4.50
N ASN F 61 12.53 22.17 -4.82
CA ASN F 61 13.86 22.00 -5.35
C ASN F 61 14.62 21.91 -4.04
N GLU F 62 15.27 20.77 -3.85
CA GLU F 62 16.02 20.49 -2.63
C GLU F 62 16.67 21.73 -2.17
N LYS F 63 17.34 22.40 -3.09
CA LYS F 63 18.07 23.63 -2.79
C LYS F 63 17.24 24.66 -2.05
N PHE F 64 15.95 24.42 -1.92
CA PHE F 64 15.09 25.38 -1.21
C PHE F 64 14.15 24.73 -0.19
N LYS F 65 14.25 23.41 -0.04
CA LYS F 65 13.36 22.66 0.85
C LYS F 65 13.16 23.34 2.18
N SER F 66 14.17 24.07 2.61
CA SER F 66 14.09 24.74 3.88
C SER F 66 13.44 26.11 3.81
N LYS F 67 13.83 26.91 2.84
CA LYS F 67 13.30 28.27 2.74
C LYS F 67 11.81 28.46 2.41
N ALA F 68 11.24 27.57 1.63
CA ALA F 68 9.87 27.79 1.21
C ALA F 68 8.78 26.92 1.79
N THR F 69 7.57 27.42 1.69
CA THR F 69 6.41 26.72 2.17
C THR F 69 5.20 27.02 1.29
N LEU F 70 5.04 26.18 0.29
CA LEU F 70 3.96 26.35 -0.66
C LEU F 70 2.64 25.93 -0.07
N THR F 71 1.57 26.67 -0.35
CA THR F 71 0.24 26.37 0.20
C THR F 71 -0.79 27.08 -0.70
N VAL F 72 -2.06 26.68 -0.67
CA VAL F 72 -3.03 27.36 -1.54
C VAL F 72 -4.43 27.45 -0.95
N ASP F 73 -5.21 28.42 -1.39
CA ASP F 73 -6.58 28.55 -0.92
C ASP F 73 -7.53 28.26 -2.06
N LYS F 74 -7.61 27.00 -2.40
CA LYS F 74 -8.49 26.54 -3.45
C LYS F 74 -9.66 27.48 -3.69
N SER F 75 -10.35 27.85 -2.63
CA SER F 75 -11.50 28.73 -2.75
C SER F 75 -11.14 30.07 -3.38
N ALA F 76 -10.19 30.76 -2.75
CA ALA F 76 -9.75 32.06 -3.23
C ALA F 76 -8.82 31.96 -4.43
N SER F 77 -8.74 30.78 -5.01
CA SER F 77 -7.92 30.56 -6.20
C SER F 77 -6.61 31.32 -5.94
N THR F 78 -5.95 31.02 -4.83
CA THR F 78 -4.74 31.73 -4.48
C THR F 78 -3.64 30.83 -3.96
N ALA F 79 -2.39 31.10 -4.30
CA ALA F 79 -1.33 30.28 -3.76
C ALA F 79 -0.51 31.22 -2.89
N TYR F 80 0.31 30.64 -2.02
CA TYR F 80 1.10 31.44 -1.10
C TYR F 80 2.45 30.81 -0.94
N MET F 81 3.49 31.63 -0.80
CA MET F 81 4.83 31.10 -0.57
C MET F 81 5.31 31.80 0.69
N GLU F 82 5.93 31.02 1.58
CA GLU F 82 6.43 31.56 2.83
C GLU F 82 7.90 31.27 2.96
N LEU F 83 8.69 32.32 2.83
CA LEU F 83 10.13 32.17 2.96
C LEU F 83 10.38 32.50 4.41
N SER F 84 11.22 31.70 5.05
CA SER F 84 11.50 31.94 6.43
C SER F 84 12.97 31.99 6.70
N SER F 85 13.31 32.55 7.86
CA SER F 85 14.70 32.67 8.24
C SER F 85 15.46 33.22 7.04
N LEU F 86 15.10 34.45 6.69
CA LEU F 86 15.71 35.10 5.58
C LEU F 86 17.13 35.59 5.86
N ARG F 87 18.06 35.11 5.03
CA ARG F 87 19.44 35.55 5.09
C ARG F 87 19.39 36.72 4.10
N SER F 88 20.54 37.37 3.90
CA SER F 88 20.60 38.49 2.96
C SER F 88 20.56 38.01 1.50
N GLU F 89 21.17 36.86 1.22
CA GLU F 89 21.15 36.37 -0.14
C GLU F 89 19.77 35.90 -0.58
N ASP F 90 18.77 36.12 0.26
CA ASP F 90 17.43 35.71 -0.08
C ASP F 90 16.71 36.79 -0.89
N THR F 91 17.35 37.96 -0.97
CA THR F 91 16.78 39.08 -1.71
C THR F 91 16.69 38.77 -3.21
N ALA F 92 15.55 39.10 -3.80
CA ALA F 92 15.32 38.82 -5.22
C ALA F 92 13.86 39.05 -5.60
N VAL F 93 13.48 38.60 -6.79
CA VAL F 93 12.09 38.74 -7.15
C VAL F 93 11.58 37.35 -7.29
N TYR F 94 10.43 37.16 -6.65
CA TYR F 94 9.76 35.90 -6.59
C TYR F 94 8.57 35.95 -7.52
N TYR F 95 8.57 35.03 -8.47
CA TYR F 95 7.53 34.94 -9.46
C TYR F 95 6.64 33.74 -9.17
N CYS F 96 5.35 33.87 -9.42
CA CYS F 96 4.50 32.71 -9.27
C CYS F 96 4.12 32.48 -10.73
N THR F 97 4.14 31.25 -11.18
CA THR F 97 3.78 31.03 -12.57
C THR F 97 3.04 29.69 -12.76
N ARG F 98 2.13 29.69 -13.71
CA ARG F 98 1.33 28.53 -14.02
C ARG F 98 2.10 27.59 -14.93
N SER F 99 2.28 26.35 -14.53
CA SER F 99 2.97 25.40 -15.37
C SER F 99 1.89 24.82 -16.27
N ASP F 100 2.25 24.39 -17.46
CA ASP F 100 1.28 23.83 -18.36
C ASP F 100 1.69 22.39 -18.49
N GLY F 101 1.10 21.54 -17.64
CA GLY F 101 1.38 20.11 -17.65
C GLY F 101 2.71 19.94 -16.98
N ARG F 102 3.04 20.91 -16.15
CA ARG F 102 4.29 20.85 -15.43
C ARG F 102 5.50 20.71 -16.34
N ASN F 103 5.47 21.46 -17.44
CA ASN F 103 6.56 21.49 -18.41
C ASN F 103 6.84 22.94 -18.79
N ASP F 104 6.17 23.50 -19.81
CA ASP F 104 6.40 24.88 -20.15
C ASP F 104 5.74 25.67 -19.05
N MET F 105 6.37 26.76 -18.58
CA MET F 105 5.75 27.59 -17.52
C MET F 105 5.14 28.71 -18.31
N ASP F 106 3.87 28.61 -18.69
CA ASP F 106 3.21 29.60 -19.55
C ASP F 106 2.56 30.93 -19.07
N SER F 107 2.57 31.27 -17.77
CA SER F 107 2.01 32.58 -17.30
C SER F 107 2.65 33.00 -16.02
N TRP F 108 3.03 34.26 -15.90
CA TRP F 108 3.72 34.71 -14.69
C TRP F 108 3.09 35.91 -14.00
N GLY F 109 3.19 35.94 -12.68
CA GLY F 109 2.66 37.07 -11.93
C GLY F 109 3.68 38.17 -12.12
N GLN F 110 3.36 39.40 -11.69
CA GLN F 110 4.26 40.55 -11.85
C GLN F 110 5.63 40.26 -11.33
N GLY F 111 5.62 39.60 -10.20
CA GLY F 111 6.84 39.23 -9.52
C GLY F 111 6.79 39.93 -8.19
N THR F 112 7.54 39.45 -7.21
CA THR F 112 7.53 40.13 -5.92
C THR F 112 8.96 40.35 -5.48
N LEU F 113 9.21 41.60 -5.15
CA LEU F 113 10.54 41.96 -4.73
C LEU F 113 10.64 41.73 -3.26
N VAL F 114 11.36 40.69 -2.87
CA VAL F 114 11.55 40.48 -1.45
C VAL F 114 12.98 40.93 -1.19
N THR F 115 13.14 42.01 -0.42
CA THR F 115 14.47 42.52 -0.12
C THR F 115 14.68 42.40 1.38
N VAL F 116 15.67 41.60 1.76
CA VAL F 116 15.92 41.42 3.17
C VAL F 116 17.22 42.04 3.65
N SER F 117 17.12 43.10 4.45
CA SER F 117 18.30 43.78 4.98
C SER F 117 18.06 44.35 6.38
N SER F 118 19.16 44.54 7.11
CA SER F 118 19.12 45.09 8.46
C SER F 118 18.93 46.62 8.43
N ALA F 119 19.37 47.24 7.33
CA ALA F 119 19.25 48.68 7.14
C ALA F 119 17.82 49.12 7.40
N SER F 120 17.61 50.40 7.57
CA SER F 120 16.27 50.86 7.84
C SER F 120 16.08 52.13 7.06
N THR F 121 14.90 52.27 6.47
CA THR F 121 14.53 53.43 5.65
C THR F 121 15.36 54.63 6.00
N LYS F 122 15.73 55.38 4.98
CA LYS F 122 16.55 56.54 5.17
C LYS F 122 16.60 57.29 3.86
N GLY F 123 16.60 58.60 3.91
CA GLY F 123 16.69 59.32 2.65
C GLY F 123 18.11 59.29 2.13
N PRO F 124 18.32 59.74 0.90
CA PRO F 124 19.69 59.73 0.38
C PRO F 124 20.48 61.01 0.72
N SER F 125 21.70 61.07 0.23
CA SER F 125 22.55 62.23 0.41
C SER F 125 22.80 62.53 -1.04
N VAL F 126 22.91 63.81 -1.38
CA VAL F 126 23.16 64.23 -2.75
C VAL F 126 24.42 65.07 -2.77
N PHE F 127 25.21 64.89 -3.81
CA PHE F 127 26.45 65.64 -3.91
C PHE F 127 26.69 66.09 -5.32
N PRO F 128 27.00 67.37 -5.51
CA PRO F 128 27.19 67.74 -6.90
C PRO F 128 28.39 67.01 -7.44
N LEU F 129 28.32 66.65 -8.72
CA LEU F 129 29.42 66.05 -9.43
C LEU F 129 29.56 67.19 -10.42
N ALA F 130 30.16 68.27 -9.94
CA ALA F 130 30.30 69.50 -10.71
C ALA F 130 31.30 69.52 -11.88
N PRO F 131 30.91 70.21 -12.96
CA PRO F 131 31.76 70.32 -14.13
C PRO F 131 33.09 70.99 -13.74
N SER F 132 34.12 70.66 -14.49
CA SER F 132 35.44 71.19 -14.27
C SER F 132 36.22 70.77 -15.50
N SER F 133 37.39 71.37 -15.69
CA SER F 133 38.23 71.03 -16.80
C SER F 133 38.35 69.52 -16.83
N LYS F 134 38.39 68.93 -15.63
CA LYS F 134 38.53 67.47 -15.45
C LYS F 134 37.29 66.66 -15.92
N SER F 135 36.24 67.37 -16.32
CA SER F 135 34.99 66.77 -16.78
C SER F 135 34.44 67.50 -18.01
N THR F 136 35.35 68.00 -18.84
CA THR F 136 34.97 68.73 -20.04
C THR F 136 35.68 68.29 -21.31
N SER F 137 35.25 67.16 -21.84
CA SER F 137 35.83 66.63 -23.07
C SER F 137 35.29 67.51 -24.19
N GLY F 138 36.18 67.94 -25.07
CA GLY F 138 35.82 68.79 -26.22
C GLY F 138 34.88 69.92 -25.84
N GLY F 139 33.97 70.27 -26.74
CA GLY F 139 33.08 71.36 -26.39
C GLY F 139 32.03 71.04 -25.33
N THR F 140 31.96 69.78 -24.91
CA THR F 140 30.96 69.36 -23.94
C THR F 140 31.45 69.14 -22.51
N ALA F 141 30.58 69.45 -21.56
CA ALA F 141 30.86 69.31 -20.13
C ALA F 141 29.98 68.25 -19.50
N ALA F 142 30.55 67.47 -18.60
CA ALA F 142 29.79 66.44 -17.90
C ALA F 142 29.49 66.94 -16.49
N LEU F 143 28.31 66.64 -15.98
CA LEU F 143 27.97 67.08 -14.64
C LEU F 143 26.76 66.28 -14.17
N GLY F 144 26.58 66.18 -12.86
CA GLY F 144 25.44 65.45 -12.27
C GLY F 144 25.45 65.27 -10.75
N CYS F 145 24.44 64.57 -10.23
CA CYS F 145 24.37 64.36 -8.78
C CYS F 145 24.72 62.97 -8.29
N LEU F 146 25.31 62.91 -7.11
CA LEU F 146 25.64 61.64 -6.51
C LEU F 146 24.64 61.46 -5.34
N VAL F 147 23.70 60.53 -5.53
CA VAL F 147 22.67 60.22 -4.54
C VAL F 147 23.15 59.07 -3.63
N LYS F 148 23.82 59.43 -2.54
CA LYS F 148 24.39 58.45 -1.62
C LYS F 148 23.59 58.05 -0.40
N ASP F 149 23.85 56.79 0.02
CA ASP F 149 23.25 56.10 1.17
C ASP F 149 21.78 56.37 1.52
N TYR F 150 20.92 55.55 0.96
CA TYR F 150 19.50 55.66 1.22
C TYR F 150 19.04 54.25 1.13
N PHE F 151 17.78 54.01 1.51
CA PHE F 151 17.21 52.66 1.56
C PHE F 151 15.72 52.73 1.86
N PRO F 152 14.92 51.92 1.17
CA PRO F 152 15.26 50.97 0.11
C PRO F 152 15.09 51.68 -1.21
N GLU F 153 15.24 50.95 -2.30
CA GLU F 153 15.03 51.60 -3.58
C GLU F 153 13.56 51.92 -3.59
N PRO F 154 13.13 52.78 -4.51
CA PRO F 154 13.88 53.47 -5.54
C PRO F 154 14.00 54.97 -5.20
N VAL F 155 15.05 55.60 -5.71
CA VAL F 155 15.26 57.05 -5.54
C VAL F 155 15.12 57.58 -6.97
N THR F 156 14.04 58.27 -7.25
CA THR F 156 13.87 58.77 -8.59
C THR F 156 14.65 60.11 -8.64
N VAL F 157 15.27 60.35 -9.79
CA VAL F 157 16.08 61.55 -10.03
C VAL F 157 15.71 62.25 -11.32
N SER F 158 15.42 63.54 -11.23
CA SER F 158 15.07 64.28 -12.43
C SER F 158 15.83 65.59 -12.48
N TRP F 159 16.02 66.10 -13.69
CA TRP F 159 16.75 67.34 -13.91
C TRP F 159 15.88 68.51 -14.32
N ASN F 160 16.26 69.67 -13.79
CA ASN F 160 15.53 70.91 -14.03
C ASN F 160 14.08 70.54 -14.12
N SER F 161 13.57 70.01 -13.01
CA SER F 161 12.18 69.61 -12.90
C SER F 161 11.59 69.33 -14.25
N GLY F 162 12.14 68.31 -14.90
CA GLY F 162 11.62 67.90 -16.17
C GLY F 162 12.22 68.43 -17.45
N ALA F 163 12.23 69.74 -17.58
CA ALA F 163 12.79 70.40 -18.77
C ALA F 163 14.03 69.73 -19.34
N LEU F 164 15.00 69.41 -18.48
CA LEU F 164 16.23 68.76 -18.92
C LEU F 164 16.09 67.24 -18.93
N THR F 165 15.99 66.68 -20.12
CA THR F 165 15.84 65.24 -20.22
C THR F 165 16.70 64.72 -21.32
N SER F 166 17.62 65.56 -21.78
CA SER F 166 18.49 65.16 -22.84
C SER F 166 19.91 65.03 -22.38
N GLY F 167 20.51 63.88 -22.65
CA GLY F 167 21.89 63.69 -22.22
C GLY F 167 21.98 63.15 -20.82
N VAL F 168 20.83 62.99 -20.17
CA VAL F 168 20.80 62.44 -18.85
C VAL F 168 21.04 60.95 -18.93
N HIS F 169 21.82 60.45 -17.98
CA HIS F 169 22.10 59.03 -17.88
C HIS F 169 22.02 58.86 -16.37
N THR F 170 20.89 58.41 -15.84
CA THR F 170 20.83 58.18 -14.39
C THR F 170 21.01 56.66 -14.15
N PHE F 171 22.16 56.33 -13.58
CA PHE F 171 22.53 54.97 -13.33
C PHE F 171 21.71 54.13 -12.40
N PRO F 172 21.81 52.81 -12.57
CA PRO F 172 21.06 51.89 -11.72
C PRO F 172 21.70 51.90 -10.33
N ALA F 173 20.90 51.69 -9.29
CA ALA F 173 21.41 51.68 -7.92
C ALA F 173 22.33 50.49 -7.72
N VAL F 174 23.27 50.67 -6.80
CA VAL F 174 24.23 49.63 -6.49
C VAL F 174 24.47 49.63 -5.01
N LEU F 175 24.02 48.53 -4.38
CA LEU F 175 24.15 48.33 -2.95
C LEU F 175 25.57 48.32 -2.54
N GLN F 176 26.09 49.44 -2.05
CA GLN F 176 27.47 49.49 -1.62
C GLN F 176 27.52 48.64 -0.37
N SER F 177 28.71 48.35 0.13
CA SER F 177 28.85 47.59 1.35
C SER F 177 28.04 48.37 2.36
N SER F 178 28.13 48.06 3.64
CA SER F 178 27.27 48.79 4.55
C SER F 178 25.88 48.36 4.04
N GLY F 179 24.81 49.03 4.42
CA GLY F 179 23.56 48.50 3.91
C GLY F 179 22.80 49.29 2.89
N LEU F 180 23.22 50.53 2.68
CA LEU F 180 22.51 51.41 1.78
C LEU F 180 22.92 51.42 0.31
N TYR F 181 22.03 51.94 -0.54
CA TYR F 181 22.24 52.05 -1.99
C TYR F 181 22.83 53.40 -2.37
N SER F 182 23.45 53.46 -3.54
CA SER F 182 24.04 54.71 -4.02
C SER F 182 24.11 54.82 -5.53
N LEU F 183 23.26 55.64 -6.10
CA LEU F 183 23.28 55.85 -7.54
C LEU F 183 23.67 57.32 -7.86
N SER F 184 24.20 57.51 -9.07
CA SER F 184 24.61 58.81 -9.55
C SER F 184 23.89 59.11 -10.86
N SER F 185 23.26 60.28 -10.92
CA SER F 185 22.54 60.71 -12.13
C SER F 185 23.43 61.75 -12.79
N VAL F 186 23.75 61.51 -14.05
CA VAL F 186 24.61 62.41 -14.78
C VAL F 186 24.05 62.87 -16.13
N VAL F 187 24.49 64.06 -16.55
CA VAL F 187 24.04 64.67 -17.80
C VAL F 187 25.17 65.42 -18.43
N THR F 188 25.24 65.40 -19.74
CA THR F 188 26.26 66.13 -20.42
C THR F 188 25.57 67.27 -21.14
N VAL F 189 26.12 68.45 -20.93
CA VAL F 189 25.59 69.67 -21.51
C VAL F 189 26.74 70.39 -22.21
N PRO F 190 26.40 71.34 -23.09
CA PRO F 190 27.44 72.06 -23.80
C PRO F 190 28.19 72.85 -22.79
N SER F 191 29.51 72.84 -22.90
CA SER F 191 30.37 73.56 -21.97
C SER F 191 29.97 75.01 -21.96
N SER F 192 29.95 75.61 -23.15
CA SER F 192 29.60 77.02 -23.30
C SER F 192 28.33 77.38 -22.56
N SER F 193 27.57 76.37 -22.15
CA SER F 193 26.32 76.61 -21.42
C SER F 193 26.49 76.98 -19.96
N LEU F 194 27.32 76.24 -19.26
CA LEU F 194 27.56 76.47 -17.84
C LEU F 194 27.42 77.91 -17.39
N GLY F 195 27.59 78.87 -18.29
CA GLY F 195 27.45 80.27 -17.91
C GLY F 195 26.03 80.81 -17.91
N THR F 196 25.40 80.76 -19.07
CA THR F 196 24.03 81.26 -19.20
C THR F 196 22.98 80.31 -18.63
N GLN F 197 23.35 79.03 -18.50
CA GLN F 197 22.41 78.01 -18.04
C GLN F 197 22.66 77.47 -16.66
N THR F 198 21.57 77.18 -15.95
CA THR F 198 21.63 76.63 -14.60
C THR F 198 21.08 75.20 -14.62
N TYR F 199 21.49 74.40 -13.65
CA TYR F 199 21.03 73.03 -13.59
C TYR F 199 20.75 72.58 -12.16
N ILE F 200 19.63 71.89 -11.99
CA ILE F 200 19.30 71.37 -10.69
C ILE F 200 18.80 69.96 -10.84
N CYS F 201 19.27 69.07 -9.94
CA CYS F 201 18.81 67.68 -9.96
C CYS F 201 17.77 67.59 -8.85
N ASN F 202 16.79 66.73 -9.07
CA ASN F 202 15.71 66.56 -8.13
C ASN F 202 15.62 65.15 -7.60
N VAL F 203 16.34 64.85 -6.55
CA VAL F 203 16.26 63.51 -6.00
C VAL F 203 14.99 63.44 -5.19
N ASN F 204 14.28 62.34 -5.34
CA ASN F 204 13.07 62.12 -4.57
C ASN F 204 13.04 60.69 -4.01
N HIS F 205 13.13 60.57 -2.69
CA HIS F 205 13.13 59.26 -2.02
C HIS F 205 11.84 59.02 -1.23
N LYS F 206 10.74 58.75 -1.96
CA LYS F 206 9.42 58.49 -1.37
C LYS F 206 9.42 57.63 -0.11
N PRO F 207 10.05 56.45 -0.17
CA PRO F 207 10.14 55.53 0.96
C PRO F 207 10.64 56.21 2.22
N SER F 208 10.86 57.51 2.17
CA SER F 208 11.30 58.26 3.34
C SER F 208 10.77 59.69 3.25
N ASN F 209 9.89 59.93 2.28
CA ASN F 209 9.31 61.23 2.10
C ASN F 209 10.39 62.17 1.60
N THR F 210 11.63 61.69 1.59
CA THR F 210 12.77 62.49 1.14
C THR F 210 12.65 63.13 -0.25
N LYS F 211 13.22 64.33 -0.37
CA LYS F 211 13.23 65.06 -1.62
C LYS F 211 14.25 66.21 -1.50
N VAL F 212 15.14 66.28 -2.48
CA VAL F 212 16.19 67.29 -2.50
C VAL F 212 16.34 67.85 -3.90
N ASP F 213 16.78 69.10 -3.98
CA ASP F 213 17.01 69.75 -5.26
C ASP F 213 18.44 70.36 -5.23
N LYS F 214 19.41 69.57 -5.68
CA LYS F 214 20.80 70.03 -5.71
C LYS F 214 21.03 70.85 -6.98
N LYS F 215 21.41 72.12 -6.80
CA LYS F 215 21.71 73.01 -7.91
C LYS F 215 23.17 72.68 -8.19
N VAL F 216 23.43 71.97 -9.28
CA VAL F 216 24.81 71.63 -9.60
C VAL F 216 25.44 72.86 -10.22
N GLU F 217 26.54 73.31 -9.66
CA GLU F 217 27.18 74.49 -10.18
C GLU F 217 28.59 74.11 -10.42
N PRO F 218 29.21 74.71 -11.44
CA PRO F 218 30.60 74.41 -11.81
C PRO F 218 31.61 74.90 -10.82
N LYS F 219 31.80 74.15 -9.74
CA LYS F 219 32.79 74.49 -8.73
C LYS F 219 34.11 74.05 -9.36
N ASP G 1 21.59 17.91 -10.86
CA ASP G 1 20.73 18.84 -11.65
C ASP G 1 21.28 19.02 -13.05
N ILE G 2 20.40 19.20 -14.04
CA ILE G 2 20.85 19.41 -15.39
C ILE G 2 21.32 20.84 -15.49
N VAL G 3 22.39 21.07 -16.26
CA VAL G 3 22.93 22.42 -16.44
C VAL G 3 22.91 22.86 -17.89
N LEU G 4 22.19 23.95 -18.14
CA LEU G 4 22.05 24.47 -19.49
C LEU G 4 23.02 25.62 -19.68
N THR G 5 23.75 25.60 -20.78
CA THR G 5 24.67 26.68 -21.01
C THR G 5 24.26 27.33 -22.30
N GLN G 6 23.92 28.61 -22.26
CA GLN G 6 23.49 29.25 -23.49
C GLN G 6 24.69 29.88 -24.21
N SER G 7 24.47 30.48 -25.36
CA SER G 7 25.57 31.08 -26.09
C SER G 7 25.06 31.60 -27.41
N PRO G 8 25.53 32.77 -27.82
CA PRO G 8 26.49 33.60 -27.09
C PRO G 8 25.77 34.18 -25.89
N ALA G 9 26.53 34.75 -24.98
CA ALA G 9 25.89 35.36 -23.82
C ALA G 9 25.26 36.63 -24.33
N THR G 10 25.94 37.31 -25.26
CA THR G 10 25.38 38.50 -25.86
C THR G 10 25.38 38.29 -27.34
N LEU G 11 24.27 38.58 -27.99
CA LEU G 11 24.18 38.43 -29.44
C LEU G 11 23.70 39.80 -29.85
N SER G 12 24.58 40.51 -30.55
CA SER G 12 24.24 41.87 -30.99
C SER G 12 23.87 41.70 -32.42
N VAL G 13 22.63 42.05 -32.72
CA VAL G 13 22.07 41.92 -34.03
C VAL G 13 21.40 43.26 -34.29
N SER G 14 21.07 43.54 -35.55
CA SER G 14 20.39 44.79 -35.94
C SER G 14 19.04 44.39 -36.39
N PRO G 15 18.05 45.32 -36.30
CA PRO G 15 16.69 44.95 -36.72
C PRO G 15 16.88 44.50 -38.12
N GLY G 16 16.05 43.61 -38.62
CA GLY G 16 16.22 43.14 -39.97
C GLY G 16 17.28 42.06 -40.00
N GLU G 17 18.05 41.93 -38.92
CA GLU G 17 19.09 40.88 -38.83
C GLU G 17 18.48 39.58 -38.26
N ARG G 18 18.92 38.42 -38.77
CA ARG G 18 18.39 37.20 -38.24
C ARG G 18 19.33 36.80 -37.11
N ALA G 19 18.75 36.36 -36.00
CA ALA G 19 19.51 35.96 -34.83
C ALA G 19 19.08 34.57 -34.38
N THR G 20 20.06 33.77 -34.00
CA THR G 20 19.75 32.45 -33.48
C THR G 20 20.65 32.14 -32.27
N ILE G 21 20.02 31.92 -31.13
CA ILE G 21 20.70 31.60 -29.89
C ILE G 21 20.77 30.08 -29.75
N SER G 22 21.64 29.59 -28.89
CA SER G 22 21.72 28.17 -28.75
C SER G 22 21.78 27.82 -27.25
N CYS G 23 21.17 26.68 -26.91
CA CYS G 23 21.13 26.25 -25.53
C CYS G 23 21.82 24.93 -25.37
N ARG G 24 22.17 24.59 -24.13
CA ARG G 24 22.90 23.34 -23.93
C ARG G 24 22.71 22.51 -22.66
N ALA G 25 22.24 21.28 -22.85
CA ALA G 25 21.96 20.43 -21.71
C ALA G 25 23.15 19.62 -21.32
N SER G 26 23.39 19.54 -20.02
CA SER G 26 24.48 18.76 -19.51
C SER G 26 24.20 17.31 -19.75
N GLN G 27 22.99 17.03 -20.28
CA GLN G 27 22.59 15.68 -20.65
C GLN G 27 21.44 15.72 -21.65
N ARG G 28 21.18 14.63 -22.36
CA ARG G 28 20.09 14.64 -23.32
C ARG G 28 18.78 14.99 -22.55
N VAL G 29 17.84 15.67 -23.22
CA VAL G 29 16.60 15.96 -22.57
C VAL G 29 15.58 15.86 -23.67
N SER G 30 15.93 15.07 -24.67
CA SER G 30 14.95 14.87 -25.72
C SER G 30 14.78 13.35 -25.83
N SER G 31 13.55 12.83 -25.77
CA SER G 31 13.43 11.38 -25.88
C SER G 31 12.84 10.98 -27.24
N SER G 32 12.05 9.93 -27.33
CA SER G 32 11.58 9.52 -28.63
C SER G 32 10.51 10.33 -29.31
N THR G 33 9.86 11.24 -28.63
CA THR G 33 8.84 11.99 -29.37
C THR G 33 8.94 13.49 -29.13
N TYR G 34 9.40 13.85 -27.93
CA TYR G 34 9.53 15.23 -27.56
C TYR G 34 10.92 15.55 -26.98
N SER G 35 11.22 16.85 -26.97
CA SER G 35 12.46 17.33 -26.42
C SER G 35 11.93 18.26 -25.35
N TYR G 36 12.33 18.04 -24.11
CA TYR G 36 11.78 18.87 -23.06
C TYR G 36 12.51 20.19 -22.82
N MET G 37 12.50 21.02 -23.86
CA MET G 37 13.16 22.33 -23.82
C MET G 37 12.19 23.41 -24.20
N HIS G 38 12.32 24.57 -23.56
CA HIS G 38 11.42 25.70 -23.85
C HIS G 38 12.20 26.98 -23.76
N TRP G 39 11.74 27.98 -24.48
CA TRP G 39 12.42 29.25 -24.51
C TRP G 39 11.58 30.43 -24.08
N TYR G 40 12.20 31.34 -23.38
CA TYR G 40 11.47 32.51 -22.95
C TYR G 40 12.31 33.70 -23.24
N GLN G 41 11.61 34.81 -23.44
CA GLN G 41 12.26 36.08 -23.67
C GLN G 41 11.85 36.90 -22.46
N GLN G 42 12.73 37.71 -21.93
CA GLN G 42 12.32 38.48 -20.78
C GLN G 42 12.91 39.85 -20.97
N LYS G 43 12.04 40.85 -20.80
CA LYS G 43 12.41 42.24 -20.91
C LYS G 43 12.81 42.75 -19.54
N PRO G 44 13.51 43.88 -19.50
CA PRO G 44 13.91 44.42 -18.20
C PRO G 44 12.63 44.78 -17.47
N GLY G 45 12.64 44.55 -16.15
CA GLY G 45 11.49 44.87 -15.34
C GLY G 45 10.31 43.89 -15.42
N GLN G 46 10.23 43.15 -16.50
CA GLN G 46 9.16 42.20 -16.64
C GLN G 46 9.58 40.73 -16.40
N PRO G 47 8.60 39.83 -16.24
CA PRO G 47 8.88 38.42 -16.02
C PRO G 47 8.97 37.73 -17.38
N PRO G 48 9.59 36.54 -17.46
CA PRO G 48 9.70 35.83 -18.74
C PRO G 48 8.40 35.71 -19.49
N LYS G 49 8.43 35.58 -20.83
CA LYS G 49 7.24 35.40 -21.67
C LYS G 49 7.53 34.16 -22.47
N LEU G 50 6.62 33.19 -22.43
CA LEU G 50 6.90 31.96 -23.16
C LEU G 50 6.84 32.09 -24.64
N LEU G 51 7.89 31.65 -25.34
CA LEU G 51 7.83 31.76 -26.78
C LEU G 51 7.71 30.38 -27.38
N ILE G 52 8.60 29.51 -26.99
CA ILE G 52 8.52 28.24 -27.62
C ILE G 52 8.58 27.20 -26.56
N LYS G 53 7.76 26.16 -26.75
CA LYS G 53 7.66 25.00 -25.85
C LYS G 53 7.96 23.70 -26.57
N TYR G 54 8.61 22.80 -25.84
CA TYR G 54 9.00 21.51 -26.38
C TYR G 54 9.89 21.71 -27.58
N ALA G 55 10.95 22.48 -27.37
CA ALA G 55 11.96 22.71 -28.37
C ALA G 55 11.57 23.33 -29.70
N SER G 56 10.33 23.11 -30.16
CA SER G 56 9.99 23.62 -31.45
C SER G 56 8.60 24.12 -31.71
N ASN G 57 7.72 24.13 -30.73
CA ASN G 57 6.39 24.63 -31.03
C ASN G 57 6.15 25.99 -30.44
N LEU G 58 5.65 26.88 -31.29
CA LEU G 58 5.39 28.24 -30.86
C LEU G 58 4.30 28.27 -29.83
N GLU G 59 4.50 29.00 -28.76
CA GLU G 59 3.45 29.10 -27.76
C GLU G 59 2.30 29.86 -28.44
N SER G 60 1.11 29.85 -27.90
CA SER G 60 0.08 30.59 -28.61
C SER G 60 0.29 32.09 -28.50
N GLY G 61 0.22 32.78 -29.64
CA GLY G 61 0.40 34.21 -29.68
C GLY G 61 1.81 34.66 -30.04
N VAL G 62 2.80 33.77 -29.91
CA VAL G 62 4.13 34.16 -30.27
C VAL G 62 4.09 34.35 -31.74
N PRO G 63 4.75 35.39 -32.27
CA PRO G 63 4.83 35.73 -33.69
C PRO G 63 5.66 34.73 -34.47
N ALA G 64 5.33 34.54 -35.75
CA ALA G 64 6.03 33.55 -36.54
C ALA G 64 7.51 33.69 -36.77
N ARG G 65 8.10 34.85 -36.51
CA ARG G 65 9.53 34.91 -36.74
C ARG G 65 10.17 33.91 -35.80
N PHE G 66 9.66 33.85 -34.57
CA PHE G 66 10.18 32.97 -33.53
C PHE G 66 10.03 31.54 -33.89
N SER G 67 11.11 30.81 -33.70
CA SER G 67 11.13 29.43 -34.03
C SER G 67 12.24 28.76 -33.22
N GLY G 68 12.22 27.43 -33.18
CA GLY G 68 13.26 26.74 -32.44
C GLY G 68 13.48 25.33 -32.93
N SER G 69 14.70 24.83 -32.72
CA SER G 69 15.01 23.46 -33.09
C SER G 69 16.10 22.84 -32.18
N GLY G 70 16.41 21.58 -32.43
CA GLY G 70 17.40 20.92 -31.61
C GLY G 70 16.88 19.57 -31.14
N SER G 71 17.67 18.92 -30.32
CA SER G 71 17.34 17.63 -29.79
C SER G 71 18.50 17.12 -28.95
N GLY G 72 18.20 16.24 -28.01
CA GLY G 72 19.25 15.71 -27.16
C GLY G 72 19.83 16.78 -26.26
N THR G 73 21.00 17.30 -26.60
CA THR G 73 21.56 18.32 -25.71
C THR G 73 21.78 19.69 -26.25
N ASP G 74 21.42 19.87 -27.52
CA ASP G 74 21.60 21.16 -28.17
C ASP G 74 20.35 21.69 -28.79
N PHE G 75 20.04 22.94 -28.47
CA PHE G 75 18.83 23.55 -28.99
C PHE G 75 19.09 24.99 -29.40
N THR G 76 18.28 25.46 -30.35
CA THR G 76 18.38 26.81 -30.85
C THR G 76 17.00 27.40 -30.87
N LEU G 77 16.99 28.72 -30.90
CA LEU G 77 15.80 29.56 -30.95
C LEU G 77 16.20 30.65 -31.93
N THR G 78 15.41 30.88 -32.97
CA THR G 78 15.80 31.93 -33.86
C THR G 78 14.71 32.79 -34.46
N ILE G 79 14.89 34.09 -34.29
CA ILE G 79 13.97 35.05 -34.85
C ILE G 79 14.36 35.15 -36.35
N SER G 80 13.41 35.08 -37.28
CA SER G 80 13.79 35.15 -38.70
C SER G 80 14.26 36.54 -39.16
N SER G 81 13.87 37.60 -38.46
CA SER G 81 14.35 38.96 -38.77
C SER G 81 13.95 39.86 -37.60
N VAL G 82 14.95 40.14 -36.77
CA VAL G 82 14.78 40.92 -35.58
C VAL G 82 13.92 42.16 -35.74
N GLU G 83 13.12 42.50 -34.75
CA GLU G 83 12.29 43.69 -34.82
C GLU G 83 12.57 44.38 -33.52
N PRO G 84 12.39 45.70 -33.45
CA PRO G 84 12.69 46.40 -32.20
C PRO G 84 12.20 45.74 -30.93
N GLU G 85 10.96 45.29 -30.92
CA GLU G 85 10.42 44.64 -29.73
C GLU G 85 11.20 43.41 -29.32
N ASP G 86 11.78 42.71 -30.29
CA ASP G 86 12.53 41.51 -30.00
C ASP G 86 13.77 41.69 -29.16
N PHE G 87 14.30 42.89 -29.05
CA PHE G 87 15.49 43.03 -28.23
C PHE G 87 15.14 42.78 -26.79
N ALA G 88 15.82 41.79 -26.22
CA ALA G 88 15.55 41.43 -24.85
C ALA G 88 16.57 40.41 -24.46
N THR G 89 16.28 39.67 -23.38
CA THR G 89 17.16 38.63 -22.97
C THR G 89 16.37 37.30 -23.02
N TYR G 90 17.00 36.24 -23.56
CA TYR G 90 16.35 34.95 -23.72
C TYR G 90 16.93 33.76 -22.92
N TYR G 91 16.01 32.99 -22.33
CA TYR G 91 16.39 31.83 -21.55
C TYR G 91 15.83 30.57 -22.17
N CYS G 92 16.64 29.52 -22.13
CA CYS G 92 16.17 28.23 -22.62
C CYS G 92 15.98 27.58 -21.26
N GLN G 93 15.03 26.63 -21.17
CA GLN G 93 14.75 25.87 -19.93
C GLN G 93 14.06 24.55 -20.20
N HIS G 94 14.62 23.49 -19.58
CA HIS G 94 14.07 22.14 -19.73
C HIS G 94 12.94 21.83 -18.74
N SER G 95 12.56 20.56 -18.74
CA SER G 95 11.48 20.04 -17.93
C SER G 95 11.66 18.52 -18.02
N TRP G 96 12.91 18.10 -18.04
CA TRP G 96 13.19 16.69 -18.12
C TRP G 96 13.01 16.03 -16.77
N GLU G 97 13.27 16.80 -15.72
CA GLU G 97 13.17 16.30 -14.38
C GLU G 97 13.03 17.39 -13.33
N ILE G 98 12.93 16.99 -12.06
CA ILE G 98 12.86 18.02 -11.05
C ILE G 98 14.28 18.17 -10.60
N PRO G 99 14.81 19.42 -10.46
CA PRO G 99 14.11 20.70 -10.71
C PRO G 99 14.28 21.24 -12.12
N PRO G 100 13.25 21.90 -12.65
CA PRO G 100 13.49 22.41 -13.97
C PRO G 100 14.57 23.47 -13.69
N THR G 101 15.46 23.67 -14.65
CA THR G 101 16.54 24.65 -14.54
C THR G 101 16.69 25.49 -15.80
N PHE G 102 17.03 26.76 -15.58
CA PHE G 102 17.18 27.69 -16.69
C PHE G 102 18.64 27.86 -17.16
N GLY G 103 18.78 28.26 -18.44
CA GLY G 103 20.07 28.52 -19.05
C GLY G 103 20.55 29.86 -18.48
N GLY G 104 21.80 30.22 -18.73
CA GLY G 104 22.31 31.45 -18.17
C GLY G 104 21.68 32.69 -18.73
N GLY G 105 21.15 32.60 -19.94
CA GLY G 105 20.53 33.73 -20.60
C GLY G 105 21.45 34.28 -21.70
N THR G 106 20.85 34.97 -22.66
CA THR G 106 21.59 35.56 -23.75
C THR G 106 20.88 36.86 -23.94
N LYS G 107 21.64 37.95 -23.99
CA LYS G 107 21.05 39.26 -24.17
C LYS G 107 21.07 39.44 -25.66
N LEU G 108 19.96 39.90 -26.21
CA LEU G 108 19.90 40.13 -27.64
C LEU G 108 20.09 41.62 -27.81
N GLU G 109 21.37 42.02 -27.80
CA GLU G 109 21.80 43.41 -27.93
C GLU G 109 21.64 43.96 -29.36
N ILE G 110 21.58 45.29 -29.46
CA ILE G 110 21.44 46.02 -30.72
C ILE G 110 22.83 46.31 -31.33
N LYS G 111 23.10 45.75 -32.53
CA LYS G 111 24.39 46.00 -33.22
C LYS G 111 24.41 47.48 -33.49
N ARG G 112 25.60 48.05 -33.46
CA ARG G 112 25.78 49.49 -33.74
C ARG G 112 27.30 49.67 -33.76
N THR G 113 27.82 50.52 -34.66
CA THR G 113 29.28 50.70 -34.79
C THR G 113 29.90 51.12 -33.52
N VAL G 114 31.14 50.66 -33.35
CA VAL G 114 31.92 50.93 -32.18
C VAL G 114 31.83 52.40 -31.84
N ALA G 115 32.19 52.80 -30.64
CA ALA G 115 32.13 54.21 -30.26
C ALA G 115 32.98 54.32 -29.05
N ALA G 116 34.01 55.15 -29.08
CA ALA G 116 34.88 55.28 -27.91
C ALA G 116 34.16 56.01 -26.83
N PRO G 117 34.52 55.74 -25.58
CA PRO G 117 33.77 56.48 -24.59
C PRO G 117 34.45 57.76 -24.31
N SER G 118 33.70 58.73 -23.81
CA SER G 118 34.28 59.99 -23.38
C SER G 118 34.29 59.96 -21.85
N VAL G 119 35.44 59.80 -21.23
CA VAL G 119 35.50 59.75 -19.79
C VAL G 119 35.60 61.11 -19.10
N PHE G 120 35.09 61.21 -17.88
CA PHE G 120 35.14 62.45 -17.11
C PHE G 120 35.26 62.08 -15.64
N ILE G 121 36.17 62.71 -14.91
CA ILE G 121 36.39 62.38 -13.52
C ILE G 121 35.99 63.49 -12.59
N PHE G 122 35.12 63.16 -11.64
CA PHE G 122 34.63 64.10 -10.66
C PHE G 122 35.27 63.84 -9.30
N PRO G 123 35.87 64.86 -8.67
CA PRO G 123 36.51 64.70 -7.37
C PRO G 123 35.48 65.07 -6.29
N PRO G 124 35.65 64.53 -5.04
CA PRO G 124 34.83 64.72 -3.83
C PRO G 124 34.17 66.05 -3.59
N SER G 125 32.84 66.01 -3.56
CA SER G 125 32.05 67.21 -3.31
C SER G 125 32.55 67.72 -2.01
N ASP G 126 33.03 68.96 -2.01
CA ASP G 126 33.54 69.57 -0.78
C ASP G 126 32.51 69.29 0.28
N GLU G 127 31.24 69.49 -0.08
CA GLU G 127 30.13 69.26 0.85
C GLU G 127 30.07 67.82 1.35
N GLN G 128 30.46 66.87 0.51
CA GLN G 128 30.48 65.45 0.89
C GLN G 128 31.70 65.11 1.77
N LEU G 129 32.76 65.91 1.70
CA LEU G 129 33.94 65.65 2.53
C LEU G 129 33.64 66.12 3.98
N LYS G 130 32.67 67.05 4.09
CA LYS G 130 32.24 67.58 5.38
C LYS G 130 31.48 66.48 6.08
N SER G 131 31.60 65.26 5.56
CA SER G 131 30.91 64.09 6.09
C SER G 131 31.83 62.91 6.29
N GLY G 132 33.13 63.16 6.28
CA GLY G 132 34.08 62.09 6.51
C GLY G 132 34.22 61.09 5.39
N THR G 133 33.38 61.20 4.37
CA THR G 133 33.48 60.29 3.24
C THR G 133 33.87 61.02 1.97
N ALA G 134 34.82 60.42 1.27
CA ALA G 134 35.30 60.97 0.04
C ALA G 134 35.14 59.92 -1.05
N SER G 135 34.25 60.17 -1.99
CA SER G 135 34.08 59.21 -3.07
C SER G 135 34.32 59.92 -4.40
N VAL G 136 35.21 59.37 -5.21
CA VAL G 136 35.47 59.97 -6.52
C VAL G 136 34.82 59.17 -7.65
N VAL G 137 34.00 59.85 -8.44
CA VAL G 137 33.31 59.22 -9.56
C VAL G 137 33.96 59.52 -10.90
N CYS G 138 34.15 58.47 -11.67
CA CYS G 138 34.73 58.55 -13.00
C CYS G 138 33.58 58.12 -13.91
N LEU G 139 33.45 58.74 -15.08
CA LEU G 139 32.31 58.45 -15.94
C LEU G 139 32.63 58.25 -17.39
N LEU G 140 32.26 57.10 -17.95
CA LEU G 140 32.49 56.84 -19.37
C LEU G 140 31.20 57.10 -20.16
N ASN G 141 31.06 58.25 -20.85
CA ASN G 141 29.81 58.49 -21.57
C ASN G 141 29.68 57.92 -22.95
N ASN G 142 28.45 57.56 -23.24
CA ASN G 142 28.02 57.00 -24.48
C ASN G 142 29.03 56.20 -25.29
N PHE G 143 29.35 54.99 -24.85
CA PHE G 143 30.31 54.13 -25.53
C PHE G 143 29.61 52.90 -26.04
N TYR G 144 30.35 52.04 -26.73
CA TYR G 144 29.82 50.76 -27.25
C TYR G 144 30.97 50.12 -27.95
N PRO G 145 31.13 48.77 -27.91
CA PRO G 145 30.38 47.76 -27.14
C PRO G 145 30.44 48.04 -25.67
N ARG G 146 29.74 47.20 -24.91
CA ARG G 146 29.68 47.31 -23.45
C ARG G 146 30.95 46.84 -22.74
N GLU G 147 31.85 46.16 -23.43
CA GLU G 147 33.08 45.74 -22.76
C GLU G 147 33.97 46.96 -22.46
N ALA G 148 34.28 47.23 -21.19
CA ALA G 148 35.06 48.42 -20.85
C ALA G 148 35.85 48.38 -19.56
N LYS G 149 37.15 48.12 -19.62
CA LYS G 149 37.93 48.08 -18.39
C LYS G 149 38.13 49.45 -17.82
N VAL G 150 38.04 49.59 -16.50
CA VAL G 150 38.21 50.87 -15.83
C VAL G 150 38.97 50.70 -14.51
N GLN G 151 40.31 50.68 -14.55
CA GLN G 151 41.17 50.52 -13.36
C GLN G 151 41.36 51.83 -12.63
N TRP G 152 41.50 51.80 -11.31
CA TRP G 152 41.70 53.04 -10.54
C TRP G 152 43.12 53.12 -9.98
N LYS G 153 43.68 54.33 -9.92
CA LYS G 153 45.04 54.50 -9.42
C LYS G 153 45.20 55.71 -8.53
N VAL G 154 45.52 55.45 -7.27
CA VAL G 154 45.72 56.50 -6.28
C VAL G 154 47.20 56.67 -5.97
N ASP G 155 47.71 57.87 -6.25
CA ASP G 155 49.10 58.22 -6.02
C ASP G 155 49.97 57.13 -6.60
N ASN G 156 49.67 56.78 -7.85
CA ASN G 156 50.41 55.74 -8.57
C ASN G 156 50.08 54.38 -8.03
N ALA G 157 49.41 54.34 -6.88
CA ALA G 157 49.04 53.07 -6.26
C ALA G 157 47.82 52.49 -6.96
N LEU G 158 48.02 51.52 -7.83
CA LEU G 158 46.90 50.93 -8.56
C LEU G 158 45.83 50.37 -7.62
N GLN G 159 44.76 51.13 -7.47
CA GLN G 159 43.63 50.71 -6.64
C GLN G 159 43.30 49.29 -7.04
N SER G 160 42.54 48.58 -6.19
CA SER G 160 42.14 47.20 -6.46
C SER G 160 41.26 46.68 -5.36
N GLY G 161 41.23 47.41 -4.26
CA GLY G 161 40.40 46.99 -3.17
C GLY G 161 38.97 47.30 -3.53
N ASN G 162 38.55 48.55 -3.29
CA ASN G 162 37.16 48.83 -3.55
C ASN G 162 36.76 50.04 -4.32
N SER G 163 35.97 49.74 -5.35
CA SER G 163 35.37 50.66 -6.30
C SER G 163 34.13 49.93 -6.87
N GLN G 164 33.11 50.70 -7.21
CA GLN G 164 31.88 50.12 -7.70
C GLN G 164 31.43 50.70 -9.06
N GLU G 165 31.24 49.82 -10.04
CA GLU G 165 30.77 50.19 -11.37
C GLU G 165 29.25 50.01 -11.51
N SER G 166 28.59 50.80 -12.34
CA SER G 166 27.14 50.66 -12.57
C SER G 166 27.01 51.01 -14.08
N VAL G 167 26.08 50.41 -14.77
CA VAL G 167 25.98 50.71 -16.19
C VAL G 167 24.56 51.02 -16.62
N THR G 168 24.37 51.47 -17.85
CA THR G 168 23.03 51.78 -18.33
C THR G 168 22.69 50.91 -19.51
N GLU G 169 21.41 50.72 -19.75
CA GLU G 169 20.99 49.89 -20.87
C GLU G 169 21.26 50.70 -22.13
N GLN G 170 21.45 50.03 -23.27
CA GLN G 170 21.69 50.75 -24.53
C GLN G 170 20.78 51.96 -24.62
N ASP G 171 21.36 53.09 -25.00
CA ASP G 171 20.60 54.33 -25.12
C ASP G 171 19.47 54.23 -26.12
N SER G 172 18.37 54.86 -25.80
CA SER G 172 17.23 54.82 -26.67
C SER G 172 17.45 55.62 -27.92
N LYS G 173 18.49 56.45 -27.88
CA LYS G 173 18.84 57.33 -28.99
C LYS G 173 19.97 56.78 -29.85
N ASP G 174 21.15 56.62 -29.24
CA ASP G 174 22.32 56.11 -29.96
C ASP G 174 22.66 54.65 -29.71
N SER G 175 21.84 53.97 -28.91
CA SER G 175 22.11 52.57 -28.58
C SER G 175 23.52 52.42 -28.07
N THR G 176 23.88 53.24 -27.09
CA THR G 176 25.22 53.20 -26.52
C THR G 176 25.23 53.18 -24.99
N TYR G 177 26.24 52.53 -24.42
CA TYR G 177 26.37 52.46 -22.98
C TYR G 177 26.98 53.69 -22.31
N SER G 178 26.98 53.70 -20.98
CA SER G 178 27.57 54.76 -20.19
C SER G 178 27.70 54.03 -18.86
N LEU G 179 28.93 53.92 -18.38
CA LEU G 179 29.21 53.24 -17.13
C LEU G 179 29.69 54.29 -16.09
N SER G 180 29.57 53.97 -14.80
CA SER G 180 30.02 54.89 -13.77
C SER G 180 30.80 54.16 -12.70
N SER G 181 32.12 54.27 -12.72
CA SER G 181 32.95 53.64 -11.70
C SER G 181 33.20 54.60 -10.56
N THR G 182 32.83 54.21 -9.33
CA THR G 182 32.99 55.11 -8.20
C THR G 182 33.96 54.73 -7.13
N LEU G 183 35.22 55.20 -7.20
CA LEU G 183 36.20 54.88 -6.16
C LEU G 183 35.68 55.58 -4.91
N THR G 184 35.90 54.98 -3.76
CA THR G 184 35.42 55.57 -2.52
C THR G 184 36.40 55.38 -1.33
N LEU G 185 37.02 56.48 -0.91
CA LEU G 185 37.98 56.50 0.19
C LEU G 185 37.44 57.20 1.43
N SER G 186 38.14 57.08 2.54
CA SER G 186 37.71 57.73 3.76
C SER G 186 38.30 59.12 3.72
N LYS G 187 37.50 60.11 4.09
CA LYS G 187 37.95 61.51 4.08
C LYS G 187 39.40 61.52 4.43
N ALA G 188 39.76 60.65 5.36
CA ALA G 188 41.13 60.51 5.79
C ALA G 188 41.98 60.11 4.62
N ASP G 189 41.87 58.85 4.23
CA ASP G 189 42.63 58.35 3.11
C ASP G 189 42.66 59.31 1.94
N TYR G 190 41.52 59.92 1.63
CA TYR G 190 41.48 60.85 0.53
C TYR G 190 42.44 62.00 0.78
N GLU G 191 42.27 62.70 1.89
CA GLU G 191 43.16 63.82 2.24
C GLU G 191 44.63 63.34 2.35
N LYS G 192 44.82 62.03 2.39
CA LYS G 192 46.15 61.46 2.50
C LYS G 192 46.94 61.38 1.18
N HIS G 193 46.26 61.57 0.04
CA HIS G 193 46.94 61.47 -1.24
C HIS G 193 46.84 62.64 -2.20
N LYS G 194 47.69 62.61 -3.23
CA LYS G 194 47.72 63.68 -4.20
C LYS G 194 46.93 63.47 -5.45
N VAL G 195 47.31 62.46 -6.21
CA VAL G 195 46.66 62.20 -7.47
C VAL G 195 45.80 60.95 -7.54
N TYR G 196 44.54 61.14 -7.93
CA TYR G 196 43.56 60.07 -8.05
C TYR G 196 43.32 59.95 -9.55
N ALA G 197 43.29 58.73 -10.07
CA ALA G 197 43.10 58.57 -11.51
C ALA G 197 42.42 57.28 -11.99
N CYS G 198 41.37 57.46 -12.77
CA CYS G 198 40.68 56.33 -13.31
C CYS G 198 41.18 56.16 -14.73
N GLU G 199 41.63 54.94 -15.03
CA GLU G 199 42.15 54.60 -16.34
C GLU G 199 41.21 53.57 -17.07
N VAL G 200 40.67 53.96 -18.23
CA VAL G 200 39.76 53.11 -18.99
C VAL G 200 40.32 52.56 -20.26
N THR G 201 40.06 51.29 -20.54
CA THR G 201 40.54 50.58 -21.74
C THR G 201 39.29 50.20 -22.41
N HIS G 202 39.23 50.31 -23.75
CA HIS G 202 38.03 50.00 -24.56
C HIS G 202 38.27 50.09 -26.09
N GLN G 203 37.86 49.07 -26.81
CA GLN G 203 37.98 48.96 -28.27
C GLN G 203 38.05 50.27 -29.00
N GLY G 204 37.10 51.15 -28.71
CA GLY G 204 37.08 52.43 -29.39
C GLY G 204 38.40 53.12 -29.21
N LEU G 205 38.73 53.41 -27.96
CA LEU G 205 39.98 54.06 -27.66
C LEU G 205 41.12 53.38 -28.37
N SER G 206 41.89 54.16 -29.12
CA SER G 206 43.07 53.63 -29.78
C SER G 206 44.00 53.14 -28.66
N SER G 207 43.80 53.71 -27.48
CA SER G 207 44.61 53.32 -26.35
C SER G 207 44.09 53.83 -25.01
N PRO G 208 44.51 53.15 -23.92
CA PRO G 208 44.07 53.53 -22.59
C PRO G 208 44.12 54.99 -22.28
N VAL G 209 42.94 55.56 -22.19
CA VAL G 209 42.72 56.94 -21.84
C VAL G 209 42.77 57.02 -20.31
N THR G 210 43.64 57.85 -19.75
CA THR G 210 43.70 58.00 -18.29
C THR G 210 43.12 59.35 -17.95
N LYS G 211 42.42 59.48 -16.83
CA LYS G 211 41.85 60.76 -16.45
C LYS G 211 42.12 60.98 -14.97
N SER G 212 42.99 61.93 -14.68
CA SER G 212 43.38 62.16 -13.31
C SER G 212 43.19 63.56 -12.90
N PHE G 213 43.44 63.79 -11.63
CA PHE G 213 43.36 65.11 -11.02
C PHE G 213 44.07 65.04 -9.70
N ASN G 214 44.46 66.21 -9.18
CA ASN G 214 45.14 66.25 -7.89
C ASN G 214 44.33 67.11 -6.95
N ARG G 215 44.29 66.71 -5.69
CA ARG G 215 43.52 67.47 -4.71
C ARG G 215 43.93 68.95 -4.71
N GLN H 1 28.25 2.86 32.11
CA GLN H 1 28.12 1.40 31.93
C GLN H 1 26.74 1.07 31.36
N VAL H 2 26.68 0.21 30.33
CA VAL H 2 25.37 -0.15 29.77
C VAL H 2 24.74 -1.26 30.62
N GLN H 3 23.64 -0.98 31.30
CA GLN H 3 23.01 -2.03 32.09
C GLN H 3 21.50 -2.20 32.00
N LEU H 4 21.09 -3.45 32.21
CA LEU H 4 19.69 -3.82 32.20
C LEU H 4 19.31 -4.41 33.58
N VAL H 5 18.42 -3.73 34.31
CA VAL H 5 18.01 -4.25 35.62
C VAL H 5 16.61 -4.80 35.71
N GLN H 6 16.50 -6.12 35.61
CA GLN H 6 15.22 -6.84 35.72
C GLN H 6 14.61 -6.73 37.14
N SER H 7 13.32 -7.05 37.20
CA SER H 7 12.53 -6.96 38.43
C SER H 7 12.73 -8.14 39.36
N GLY H 8 12.09 -8.03 40.53
CA GLY H 8 12.17 -9.06 41.55
C GLY H 8 11.51 -10.38 41.16
N ALA H 9 11.95 -11.45 41.82
CA ALA H 9 11.41 -12.80 41.59
C ALA H 9 9.91 -12.84 41.89
N GLU H 10 9.21 -13.74 41.26
CA GLU H 10 7.77 -13.81 41.48
C GLU H 10 7.32 -15.25 41.72
N VAL H 11 6.46 -15.44 42.73
CA VAL H 11 5.90 -16.77 42.98
C VAL H 11 4.40 -16.62 42.69
N VAL H 12 3.88 -17.42 41.78
CA VAL H 12 2.49 -17.28 41.45
C VAL H 12 1.82 -18.61 41.16
N LYS H 13 0.54 -18.67 41.55
CA LYS H 13 -0.28 -19.86 41.40
C LYS H 13 -0.64 -20.01 39.94
N PRO H 14 -0.75 -21.27 39.47
CA PRO H 14 -1.08 -21.60 38.08
C PRO H 14 -2.21 -20.76 37.60
N GLY H 15 -2.31 -20.60 36.29
CA GLY H 15 -3.39 -19.83 35.70
C GLY H 15 -3.32 -18.33 35.89
N ALA H 16 -2.58 -17.89 36.89
CA ALA H 16 -2.42 -16.46 37.08
C ALA H 16 -1.59 -15.86 35.93
N SER H 17 -1.18 -14.62 36.13
CA SER H 17 -0.38 -13.93 35.14
C SER H 17 0.53 -12.99 35.85
N VAL H 18 1.71 -12.81 35.29
CA VAL H 18 2.68 -11.95 35.91
C VAL H 18 3.27 -11.01 34.85
N LYS H 19 3.65 -9.81 35.29
CA LYS H 19 4.21 -8.81 34.38
C LYS H 19 5.63 -8.38 34.67
N LEU H 20 6.59 -9.06 34.07
CA LEU H 20 8.01 -8.75 34.27
C LEU H 20 8.48 -7.43 33.65
N SER H 21 9.35 -6.72 34.36
CA SER H 21 9.82 -5.48 33.83
C SER H 21 11.33 -5.50 33.73
N CYS H 22 11.88 -4.67 32.86
CA CYS H 22 13.32 -4.61 32.63
C CYS H 22 13.66 -3.18 32.31
N LYS H 23 14.51 -2.58 33.12
CA LYS H 23 14.92 -1.18 32.94
C LYS H 23 16.33 -1.02 32.39
N ALA H 24 16.44 -0.62 31.13
CA ALA H 24 17.74 -0.44 30.48
C ALA H 24 18.35 0.88 30.90
N SER H 25 19.62 1.06 30.58
CA SER H 25 20.31 2.30 30.93
C SER H 25 21.77 2.22 30.44
N GLY H 26 22.39 3.37 30.22
CA GLY H 26 23.78 3.34 29.75
C GLY H 26 23.91 3.39 28.23
N TYR H 27 22.78 3.54 27.55
CA TYR H 27 22.77 3.59 26.11
C TYR H 27 21.45 4.14 25.60
N ILE H 28 21.34 4.32 24.28
CA ILE H 28 20.11 4.86 23.75
C ILE H 28 19.15 3.72 23.65
N PHE H 29 18.13 3.81 24.50
CA PHE H 29 17.09 2.81 24.61
C PHE H 29 16.48 2.32 23.33
N THR H 30 15.96 3.27 22.55
CA THR H 30 15.27 2.97 21.28
C THR H 30 16.15 2.42 20.16
N SER H 31 17.46 2.49 20.32
CA SER H 31 18.30 2.02 19.27
C SER H 31 18.66 0.56 19.37
N TYR H 32 17.98 -0.16 20.25
CA TYR H 32 18.27 -1.59 20.32
C TYR H 32 17.04 -2.46 20.47
N TYR H 33 17.00 -3.54 19.73
CA TYR H 33 15.89 -4.41 19.93
C TYR H 33 16.13 -5.12 21.29
N MET H 34 15.11 -5.13 22.14
CA MET H 34 15.17 -5.80 23.44
C MET H 34 14.52 -7.16 23.25
N TYR H 35 15.27 -8.22 23.54
CA TYR H 35 14.77 -9.61 23.42
C TYR H 35 14.36 -10.07 24.80
N TRP H 36 13.91 -11.31 24.87
CA TRP H 36 13.56 -11.92 26.12
C TRP H 36 13.88 -13.39 25.96
N VAL H 37 14.59 -13.94 26.93
CA VAL H 37 14.98 -15.35 26.87
C VAL H 37 14.55 -16.07 28.12
N LYS H 38 13.98 -17.27 27.96
CA LYS H 38 13.52 -18.05 29.09
C LYS H 38 14.52 -19.16 29.22
N GLN H 39 14.86 -19.54 30.45
CA GLN H 39 15.78 -20.68 30.75
C GLN H 39 15.15 -21.38 31.95
N ALA H 40 14.70 -22.61 31.71
CA ALA H 40 14.05 -23.37 32.75
C ALA H 40 14.97 -24.36 33.39
N PRO H 41 14.73 -24.63 34.70
CA PRO H 41 15.56 -25.58 35.43
C PRO H 41 15.99 -26.74 34.52
N GLY H 42 17.29 -26.82 34.31
CA GLY H 42 17.79 -27.89 33.46
C GLY H 42 17.47 -27.60 32.02
N GLN H 43 16.30 -27.02 31.78
CA GLN H 43 15.92 -26.67 30.42
C GLN H 43 16.90 -25.58 29.90
N GLY H 44 17.10 -25.52 28.57
CA GLY H 44 18.02 -24.55 27.99
C GLY H 44 17.59 -23.09 27.87
N LEU H 45 18.27 -22.39 26.96
CA LEU H 45 17.96 -21.01 26.69
C LEU H 45 16.95 -21.00 25.54
N GLU H 46 15.84 -20.30 25.74
CA GLU H 46 14.83 -20.23 24.72
C GLU H 46 14.51 -18.78 24.43
N TRP H 47 14.40 -18.43 23.15
CA TRP H 47 14.08 -17.05 22.79
C TRP H 47 12.57 -16.88 22.80
N ILE H 48 12.06 -15.91 23.54
CA ILE H 48 10.61 -15.72 23.55
C ILE H 48 10.19 -14.76 22.39
N GLY H 49 10.72 -13.55 22.41
CA GLY H 49 10.33 -12.60 21.39
C GLY H 49 11.25 -11.39 21.37
N GLU H 50 10.86 -10.42 20.56
CA GLU H 50 11.63 -9.20 20.43
C GLU H 50 10.72 -8.01 20.38
N ILE H 51 11.21 -6.87 20.84
CA ILE H 51 10.41 -5.66 20.81
C ILE H 51 11.34 -4.51 20.43
N ASN H 52 10.92 -3.68 19.50
CA ASN H 52 11.75 -2.55 19.16
C ASN H 52 11.18 -1.52 20.14
N PRO H 53 12.01 -0.95 20.98
CA PRO H 53 11.33 -0.01 21.87
C PRO H 53 10.93 1.31 21.25
N SER H 54 11.61 1.71 20.21
CA SER H 54 11.25 2.98 19.59
C SER H 54 9.84 2.92 19.04
N ASN H 55 9.57 1.74 18.51
CA ASN H 55 8.33 1.39 17.84
C ASN H 55 7.09 0.94 18.63
N GLY H 56 7.28 -0.12 19.41
CA GLY H 56 6.23 -0.75 20.17
C GLY H 56 6.04 -2.06 19.42
N ASP H 57 6.57 -2.12 18.20
CA ASP H 57 6.54 -3.26 17.29
C ASP H 57 7.23 -4.49 17.91
N THR H 58 6.65 -5.66 17.69
CA THR H 58 7.13 -6.90 18.27
C THR H 58 7.22 -8.10 17.34
N ASN H 59 7.87 -9.14 17.83
CA ASN H 59 8.00 -10.33 17.04
C ASN H 59 8.22 -11.43 18.00
N PHE H 60 7.36 -12.46 17.94
CA PHE H 60 7.48 -13.58 18.86
C PHE H 60 7.94 -14.91 18.32
N ASN H 61 8.39 -15.79 19.19
CA ASN H 61 8.76 -17.13 18.78
C ASN H 61 7.36 -17.73 18.80
N GLU H 62 6.92 -18.30 17.69
CA GLU H 62 5.59 -18.92 17.61
C GLU H 62 5.32 -19.71 18.90
N LYS H 63 6.27 -20.57 19.26
CA LYS H 63 6.15 -21.40 20.44
C LYS H 63 5.75 -20.60 21.70
N PHE H 64 5.72 -19.26 21.64
CA PHE H 64 5.31 -18.45 22.82
C PHE H 64 4.33 -17.35 22.49
N LYS H 65 3.90 -17.30 21.25
CA LYS H 65 2.98 -16.27 20.81
C LYS H 65 1.83 -16.04 21.80
N SER H 66 1.40 -17.10 22.47
CA SER H 66 0.30 -17.06 23.45
C SER H 66 0.71 -16.62 24.86
N LYS H 67 1.80 -17.17 25.36
CA LYS H 67 2.25 -16.81 26.70
C LYS H 67 2.76 -15.37 26.93
N ALA H 68 3.41 -14.75 25.94
CA ALA H 68 4.00 -13.43 26.19
C ALA H 68 3.38 -12.22 25.58
N THR H 69 3.67 -11.07 26.18
CA THR H 69 3.13 -9.81 25.71
C THR H 69 4.18 -8.75 25.98
N LEU H 70 5.04 -8.52 24.98
CA LEU H 70 6.12 -7.53 25.03
C LEU H 70 5.55 -6.11 24.88
N THR H 71 6.07 -5.16 25.64
CA THR H 71 5.59 -3.77 25.61
C THR H 71 6.70 -2.92 26.20
N VAL H 72 6.70 -1.61 26.00
CA VAL H 72 7.81 -0.84 26.59
C VAL H 72 7.40 0.57 26.91
N ASP H 73 8.11 1.19 27.84
CA ASP H 73 7.81 2.57 28.19
C ASP H 73 8.99 3.41 27.77
N LYS H 74 9.07 3.68 26.46
CA LYS H 74 10.11 4.51 25.85
C LYS H 74 10.58 5.56 26.89
N SER H 75 9.64 6.30 27.45
CA SER H 75 10.01 7.33 28.41
C SER H 75 10.84 6.79 29.53
N ALA H 76 10.31 5.82 30.27
CA ALA H 76 11.06 5.27 31.40
C ALA H 76 12.19 4.31 30.95
N SER H 77 12.44 4.25 29.65
CA SER H 77 13.48 3.35 29.15
C SER H 77 13.30 1.95 29.75
N THR H 78 12.10 1.39 29.60
CA THR H 78 11.84 0.11 30.21
C THR H 78 10.98 -0.80 29.34
N ALA H 79 11.25 -2.09 29.42
CA ALA H 79 10.46 -3.02 28.65
C ALA H 79 9.74 -3.84 29.69
N TYR H 80 8.69 -4.54 29.27
CA TYR H 80 7.90 -5.38 30.16
C TYR H 80 7.41 -6.62 29.45
N MET H 81 7.40 -7.73 30.17
CA MET H 81 6.92 -9.00 29.62
C MET H 81 5.75 -9.44 30.45
N GLU H 82 4.67 -9.88 29.81
CA GLU H 82 3.53 -10.35 30.55
C GLU H 82 3.21 -11.77 30.16
N LEU H 83 3.53 -12.69 31.06
CA LEU H 83 3.23 -14.09 30.82
C LEU H 83 1.83 -14.29 31.45
N SER H 84 0.95 -14.98 30.74
CA SER H 84 -0.37 -15.17 31.25
C SER H 84 -0.75 -16.63 31.20
N SER H 85 -1.79 -16.97 31.96
CA SER H 85 -2.30 -18.33 32.05
C SER H 85 -1.10 -19.23 32.23
N LEU H 86 -0.42 -19.03 33.35
CA LEU H 86 0.77 -19.79 33.67
C LEU H 86 0.49 -21.23 34.08
N ARG H 87 1.07 -22.17 33.34
CA ARG H 87 0.95 -23.58 33.65
C ARG H 87 2.12 -23.73 34.56
N SER H 88 2.41 -24.96 34.95
CA SER H 88 3.55 -25.22 35.84
C SER H 88 4.89 -25.22 35.10
N GLU H 89 4.89 -25.72 33.87
CA GLU H 89 6.11 -25.75 33.10
C GLU H 89 6.57 -24.35 32.68
N ASP H 90 5.86 -23.30 33.11
CA ASP H 90 6.22 -21.92 32.77
C ASP H 90 7.28 -21.43 33.75
N THR H 91 7.55 -22.19 34.79
CA THR H 91 8.56 -21.80 35.78
C THR H 91 9.94 -21.79 35.12
N ALA H 92 10.72 -20.77 35.44
CA ALA H 92 12.09 -20.60 34.94
C ALA H 92 12.65 -19.21 35.20
N VAL H 93 13.79 -18.90 34.58
CA VAL H 93 14.33 -17.55 34.70
C VAL H 93 14.19 -16.86 33.35
N TYR H 94 13.59 -15.68 33.42
CA TYR H 94 13.29 -14.85 32.28
C TYR H 94 14.33 -13.74 32.27
N TYR H 95 15.07 -13.70 31.18
CA TYR H 95 16.12 -12.73 31.00
C TYR H 95 15.68 -11.72 29.97
N CYS H 96 16.02 -10.44 30.21
CA CYS H 96 15.72 -9.40 29.21
C CYS H 96 17.14 -9.14 28.78
N THR H 97 17.30 -9.03 27.45
CA THR H 97 18.61 -8.75 26.90
C THR H 97 18.53 -7.89 25.67
N ARG H 98 19.56 -7.05 25.52
CA ARG H 98 19.79 -6.09 24.41
C ARG H 98 20.40 -6.79 23.18
N SER H 99 19.69 -6.79 22.07
CA SER H 99 20.23 -7.42 20.87
C SER H 99 21.03 -6.34 20.18
N ASP H 100 22.13 -6.74 19.59
CA ASP H 100 22.99 -5.79 18.93
C ASP H 100 22.76 -5.97 17.43
N GLY H 101 21.78 -5.24 16.93
CA GLY H 101 21.47 -5.35 15.52
C GLY H 101 20.67 -6.60 15.31
N ARG H 102 19.98 -7.00 16.38
CA ARG H 102 19.16 -8.19 16.34
C ARG H 102 19.99 -9.43 15.97
N ASN H 103 21.21 -9.53 16.48
CA ASN H 103 22.02 -10.69 16.17
C ASN H 103 22.68 -11.23 17.44
N ASP H 104 23.86 -10.74 17.78
CA ASP H 104 24.48 -11.18 19.01
C ASP H 104 23.59 -10.49 20.07
N MET H 105 23.30 -11.15 21.19
CA MET H 105 22.51 -10.54 22.28
C MET H 105 23.62 -10.17 23.25
N ASP H 106 24.01 -8.90 23.28
CA ASP H 106 25.14 -8.46 24.11
C ASP H 106 25.07 -7.96 25.54
N SER H 107 23.90 -7.94 26.17
CA SER H 107 23.82 -7.55 27.59
C SER H 107 22.55 -8.13 28.17
N TRP H 108 22.65 -8.65 29.39
CA TRP H 108 21.49 -9.26 30.00
C TRP H 108 21.15 -8.75 31.38
N GLY H 109 19.85 -8.74 31.70
CA GLY H 109 19.39 -8.37 33.03
C GLY H 109 19.74 -9.55 33.99
N GLN H 110 19.62 -9.34 35.30
CA GLN H 110 19.98 -10.37 36.25
C GLN H 110 19.28 -11.63 35.97
N GLY H 111 18.03 -11.49 35.57
CA GLY H 111 17.17 -12.62 35.30
C GLY H 111 15.99 -12.54 36.26
N THR H 112 14.85 -13.13 35.93
CA THR H 112 13.76 -13.10 36.88
C THR H 112 13.25 -14.50 37.02
N LEU H 113 13.18 -14.96 38.25
CA LEU H 113 12.74 -16.31 38.54
C LEU H 113 11.21 -16.29 38.68
N VAL H 114 10.51 -16.82 37.71
CA VAL H 114 9.06 -16.86 37.81
C VAL H 114 8.77 -18.32 38.12
N THR H 115 8.26 -18.55 39.32
CA THR H 115 7.97 -19.90 39.72
C THR H 115 6.48 -19.99 39.95
N VAL H 116 5.84 -20.82 39.15
CA VAL H 116 4.40 -20.92 39.26
C VAL H 116 3.96 -22.27 39.85
N SER H 117 3.40 -22.20 41.05
CA SER H 117 2.93 -23.40 41.73
C SER H 117 1.72 -23.12 42.61
N SER H 118 0.95 -24.20 42.86
CA SER H 118 -0.26 -24.18 43.70
C SER H 118 0.11 -24.21 45.16
N ALA H 119 1.24 -24.80 45.47
CA ALA H 119 1.71 -24.88 46.83
C ALA H 119 1.63 -23.49 47.47
N SER H 120 1.80 -23.43 48.78
CA SER H 120 1.77 -22.17 49.50
C SER H 120 2.85 -22.15 50.58
N THR H 121 3.50 -21.00 50.69
CA THR H 121 4.57 -20.81 51.65
C THR H 121 4.43 -21.78 52.77
N LYS H 122 5.55 -22.27 53.26
CA LYS H 122 5.55 -23.24 54.34
C LYS H 122 6.99 -23.53 54.75
N GLY H 123 7.23 -23.64 56.06
CA GLY H 123 8.58 -23.89 56.55
C GLY H 123 8.94 -25.31 56.19
N PRO H 124 10.21 -25.70 56.30
CA PRO H 124 10.58 -27.08 55.97
C PRO H 124 10.45 -27.97 57.20
N SER H 125 10.84 -29.22 57.06
CA SER H 125 10.85 -30.17 58.15
C SER H 125 12.31 -30.55 58.13
N VAL H 126 12.89 -30.83 59.29
CA VAL H 126 14.30 -31.20 59.37
C VAL H 126 14.44 -32.57 60.01
N PHE H 127 15.34 -33.39 59.52
CA PHE H 127 15.46 -34.71 60.12
C PHE H 127 16.91 -35.11 60.21
N PRO H 128 17.33 -35.57 61.39
CA PRO H 128 18.74 -35.92 61.41
C PRO H 128 18.98 -37.09 60.49
N LEU H 129 20.14 -37.07 59.85
CA LEU H 129 20.60 -38.13 58.98
C LEU H 129 21.78 -38.45 59.89
N ALA H 130 21.51 -39.15 60.99
CA ALA H 130 22.55 -39.44 61.97
C ALA H 130 23.55 -40.52 61.64
N PRO H 131 24.79 -40.31 62.10
CA PRO H 131 25.89 -41.26 61.88
C PRO H 131 25.55 -42.63 62.45
N SER H 132 26.12 -43.65 61.84
CA SER H 132 25.86 -45.01 62.25
C SER H 132 26.87 -45.86 61.51
N SER H 133 27.08 -47.07 61.95
CA SER H 133 28.02 -47.92 61.27
C SER H 133 27.71 -47.87 59.78
N LYS H 134 26.42 -47.76 59.47
CA LYS H 134 25.96 -47.72 58.09
C LYS H 134 26.33 -46.44 57.30
N SER H 135 26.97 -45.50 58.01
CA SER H 135 27.41 -44.22 57.43
C SER H 135 28.80 -43.83 57.95
N THR H 136 29.63 -44.85 58.16
CA THR H 136 30.99 -44.62 58.64
C THR H 136 32.06 -45.37 57.86
N SER H 137 32.36 -44.88 56.68
CA SER H 137 33.38 -45.49 55.88
C SER H 137 34.73 -45.13 56.51
N GLY H 138 35.59 -46.13 56.64
CA GLY H 138 36.90 -45.89 57.23
C GLY H 138 36.84 -45.08 58.50
N GLY H 139 37.88 -44.29 58.76
CA GLY H 139 37.94 -43.47 59.95
C GLY H 139 36.96 -42.32 59.98
N THR H 140 36.26 -42.11 58.87
CA THR H 140 35.31 -41.01 58.79
C THR H 140 33.84 -41.36 58.87
N ALA H 141 33.06 -40.45 59.45
CA ALA H 141 31.63 -40.65 59.59
C ALA H 141 30.84 -39.61 58.82
N ALA H 142 29.74 -40.03 58.19
CA ALA H 142 28.91 -39.09 57.44
C ALA H 142 27.66 -38.76 58.25
N LEU H 143 27.21 -37.52 58.19
CA LEU H 143 26.04 -37.16 58.94
C LEU H 143 25.45 -35.85 58.40
N GLY H 144 24.18 -35.56 58.62
CA GLY H 144 23.61 -34.31 58.15
C GLY H 144 22.12 -34.15 58.32
N CYS H 145 21.52 -33.03 57.88
CA CYS H 145 20.07 -32.86 58.02
C CYS H 145 19.26 -32.98 56.76
N LEU H 146 18.05 -33.50 56.87
CA LEU H 146 17.18 -33.62 55.73
C LEU H 146 16.07 -32.59 55.91
N VAL H 147 16.16 -31.51 55.14
CA VAL H 147 15.23 -30.39 55.18
C VAL H 147 14.11 -30.67 54.19
N LYS H 148 13.04 -31.31 54.68
CA LYS H 148 11.85 -31.72 53.90
C LYS H 148 10.62 -30.84 53.85
N ASP H 149 9.95 -30.89 52.68
CA ASP H 149 8.76 -30.11 52.32
C ASP H 149 8.60 -28.69 52.80
N TYR H 150 9.08 -27.74 52.00
CA TYR H 150 8.97 -26.32 52.29
C TYR H 150 8.71 -25.65 50.95
N PHE H 151 8.44 -24.36 50.97
CA PHE H 151 8.17 -23.65 49.73
C PHE H 151 8.05 -22.16 49.96
N PRO H 152 8.64 -21.34 49.10
CA PRO H 152 9.44 -21.63 47.90
C PRO H 152 10.88 -21.64 48.32
N GLU H 153 11.81 -21.79 47.39
CA GLU H 153 13.22 -21.74 47.78
C GLU H 153 13.40 -20.31 48.24
N PRO H 154 14.49 -20.03 48.92
CA PRO H 154 15.55 -20.91 49.33
C PRO H 154 15.53 -21.18 50.85
N VAL H 155 16.12 -22.31 51.23
CA VAL H 155 16.21 -22.65 52.62
C VAL H 155 17.68 -22.66 52.80
N THR H 156 18.19 -21.72 53.56
CA THR H 156 19.61 -21.71 53.77
C THR H 156 19.94 -22.68 54.92
N VAL H 157 21.06 -23.40 54.83
CA VAL H 157 21.44 -24.37 55.85
C VAL H 157 22.88 -24.18 56.28
N SER H 158 23.10 -24.07 57.58
CA SER H 158 24.44 -23.90 58.08
C SER H 158 24.76 -24.86 59.21
N TRP H 159 26.03 -25.14 59.44
CA TRP H 159 26.40 -26.03 60.51
C TRP H 159 27.13 -25.35 61.65
N ASN H 160 26.83 -25.81 62.87
CA ASN H 160 27.40 -25.26 64.10
C ASN H 160 27.55 -23.79 63.91
N SER H 161 26.42 -23.15 63.65
CA SER H 161 26.32 -21.72 63.41
C SER H 161 27.63 -21.12 62.87
N GLY H 162 28.02 -21.59 61.69
CA GLY H 162 29.23 -21.10 61.03
C GLY H 162 30.52 -21.88 61.25
N ALA H 163 30.94 -22.05 62.50
CA ALA H 163 32.18 -22.76 62.81
C ALA H 163 32.45 -23.95 61.89
N LEU H 164 31.45 -24.80 61.68
CA LEU H 164 31.64 -25.96 60.81
C LEU H 164 31.29 -25.61 59.38
N THR H 165 32.32 -25.56 58.56
CA THR H 165 32.17 -25.26 57.14
C THR H 165 33.08 -26.14 56.34
N SER H 166 33.60 -27.19 56.95
CA SER H 166 34.47 -28.07 56.22
C SER H 166 33.84 -29.43 56.06
N GLY H 167 33.81 -29.91 54.84
CA GLY H 167 33.24 -31.22 54.64
C GLY H 167 31.77 -31.11 54.38
N VAL H 168 31.23 -29.92 54.52
CA VAL H 168 29.82 -29.77 54.27
C VAL H 168 29.54 -29.85 52.78
N HIS H 169 28.43 -30.47 52.40
CA HIS H 169 28.02 -30.55 51.02
C HIS H 169 26.51 -30.35 51.20
N THR H 170 26.00 -29.15 51.03
CA THR H 170 24.56 -28.98 51.15
C THR H 170 23.96 -29.00 49.72
N PHE H 171 23.28 -30.07 49.39
CA PHE H 171 22.69 -30.26 48.06
C PHE H 171 21.69 -29.25 47.57
N PRO H 172 21.53 -29.18 46.23
CA PRO H 172 20.58 -28.27 45.61
C PRO H 172 19.19 -28.82 45.83
N ALA H 173 18.23 -27.91 46.00
CA ALA H 173 16.84 -28.31 46.21
C ALA H 173 16.29 -29.14 45.05
N VAL H 174 15.34 -30.01 45.34
CA VAL H 174 14.71 -30.80 44.30
C VAL H 174 13.23 -30.93 44.56
N LEU H 175 12.46 -30.31 43.68
CA LEU H 175 11.02 -30.33 43.78
C LEU H 175 10.52 -31.75 43.72
N GLN H 176 10.22 -32.32 44.88
CA GLN H 176 9.67 -33.67 44.89
C GLN H 176 8.27 -33.51 44.37
N SER H 177 7.62 -34.65 44.07
CA SER H 177 6.24 -34.61 43.60
C SER H 177 5.50 -33.80 44.64
N SER H 178 4.17 -33.76 44.57
CA SER H 178 3.50 -32.94 45.55
C SER H 178 4.03 -31.56 45.17
N GLY H 179 3.90 -30.52 45.98
CA GLY H 179 4.41 -29.26 45.48
C GLY H 179 5.68 -28.66 46.10
N LEU H 180 6.14 -29.25 47.20
CA LEU H 180 7.27 -28.74 47.96
C LEU H 180 8.63 -29.29 47.66
N TYR H 181 9.64 -28.51 48.05
CA TYR H 181 11.04 -28.83 47.83
C TYR H 181 11.64 -29.62 48.96
N SER H 182 12.74 -30.32 48.69
CA SER H 182 13.41 -31.09 49.73
C SER H 182 14.93 -31.26 49.50
N LEU H 183 15.74 -30.55 50.27
CA LEU H 183 17.18 -30.67 50.12
C LEU H 183 17.77 -31.24 51.40
N SER H 184 18.94 -31.86 51.29
CA SER H 184 19.61 -32.44 52.43
C SER H 184 21.02 -31.84 52.54
N SER H 185 21.39 -31.37 53.72
CA SER H 185 22.71 -30.79 53.90
C SER H 185 23.49 -31.85 54.65
N VAL H 186 24.67 -32.22 54.14
CA VAL H 186 25.47 -33.26 54.77
C VAL H 186 26.90 -32.85 55.01
N VAL H 187 27.53 -33.49 55.98
CA VAL H 187 28.92 -33.18 56.33
C VAL H 187 29.63 -34.42 56.81
N THR H 188 30.90 -34.52 56.51
CA THR H 188 31.61 -35.67 56.94
C THR H 188 32.63 -35.20 57.97
N VAL H 189 32.66 -35.91 59.09
CA VAL H 189 33.54 -35.58 60.18
C VAL H 189 34.24 -36.85 60.58
N PRO H 190 35.32 -36.71 61.32
CA PRO H 190 36.05 -37.89 61.75
C PRO H 190 35.15 -38.63 62.69
N SER H 191 35.16 -39.96 62.56
CA SER H 191 34.34 -40.82 63.38
C SER H 191 34.69 -40.57 64.82
N SER H 192 35.97 -40.71 65.12
CA SER H 192 36.43 -40.53 66.48
C SER H 192 35.91 -39.27 67.15
N SER H 193 35.37 -38.36 66.35
CA SER H 193 34.85 -37.11 66.88
C SER H 193 33.50 -37.23 67.58
N LEU H 194 32.56 -37.90 66.92
CA LEU H 194 31.20 -38.06 67.42
C LEU H 194 31.06 -38.04 68.92
N GLY H 195 32.12 -38.44 69.62
CA GLY H 195 32.10 -38.46 71.07
C GLY H 195 32.35 -37.13 71.75
N THR H 196 33.51 -36.55 71.49
CA THR H 196 33.87 -35.29 72.09
C THR H 196 33.26 -34.10 71.40
N GLN H 197 32.80 -34.29 70.17
CA GLN H 197 32.20 -33.21 69.39
C GLN H 197 30.68 -33.28 69.14
N THR H 198 30.03 -32.13 69.16
CA THR H 198 28.60 -32.06 68.91
C THR H 198 28.38 -31.36 67.58
N TYR H 199 27.22 -31.54 66.96
CA TYR H 199 26.96 -30.90 65.70
C TYR H 199 25.52 -30.48 65.59
N ILE H 200 25.27 -29.30 65.04
CA ILE H 200 23.90 -28.83 64.86
C ILE H 200 23.78 -28.18 63.51
N CYS H 201 22.70 -28.46 62.82
CA CYS H 201 22.48 -27.87 61.54
C CYS H 201 21.49 -26.76 61.75
N ASN H 202 21.59 -25.68 60.99
CA ASN H 202 20.72 -24.53 61.20
C ASN H 202 19.91 -24.21 59.97
N VAL H 203 18.74 -24.82 59.84
CA VAL H 203 17.90 -24.55 58.68
C VAL H 203 17.19 -23.25 58.87
N ASN H 204 17.19 -22.39 57.85
CA ASN H 204 16.50 -21.13 57.96
C ASN H 204 15.69 -20.91 56.70
N HIS H 205 14.37 -20.86 56.84
CA HIS H 205 13.47 -20.64 55.72
C HIS H 205 12.75 -19.30 55.79
N LYS H 206 13.51 -18.22 55.55
CA LYS H 206 13.00 -16.87 55.61
C LYS H 206 11.60 -16.73 54.99
N PRO H 207 11.39 -17.24 53.76
CA PRO H 207 10.07 -17.13 53.11
C PRO H 207 8.89 -17.57 53.98
N SER H 208 9.19 -17.91 55.22
CA SER H 208 8.16 -18.35 56.15
C SER H 208 8.61 -18.03 57.56
N ASN H 209 9.68 -17.25 57.66
CA ASN H 209 10.19 -16.87 58.96
C ASN H 209 10.77 -18.07 59.67
N THR H 210 10.57 -19.25 59.08
CA THR H 210 11.05 -20.52 59.65
C THR H 210 12.55 -20.55 59.94
N LYS H 211 12.89 -21.26 61.01
CA LYS H 211 14.27 -21.43 61.46
C LYS H 211 14.31 -22.56 62.47
N VAL H 212 15.22 -23.52 62.26
CA VAL H 212 15.35 -24.70 63.11
C VAL H 212 16.82 -25.04 63.32
N ASP H 213 17.13 -25.62 64.47
CA ASP H 213 18.49 -26.00 64.78
C ASP H 213 18.51 -27.44 65.24
N LYS H 214 18.63 -28.38 64.30
CA LYS H 214 18.62 -29.82 64.58
C LYS H 214 20.00 -30.24 65.07
N LYS H 215 20.07 -30.76 66.28
CA LYS H 215 21.32 -31.24 66.86
C LYS H 215 21.43 -32.66 66.32
N VAL H 216 22.31 -32.88 65.37
CA VAL H 216 22.43 -34.22 64.83
C VAL H 216 23.24 -35.03 65.82
N GLU H 217 22.66 -36.12 66.29
CA GLU H 217 23.36 -36.96 67.23
C GLU H 217 23.38 -38.34 66.64
N PRO H 218 24.43 -39.12 66.96
CA PRO H 218 24.61 -40.47 66.47
C PRO H 218 23.64 -41.46 67.02
N LYS H 219 22.41 -41.45 66.52
CA LYS H 219 21.41 -42.41 66.96
C LYS H 219 21.83 -43.69 66.24
N ASP I 1 12.41 -24.47 12.66
CA ASP I 1 13.43 -23.79 13.48
C ASP I 1 14.74 -24.47 13.28
N ILE I 2 15.83 -23.73 13.34
CA ILE I 2 17.16 -24.33 13.15
C ILE I 2 17.52 -24.97 14.46
N VAL I 3 18.22 -26.10 14.42
CA VAL I 3 18.63 -26.76 15.65
C VAL I 3 20.15 -26.85 15.80
N LEU I 4 20.67 -26.29 16.88
CA LEU I 4 22.12 -26.34 17.07
C LEU I 4 22.51 -27.43 18.03
N THR I 5 23.50 -28.23 17.69
CA THR I 5 23.88 -29.32 18.56
C THR I 5 25.32 -29.07 18.96
N GLN I 6 25.58 -28.90 20.24
CA GLN I 6 26.95 -28.65 20.64
C GLN I 6 27.64 -29.97 20.93
N SER I 7 28.88 -29.92 21.33
CA SER I 7 29.60 -31.13 21.63
C SER I 7 31.03 -30.75 21.90
N PRO I 8 31.68 -31.39 22.89
CA PRO I 8 31.11 -32.42 23.74
C PRO I 8 30.13 -31.68 24.62
N ALA I 9 29.28 -32.40 25.36
CA ALA I 9 28.33 -31.75 26.26
C ALA I 9 29.17 -31.32 27.46
N THR I 10 30.15 -32.15 27.79
CA THR I 10 31.01 -31.76 28.89
C THR I 10 32.42 -31.82 28.38
N LEU I 11 33.19 -30.77 28.61
CA LEU I 11 34.57 -30.78 28.18
C LEU I 11 35.27 -30.52 29.46
N SER I 12 36.09 -31.49 29.87
CA SER I 12 36.84 -31.39 31.12
C SER I 12 38.28 -31.15 30.74
N VAL I 13 38.76 -29.97 31.09
CA VAL I 13 40.07 -29.49 30.74
C VAL I 13 40.65 -28.94 32.00
N SER I 14 41.96 -28.81 32.05
CA SER I 14 42.58 -28.29 33.24
C SER I 14 42.99 -26.87 32.91
N PRO I 15 43.27 -26.05 33.92
CA PRO I 15 43.68 -24.68 33.61
C PRO I 15 44.98 -24.92 32.88
N GLY I 16 45.36 -24.05 31.96
CA GLY I 16 46.58 -24.31 31.22
C GLY I 16 46.28 -25.26 30.06
N GLU I 17 45.09 -25.86 30.03
CA GLU I 17 44.77 -26.74 28.91
C GLU I 17 43.97 -25.92 27.90
N ARG I 18 44.13 -26.24 26.62
CA ARG I 18 43.39 -25.52 25.61
C ARG I 18 42.13 -26.32 25.38
N ALA I 19 41.05 -25.59 25.22
CA ALA I 19 39.77 -26.19 25.03
C ALA I 19 39.00 -25.61 23.86
N THR I 20 38.40 -26.48 23.06
CA THR I 20 37.62 -26.01 21.93
C THR I 20 36.30 -26.81 21.82
N ILE I 21 35.21 -26.08 21.90
CA ILE I 21 33.87 -26.64 21.81
C ILE I 21 33.42 -26.52 20.37
N SER I 22 32.38 -27.20 19.98
CA SER I 22 31.97 -27.10 18.63
C SER I 22 30.45 -27.00 18.58
N CYS I 23 29.89 -26.28 17.62
CA CYS I 23 28.44 -26.14 17.54
C CYS I 23 27.98 -26.62 16.23
N ARG I 24 26.68 -26.77 16.07
CA ARG I 24 26.17 -27.35 14.83
C ARG I 24 24.77 -27.03 14.34
N ALA I 25 24.71 -26.41 13.17
CA ALA I 25 23.46 -25.97 12.64
C ALA I 25 22.78 -27.00 11.80
N SER I 26 21.47 -27.11 12.02
CA SER I 26 20.71 -28.06 11.28
C SER I 26 20.72 -27.66 9.85
N GLN I 27 21.27 -26.48 9.58
CA GLN I 27 21.37 -25.93 8.23
C GLN I 27 22.45 -24.85 8.24
N ARG I 28 22.95 -24.49 7.06
CA ARG I 28 23.99 -23.47 6.94
C ARG I 28 23.43 -22.17 7.49
N VAL I 29 24.27 -21.36 8.13
CA VAL I 29 23.79 -20.11 8.67
C VAL I 29 24.89 -19.08 8.43
N SER I 30 25.75 -19.42 7.49
CA SER I 30 26.84 -18.51 7.16
C SER I 30 26.63 -18.21 5.68
N SER I 31 26.52 -16.94 5.29
CA SER I 31 26.33 -16.67 3.86
C SER I 31 27.65 -16.15 3.23
N SER I 32 27.56 -15.22 2.28
CA SER I 32 28.78 -14.76 1.60
C SER I 32 29.71 -13.85 2.33
N THR I 33 29.31 -13.28 3.45
CA THR I 33 30.27 -12.42 4.13
C THR I 33 30.38 -12.68 5.62
N TYR I 34 29.24 -13.08 6.19
CA TYR I 34 29.20 -13.37 7.60
C TYR I 34 28.56 -14.75 7.88
N SER I 35 28.84 -15.24 9.08
CA SER I 35 28.31 -16.49 9.59
C SER I 35 27.53 -15.96 10.77
N TYR I 36 26.20 -16.17 10.78
CA TYR I 36 25.41 -15.65 11.90
C TYR I 36 25.37 -16.51 13.18
N MET I 37 26.55 -16.77 13.74
CA MET I 37 26.75 -17.59 14.92
C MET I 37 27.39 -16.78 15.99
N HIS I 38 26.99 -16.97 17.25
CA HIS I 38 27.57 -16.25 18.41
C HIS I 38 27.72 -17.18 19.57
N TRP I 39 28.69 -16.91 20.41
CA TRP I 39 28.91 -17.76 21.56
C TRP I 39 28.81 -17.03 22.88
N TYR I 40 28.25 -17.72 23.87
CA TYR I 40 28.15 -17.13 25.19
C TYR I 40 28.69 -18.10 26.23
N GLN I 41 29.18 -17.55 27.30
CA GLN I 41 29.61 -18.40 28.40
C GLN I 41 28.60 -18.04 29.49
N GLN I 42 28.23 -18.98 30.32
CA GLN I 42 27.29 -18.63 31.36
C GLN I 42 27.72 -19.33 32.63
N LYS I 43 27.81 -18.56 33.69
CA LYS I 43 28.20 -19.09 34.98
C LYS I 43 26.94 -19.43 35.75
N PRO I 44 27.09 -20.25 36.80
CA PRO I 44 25.90 -20.63 37.59
C PRO I 44 25.37 -19.36 38.26
N GLY I 45 24.05 -19.26 38.28
CA GLY I 45 23.43 -18.10 38.89
C GLY I 45 23.36 -16.86 38.03
N GLN I 46 24.30 -16.73 37.07
CA GLN I 46 24.36 -15.55 36.20
C GLN I 46 23.82 -15.79 34.77
N PRO I 47 23.54 -14.69 34.06
CA PRO I 47 23.01 -14.79 32.70
C PRO I 47 24.16 -14.93 31.78
N PRO I 48 23.93 -15.34 30.55
CA PRO I 48 25.02 -15.50 29.62
C PRO I 48 25.79 -14.20 29.44
N LYS I 49 27.06 -14.31 29.03
CA LYS I 49 27.91 -13.16 28.76
C LYS I 49 28.35 -13.40 27.33
N LEU I 50 28.22 -12.39 26.45
CA LEU I 50 28.63 -12.55 25.02
C LEU I 50 30.12 -12.60 24.86
N LEU I 51 30.64 -13.61 24.19
CA LEU I 51 32.08 -13.68 24.01
C LEU I 51 32.48 -13.43 22.58
N ILE I 52 31.83 -14.14 21.66
CA ILE I 52 32.14 -14.00 20.27
C ILE I 52 30.88 -13.82 19.49
N LYS I 53 30.91 -12.89 18.54
CA LYS I 53 29.77 -12.61 17.65
C LYS I 53 30.16 -12.85 16.20
N TYR I 54 29.19 -13.28 15.41
CA TYR I 54 29.39 -13.56 14.01
C TYR I 54 30.55 -14.53 13.85
N ALA I 55 30.44 -15.67 14.50
CA ALA I 55 31.40 -16.74 14.37
C ALA I 55 32.82 -16.54 14.72
N SER I 56 33.34 -15.32 14.58
CA SER I 56 34.76 -15.16 14.88
C SER I 56 35.31 -13.85 15.43
N ASN I 57 34.44 -12.89 15.71
CA ASN I 57 34.91 -11.64 16.26
C ASN I 57 34.64 -11.53 17.75
N LEU I 58 35.69 -11.25 18.51
CA LEU I 58 35.58 -11.11 19.96
C LEU I 58 34.72 -9.93 20.33
N GLU I 59 33.78 -10.10 21.25
CA GLU I 59 32.91 -9.02 21.65
C GLU I 59 33.81 -8.11 22.34
N SER I 60 33.37 -6.90 22.60
CA SER I 60 34.26 -5.98 23.27
C SER I 60 34.48 -6.38 24.71
N GLY I 61 35.74 -6.51 25.12
CA GLY I 61 36.00 -6.87 26.50
C GLY I 61 36.41 -8.31 26.71
N VAL I 62 35.98 -9.15 25.79
CA VAL I 62 36.32 -10.54 25.93
C VAL I 62 37.83 -10.61 25.79
N PRO I 63 38.51 -11.41 26.60
CA PRO I 63 39.94 -11.62 26.59
C PRO I 63 40.36 -12.40 25.38
N ALA I 64 41.58 -12.11 24.93
CA ALA I 64 42.05 -12.72 23.71
C ALA I 64 42.14 -14.21 23.64
N ARG I 65 42.16 -14.94 24.76
CA ARG I 65 42.28 -16.40 24.61
C ARG I 65 41.07 -16.87 23.80
N PHE I 66 39.93 -16.23 24.08
CA PHE I 66 38.69 -16.56 23.39
C PHE I 66 38.78 -16.26 21.93
N SER I 67 38.31 -17.20 21.14
CA SER I 67 38.36 -17.08 19.71
C SER I 67 37.36 -18.05 19.16
N GLY I 68 36.99 -17.87 17.91
CA GLY I 68 36.03 -18.76 17.28
C GLY I 68 36.12 -18.82 15.76
N SER I 69 35.79 -19.96 15.19
CA SER I 69 35.83 -20.10 13.76
C SER I 69 34.71 -21.01 13.29
N GLY I 70 34.62 -21.23 11.98
CA GLY I 70 33.60 -22.09 11.42
C GLY I 70 32.86 -21.39 10.31
N SER I 71 31.85 -22.04 9.75
CA SER I 71 31.08 -21.49 8.65
C SER I 71 30.03 -22.52 8.24
N GLY I 72 28.98 -22.06 7.59
CA GLY I 72 27.95 -23.01 7.17
C GLY I 72 27.23 -23.63 8.34
N THR I 73 27.58 -24.85 8.69
CA THR I 73 26.88 -25.51 9.79
C THR I 73 27.71 -25.91 10.96
N ASP I 74 29.02 -25.71 10.88
CA ASP I 74 29.89 -26.09 11.98
C ASP I 74 30.73 -24.93 12.47
N PHE I 75 30.76 -24.75 13.78
CA PHE I 75 31.52 -23.67 14.35
C PHE I 75 32.23 -24.13 15.62
N THR I 76 33.31 -23.45 15.95
CA THR I 76 34.03 -23.79 17.15
C THR I 76 34.30 -22.50 17.88
N LEU I 77 34.61 -22.65 19.17
CA LEU I 77 34.91 -21.55 20.07
C LEU I 77 36.08 -22.10 20.87
N THR I 78 37.20 -21.38 20.95
CA THR I 78 38.27 -21.98 21.71
C THR I 78 39.11 -21.09 22.55
N ILE I 79 39.28 -21.45 23.82
CA ILE I 79 40.10 -20.68 24.74
C ILE I 79 41.49 -21.21 24.52
N SER I 80 42.48 -20.32 24.32
CA SER I 80 43.86 -20.77 24.05
C SER I 80 44.55 -21.48 25.19
N SER I 81 44.17 -21.15 26.41
CA SER I 81 44.72 -21.81 27.58
C SER I 81 43.81 -21.37 28.73
N VAL I 82 43.00 -22.36 29.15
CA VAL I 82 42.01 -22.22 30.21
C VAL I 82 42.54 -21.56 31.47
N GLU I 83 41.68 -20.75 32.07
CA GLU I 83 42.03 -20.05 33.28
C GLU I 83 40.88 -20.33 34.20
N PRO I 84 41.12 -20.37 35.51
CA PRO I 84 40.03 -20.64 36.47
C PRO I 84 38.74 -20.00 36.13
N GLU I 85 38.75 -18.70 35.87
CA GLU I 85 37.49 -18.02 35.59
C GLU I 85 36.74 -18.63 34.40
N ASP I 86 37.47 -19.17 33.45
CA ASP I 86 36.87 -19.73 32.27
C ASP I 86 35.93 -20.90 32.42
N PHE I 87 36.09 -21.60 33.53
CA PHE I 87 35.23 -22.74 33.78
C PHE I 87 33.80 -22.29 33.89
N ALA I 88 33.00 -22.75 32.96
CA ALA I 88 31.62 -22.35 32.95
C ALA I 88 30.95 -23.19 31.90
N THR I 89 29.78 -22.76 31.48
CA THR I 89 29.08 -23.52 30.49
C THR I 89 28.84 -22.60 29.30
N TYR I 90 29.08 -23.13 28.10
CA TYR I 90 28.97 -22.35 26.87
C TYR I 90 27.88 -22.69 25.84
N TYR I 91 27.24 -21.64 25.34
CA TYR I 91 26.20 -21.80 24.33
C TYR I 91 26.58 -21.12 23.01
N CYS I 92 26.30 -21.76 21.90
CA CYS I 92 26.55 -21.16 20.62
C CYS I 92 25.11 -20.81 20.23
N GLN I 93 24.90 -19.74 19.46
CA GLN I 93 23.56 -19.36 19.03
C GLN I 93 23.59 -18.56 17.75
N HIS I 94 22.68 -18.90 16.85
CA HIS I 94 22.60 -18.23 15.57
C HIS I 94 21.71 -17.01 15.62
N SER I 95 21.44 -16.49 14.42
CA SER I 95 20.63 -15.29 14.19
C SER I 95 20.35 -15.23 12.72
N TRP I 96 20.21 -16.39 12.13
CA TRP I 96 19.96 -16.52 10.72
C TRP I 96 18.52 -16.22 10.46
N GLU I 97 17.64 -16.50 11.41
CA GLU I 97 16.22 -16.19 11.20
C GLU I 97 15.49 -16.08 12.48
N ILE I 98 14.18 -15.87 12.42
CA ILE I 98 13.40 -15.87 13.64
C ILE I 98 12.88 -17.31 13.76
N PRO I 99 12.96 -17.94 14.96
CA PRO I 99 13.51 -17.41 16.20
C PRO I 99 14.99 -17.76 16.39
N PRO I 100 15.74 -16.89 17.03
CA PRO I 100 17.13 -17.30 17.19
C PRO I 100 17.02 -18.47 18.13
N THR I 101 17.94 -19.39 18.04
CA THR I 101 17.89 -20.53 18.94
C THR I 101 19.27 -20.91 19.39
N PHE I 102 19.33 -21.34 20.66
CA PHE I 102 20.60 -21.71 21.31
C PHE I 102 20.94 -23.20 21.26
N GLY I 103 22.25 -23.48 21.36
CA GLY I 103 22.73 -24.84 21.35
C GLY I 103 22.44 -25.45 22.72
N GLY I 104 22.68 -26.75 22.82
CA GLY I 104 22.45 -27.49 24.05
C GLY I 104 23.25 -27.03 25.24
N GLY I 105 24.46 -26.59 24.98
CA GLY I 105 25.29 -26.14 26.07
C GLY I 105 26.40 -27.14 26.21
N THR I 106 27.52 -26.67 26.73
CA THR I 106 28.66 -27.52 26.95
C THR I 106 29.20 -27.04 28.28
N LYS I 107 29.47 -27.96 29.16
CA LYS I 107 29.98 -27.49 30.40
C LYS I 107 31.46 -27.63 30.22
N LEU I 108 32.19 -26.64 30.72
CA LEU I 108 33.63 -26.71 30.66
C LEU I 108 34.06 -27.05 32.06
N GLU I 109 34.05 -28.35 32.29
CA GLU I 109 34.42 -28.95 33.56
C GLU I 109 35.93 -28.96 33.86
N ILE I 110 36.31 -29.10 35.12
CA ILE I 110 37.72 -29.14 35.52
C ILE I 110 38.27 -30.57 35.48
N LYS I 111 39.24 -30.89 34.65
CA LYS I 111 39.79 -32.25 34.61
C LYS I 111 40.37 -32.38 36.00
N ARG I 112 40.47 -33.63 36.46
CA ARG I 112 41.03 -34.00 37.75
C ARG I 112 40.97 -35.55 37.76
N THR I 113 41.97 -36.19 38.34
CA THR I 113 41.97 -37.65 38.33
C THR I 113 40.71 -38.25 38.94
N VAL I 114 40.31 -39.39 38.38
CA VAL I 114 39.13 -40.10 38.84
C VAL I 114 39.21 -40.22 40.39
N ALA I 115 38.06 -40.50 41.00
CA ALA I 115 37.99 -40.61 42.44
C ALA I 115 36.75 -41.39 42.69
N ALA I 116 36.88 -42.52 43.39
CA ALA I 116 35.72 -43.35 43.67
C ALA I 116 34.89 -42.63 44.73
N PRO I 117 33.59 -42.84 44.70
CA PRO I 117 32.83 -42.13 45.71
C PRO I 117 32.74 -42.94 46.98
N SER I 118 32.55 -42.29 48.10
CA SER I 118 32.37 -43.01 49.37
C SER I 118 30.88 -42.91 49.65
N VAL I 119 30.16 -44.02 49.56
CA VAL I 119 28.73 -43.97 49.82
C VAL I 119 28.35 -44.18 51.30
N PHE I 120 27.25 -43.58 51.73
CA PHE I 120 26.74 -43.72 53.11
C PHE I 120 25.23 -43.70 53.09
N ILE I 121 24.61 -44.66 53.76
CA ILE I 121 23.15 -44.76 53.74
C ILE I 121 22.53 -44.40 55.08
N PHE I 122 21.58 -43.48 55.02
CA PHE I 122 20.87 -43.04 56.22
C PHE I 122 19.41 -43.55 56.17
N PRO I 123 18.96 -44.24 57.23
CA PRO I 123 17.60 -44.78 57.32
C PRO I 123 16.73 -43.78 58.05
N PRO I 124 15.44 -43.78 57.77
CA PRO I 124 14.41 -42.89 58.32
C PRO I 124 14.56 -42.34 59.72
N SER I 125 14.62 -41.02 59.80
CA SER I 125 14.73 -40.36 61.09
C SER I 125 13.49 -40.82 61.84
N ASP I 126 13.71 -41.45 63.01
CA ASP I 126 12.60 -41.92 63.79
C ASP I 126 11.59 -40.78 63.84
N GLU I 127 12.11 -39.57 64.11
CA GLU I 127 11.28 -38.39 64.20
C GLU I 127 10.44 -38.16 62.95
N GLN I 128 11.01 -38.50 61.79
CA GLN I 128 10.35 -38.35 60.49
C GLN I 128 9.30 -39.43 60.25
N LEU I 129 9.45 -40.56 60.92
CA LEU I 129 8.50 -41.65 60.76
C LEU I 129 7.23 -41.33 61.53
N LYS I 130 7.37 -40.47 62.53
CA LYS I 130 6.27 -40.01 63.37
C LYS I 130 5.44 -39.04 62.53
N SER I 131 5.64 -39.07 61.22
CA SER I 131 4.91 -38.20 60.32
C SER I 131 4.37 -38.97 59.12
N GLY I 132 4.36 -40.29 59.23
CA GLY I 132 3.81 -41.09 58.15
C GLY I 132 4.66 -41.20 56.90
N THR I 133 5.75 -40.44 56.86
CA THR I 133 6.63 -40.52 55.71
C THR I 133 7.97 -41.09 56.11
N ALA I 134 8.46 -41.98 55.26
CA ALA I 134 9.74 -42.59 55.50
C ALA I 134 10.55 -42.38 54.23
N SER I 135 11.63 -41.61 54.32
CA SER I 135 12.48 -41.39 53.17
C SER I 135 13.89 -41.77 53.56
N VAL I 136 14.52 -42.66 52.78
CA VAL I 136 15.91 -43.07 53.06
C VAL I 136 16.88 -42.42 52.06
N VAL I 137 17.88 -41.76 52.63
CA VAL I 137 18.91 -41.06 51.89
C VAL I 137 20.22 -41.79 51.80
N CYS I 138 20.68 -41.94 50.58
CA CYS I 138 21.90 -42.62 50.29
C CYS I 138 22.83 -41.45 49.85
N LEU I 139 24.11 -41.51 50.16
CA LEU I 139 24.99 -40.40 49.76
C LEU I 139 26.37 -40.77 49.23
N LEU I 140 26.66 -40.35 47.99
CA LEU I 140 27.98 -40.61 47.39
C LEU I 140 28.90 -39.40 47.62
N ASN I 141 29.84 -39.44 48.56
CA ASN I 141 30.66 -38.25 48.77
C ASN I 141 31.89 -38.16 47.93
N ASN I 142 32.22 -36.91 47.61
CA ASN I 142 33.37 -36.52 46.85
C ASN I 142 33.90 -37.54 45.81
N PHE I 143 33.14 -37.63 44.73
CA PHE I 143 33.49 -38.50 43.60
C PHE I 143 33.71 -37.66 42.33
N TYR I 144 34.16 -38.32 41.26
CA TYR I 144 34.46 -37.73 39.95
C TYR I 144 34.92 -38.90 39.11
N PRO I 145 34.59 -38.88 37.82
CA PRO I 145 33.76 -37.94 37.05
C PRO I 145 32.43 -37.89 37.67
N ARG I 146 31.54 -37.11 37.09
CA ARG I 146 30.16 -36.96 37.57
C ARG I 146 29.21 -38.10 37.19
N GLU I 147 29.60 -38.93 36.23
CA GLU I 147 28.75 -40.05 35.81
C GLU I 147 28.70 -41.07 36.96
N ALA I 148 27.50 -41.30 37.48
CA ALA I 148 27.31 -42.20 38.64
C ALA I 148 25.93 -42.86 38.77
N LYS I 149 25.83 -44.15 38.44
CA LYS I 149 24.56 -44.83 38.58
C LYS I 149 24.34 -45.21 40.03
N VAL I 150 23.10 -45.04 40.47
CA VAL I 150 22.70 -45.31 41.83
C VAL I 150 21.31 -45.94 41.86
N GLN I 151 21.22 -47.26 41.71
CA GLN I 151 19.94 -48.00 41.71
C GLN I 151 19.52 -48.29 43.14
N TRP I 152 18.22 -48.32 43.41
CA TRP I 152 17.71 -48.65 44.76
C TRP I 152 17.06 -50.07 44.81
N LYS I 153 17.22 -50.77 45.94
CA LYS I 153 16.64 -52.12 46.05
C LYS I 153 16.02 -52.34 47.42
N VAL I 154 14.70 -52.54 47.43
CA VAL I 154 13.95 -52.79 48.66
C VAL I 154 13.52 -54.24 48.78
N ASP I 155 14.04 -54.91 49.80
CA ASP I 155 13.78 -56.33 50.05
C ASP I 155 14.02 -57.10 48.77
N ASN I 156 15.17 -56.82 48.16
CA ASN I 156 15.59 -57.47 46.92
C ASN I 156 14.79 -56.96 45.75
N ALA I 157 13.74 -56.22 46.03
CA ALA I 157 12.89 -55.68 44.97
C ALA I 157 13.56 -54.43 44.39
N LEU I 158 14.16 -54.56 43.20
CA LEU I 158 14.84 -53.43 42.58
C LEU I 158 13.93 -52.24 42.35
N GLN I 159 14.06 -51.25 43.23
CA GLN I 159 13.28 -50.02 43.15
C GLN I 159 13.35 -49.53 41.73
N SER I 160 12.44 -48.64 41.35
CA SER I 160 12.46 -48.11 39.98
C SER I 160 11.35 -47.13 39.79
N GLY I 161 10.46 -47.08 40.77
CA GLY I 161 9.38 -46.13 40.68
C GLY I 161 9.88 -44.75 41.03
N ASN I 162 9.98 -44.46 42.32
CA ASN I 162 10.42 -43.13 42.68
C ASN I 162 11.49 -42.96 43.74
N SER I 163 12.52 -42.23 43.32
CA SER I 163 13.71 -41.85 44.10
C SER I 163 14.17 -40.58 43.40
N GLN I 164 14.79 -39.67 44.15
CA GLN I 164 15.26 -38.42 43.61
C GLN I 164 16.72 -38.13 43.94
N GLU I 165 17.51 -37.90 42.88
CA GLU I 165 18.95 -37.54 42.96
C GLU I 165 19.13 -35.99 42.94
N SER I 166 20.20 -35.54 43.56
CA SER I 166 20.51 -34.12 43.54
C SER I 166 22.03 -34.11 43.63
N VAL I 167 22.65 -33.19 42.86
CA VAL I 167 24.13 -33.13 42.80
C VAL I 167 24.79 -31.80 43.18
N THR I 168 26.08 -31.80 43.40
CA THR I 168 26.68 -30.53 43.72
C THR I 168 27.68 -30.15 42.60
N GLU I 169 28.05 -28.87 42.53
CA GLU I 169 29.02 -28.42 41.53
C GLU I 169 30.39 -28.84 42.00
N GLN I 170 31.31 -29.02 41.05
CA GLN I 170 32.64 -29.46 41.45
C GLN I 170 33.08 -28.78 42.74
N ASP I 171 33.68 -29.53 43.65
CA ASP I 171 34.13 -28.93 44.91
C ASP I 171 35.20 -27.88 44.68
N SER I 172 35.12 -26.79 45.45
CA SER I 172 36.06 -25.70 45.34
C SER I 172 37.40 -26.15 45.88
N LYS I 173 37.43 -27.27 46.57
CA LYS I 173 38.68 -27.78 47.13
C LYS I 173 39.28 -28.93 46.30
N ASP I 174 38.56 -30.04 46.14
CA ASP I 174 39.07 -31.19 45.38
C ASP I 174 38.46 -31.34 43.97
N SER I 175 37.59 -30.39 43.61
CA SER I 175 36.95 -30.43 42.31
C SER I 175 36.30 -31.80 42.11
N THR I 176 35.47 -32.19 43.07
CA THR I 176 34.82 -33.49 42.99
C THR I 176 33.37 -33.36 43.35
N TYR I 177 32.56 -34.24 42.76
CA TYR I 177 31.12 -34.26 43.00
C TYR I 177 30.67 -35.00 44.27
N SER I 178 29.38 -34.85 44.56
CA SER I 178 28.75 -35.49 45.71
C SER I 178 27.31 -35.45 45.32
N LEU I 179 26.69 -36.62 45.21
CA LEU I 179 25.29 -36.73 44.81
C LEU I 179 24.46 -37.26 45.98
N SER I 180 23.16 -37.04 45.95
CA SER I 180 22.33 -37.55 47.02
C SER I 180 21.03 -38.16 46.55
N SER I 181 21.00 -39.49 46.48
CA SER I 181 19.80 -40.20 46.03
C SER I 181 18.90 -40.47 47.20
N THR I 182 17.65 -40.00 47.13
CA THR I 182 16.74 -40.17 48.25
C THR I 182 15.52 -41.00 48.01
N LEU I 183 15.55 -42.30 48.31
CA LEU I 183 14.36 -43.16 48.15
C LEU I 183 13.35 -42.65 49.13
N THR I 184 12.09 -42.73 48.75
CA THR I 184 11.05 -42.25 49.62
C THR I 184 9.77 -43.09 49.61
N LEU I 185 9.54 -43.82 50.71
CA LEU I 185 8.38 -44.69 50.89
C LEU I 185 7.40 -44.12 51.89
N SER I 186 6.23 -44.73 51.95
CA SER I 186 5.19 -44.33 52.89
C SER I 186 5.49 -45.07 54.19
N LYS I 187 5.41 -44.37 55.32
CA LYS I 187 5.68 -45.01 56.61
C LYS I 187 5.23 -46.45 56.56
N ALA I 188 4.09 -46.64 55.91
CA ALA I 188 3.52 -47.95 55.76
C ALA I 188 4.50 -48.81 55.00
N ASP I 189 4.60 -48.56 53.70
CA ASP I 189 5.49 -49.33 52.87
C ASP I 189 6.81 -49.56 53.55
N TYR I 190 7.35 -48.53 54.17
CA TYR I 190 8.65 -48.67 54.83
C TYR I 190 8.59 -49.75 55.89
N GLU I 191 7.66 -49.59 56.84
CA GLU I 191 7.49 -50.57 57.92
C GLU I 191 7.16 -51.95 57.33
N LYS I 192 6.80 -51.97 56.06
CA LYS I 192 6.45 -53.20 55.36
C LYS I 192 7.64 -54.05 54.92
N HIS I 193 8.85 -53.49 54.91
CA HIS I 193 10.01 -54.26 54.46
C HIS I 193 11.21 -54.39 55.39
N LYS I 194 12.11 -55.30 55.04
CA LYS I 194 13.28 -55.52 55.89
C LYS I 194 14.53 -54.79 55.49
N VAL I 195 15.04 -55.12 54.30
CA VAL I 195 16.28 -54.51 53.82
C VAL I 195 16.14 -53.50 52.67
N TYR I 196 16.67 -52.32 52.94
CA TYR I 196 16.69 -51.22 52.00
C TYR I 196 18.15 -51.09 51.57
N ALA I 197 18.38 -50.99 50.26
CA ALA I 197 19.76 -50.85 49.76
C ALA I 197 19.92 -50.00 48.50
N CYS I 198 20.81 -49.00 48.57
CA CYS I 198 21.16 -48.17 47.43
C CYS I 198 22.50 -48.76 46.90
N GLU I 199 22.51 -49.11 45.62
CA GLU I 199 23.67 -49.70 44.95
C GLU I 199 24.21 -48.70 43.90
N VAL I 200 25.47 -48.29 44.06
CA VAL I 200 26.11 -47.34 43.13
C VAL I 200 27.20 -47.92 42.22
N THR I 201 27.16 -47.52 40.95
CA THR I 201 28.14 -47.95 39.95
C THR I 201 28.90 -46.70 39.55
N HIS I 202 30.21 -46.81 39.41
CA HIS I 202 31.04 -45.67 39.05
C HIS I 202 32.52 -46.01 38.76
N GLN I 203 33.01 -45.49 37.66
CA GLN I 203 34.37 -45.69 37.22
C GLN I 203 35.40 -45.93 38.33
N GLY I 204 35.37 -45.09 39.36
CA GLY I 204 36.29 -45.23 40.47
C GLY I 204 36.22 -46.62 41.03
N LEU I 205 35.05 -46.97 41.52
CA LEU I 205 34.74 -48.27 42.08
C LEU I 205 35.16 -49.41 41.18
N SER I 206 36.02 -50.28 41.67
CA SER I 206 36.39 -51.38 40.84
C SER I 206 35.12 -52.12 40.51
N SER I 207 34.07 -51.95 41.30
CA SER I 207 32.82 -52.67 41.07
C SER I 207 31.73 -52.10 41.93
N PRO I 208 30.45 -52.33 41.55
CA PRO I 208 29.27 -51.82 42.29
C PRO I 208 29.26 -52.06 43.78
N VAL I 209 29.40 -50.96 44.47
CA VAL I 209 29.41 -50.91 45.91
C VAL I 209 27.96 -50.84 46.31
N THR I 210 27.50 -51.77 47.14
CA THR I 210 26.12 -51.72 47.60
C THR I 210 26.16 -51.30 49.05
N LYS I 211 25.16 -50.57 49.49
CA LYS I 211 25.12 -50.15 50.87
C LYS I 211 23.70 -50.35 51.36
N SER I 212 23.54 -51.32 52.27
CA SER I 212 22.22 -51.67 52.78
C SER I 212 22.14 -51.65 54.26
N PHE I 213 20.92 -51.76 54.74
CA PHE I 213 20.64 -51.82 56.17
C PHE I 213 19.27 -52.45 56.33
N ASN I 214 18.96 -52.93 57.52
CA ASN I 214 17.66 -53.53 57.78
C ASN I 214 16.98 -52.76 58.89
N ARG I 215 15.67 -52.57 58.79
CA ARG I 215 14.96 -51.83 59.83
C ARG I 215 15.23 -52.41 61.21
#